data_3L2E
#
_entry.id   3L2E
#
_cell.length_a   84.09
_cell.length_b   98.20
_cell.length_c   93.12
_cell.angle_alpha   90.00
_cell.angle_beta   91.29
_cell.angle_gamma   90.00
#
_symmetry.space_group_name_H-M   'P 1 21 1'
#
loop_
_entity.id
_entity.type
_entity.pdbx_description
1 polymer 'Glycocyamine kinase alpha chain'
2 polymer 'Glycocyamine kinase beta chain'
3 water water
#
loop_
_entity_poly.entity_id
_entity_poly.type
_entity_poly.pdbx_seq_one_letter_code
_entity_poly.pdbx_strand_id
1 'polypeptide(L)'
;MFKDYTREKFAKENFPDLSKHNNVMASQLTYELYEKYWDKVTPNGVTFDKCIQTGVDNPGNKFYGKKTGCVFGDEYSYEC
YKEFFDKCIEEIHHFKPSDKHPAPDLDHNKLVGGVFEDKYVKSCRIRCGRSVKGVCLPPAMSRAERRLVEKVVSDALGGL
KGDLAGKYYPLTTMNEKDQEQLIEDHFLFEKPTGALLTTSGCARDWPDGRGIWHNNEKNFLVWINEEDHIRVISMQKGGD
LKAVFSRFARGLLEVERLMKECGHGLMHNDRLGYICTCPTNMGTVVRASVHLRLAFLEKHPRFDEMLGKLRLGKRGTGGE
SSLATDSTYDISNWARLGKSERELVQVLVDGVNLLIACDKKLEAGQSIDDMIPK
;
A,C
2 'polypeptide(L)'
;MGSAIQDYFVKNRVGHSKPWESGKFKAADNFPDLSKHNNVMASQLTKELYEKYWDKVTPNGVTFDKCIQTGVDNPGNKFY
GKKTGCVFGDEYSYECYKEFFDKCIEEIHHFKPSDKHPAPDLDHNKLVGGVFEDKYVKSCRIRCGRSVKGVCLPPAMSRA
ERRLVEKVVSDALGGLKGDLAGKYYPLTTMNEKDQEQLIEDHFLFEKPTGALLTTSGCARDWPDGRGIWHNNEKNFLVWI
NEEDHIRVISMQKGGDLKAVFSRFARGLLEVERLMKECGHGLMHNDRLGYICTCPTNMGTVVRASVHLRLAFLEKHPRFD
EMLGKLRLGKRGTGGESSLATDSTYDISNWARLGKSERELVQVLVDGVNLLIACDKKLEAGQSIDDMIPK
;
B,D
#
# COMPACT_ATOMS: atom_id res chain seq x y z
N PHE A 2 -15.62 -49.68 19.63
CA PHE A 2 -14.25 -49.83 20.21
C PHE A 2 -13.21 -50.20 19.16
N LYS A 3 -11.95 -50.11 19.58
CA LYS A 3 -10.82 -50.40 18.72
C LYS A 3 -9.84 -51.31 19.48
N ASP A 4 -10.02 -52.61 19.28
CA ASP A 4 -9.09 -53.62 19.79
C ASP A 4 -8.07 -53.90 18.68
N TYR A 5 -7.46 -52.81 18.21
CA TYR A 5 -6.79 -52.69 16.92
C TYR A 5 -5.28 -52.76 17.01
N THR A 6 -4.69 -52.88 15.82
CA THR A 6 -3.27 -52.67 15.56
C THR A 6 -3.01 -51.16 15.53
N ARG A 7 -1.94 -50.70 16.20
CA ARG A 7 -1.61 -49.26 16.12
C ARG A 7 -1.49 -48.87 14.64
N GLU A 8 -0.98 -49.84 13.87
CA GLU A 8 -0.83 -49.76 12.42
C GLU A 8 -2.19 -49.56 11.73
N LYS A 9 -3.15 -50.43 12.08
CA LYS A 9 -4.50 -50.46 11.48
C LYS A 9 -5.24 -49.20 11.85
N PHE A 10 -4.98 -48.73 13.06
CA PHE A 10 -5.63 -47.54 13.52
C PHE A 10 -5.18 -46.32 12.73
N ALA A 11 -3.88 -46.12 12.60
CA ALA A 11 -3.43 -44.99 11.80
C ALA A 11 -4.08 -45.00 10.39
N LYS A 12 -4.14 -46.17 9.75
CA LYS A 12 -4.90 -46.32 8.50
C LYS A 12 -6.28 -45.75 8.66
N GLU A 13 -6.96 -46.14 9.72
CA GLU A 13 -8.34 -45.69 9.96
C GLU A 13 -8.50 -44.29 10.58
N ASN A 14 -7.40 -43.62 10.92
CA ASN A 14 -7.42 -42.23 11.41
C ASN A 14 -6.59 -41.29 10.54
N PHE A 15 -6.21 -41.70 9.33
CA PHE A 15 -5.37 -40.87 8.45
C PHE A 15 -6.29 -39.96 7.66
N PRO A 16 -6.01 -38.67 7.69
CA PRO A 16 -6.88 -37.72 7.03
C PRO A 16 -6.86 -37.84 5.52
N ASP A 17 -7.96 -37.55 4.82
CA ASP A 17 -7.93 -37.44 3.33
C ASP A 17 -7.61 -36.01 2.98
N LEU A 18 -6.42 -35.80 2.43
CA LEU A 18 -5.99 -34.48 2.04
C LEU A 18 -5.99 -34.26 0.53
N SER A 19 -6.62 -35.18 -0.21
CA SER A 19 -6.85 -35.06 -1.67
C SER A 19 -7.16 -33.64 -2.20
N LYS A 20 -8.20 -33.03 -1.66
CA LYS A 20 -8.67 -31.70 -2.07
C LYS A 20 -8.15 -30.62 -1.13
N HIS A 21 -7.02 -30.87 -0.48
CA HIS A 21 -6.39 -29.84 0.35
C HIS A 21 -5.25 -29.24 -0.43
N ASN A 22 -4.94 -27.99 -0.09
CA ASN A 22 -3.88 -27.18 -0.69
C ASN A 22 -3.20 -26.39 0.43
N ASN A 23 -2.34 -27.09 1.15
CA ASN A 23 -1.50 -26.45 2.15
C ASN A 23 -0.28 -27.29 2.26
N VAL A 24 0.78 -26.67 2.78
CA VAL A 24 2.08 -27.32 2.98
C VAL A 24 1.93 -28.69 3.68
N MET A 25 1.35 -28.67 4.86
CA MET A 25 1.06 -29.87 5.63
C MET A 25 0.49 -30.96 4.73
N ALA A 26 -0.49 -30.59 3.92
CA ALA A 26 -1.20 -31.56 3.08
C ALA A 26 -0.39 -31.99 1.87
N SER A 27 0.73 -31.34 1.63
CA SER A 27 1.61 -31.71 0.54
C SER A 27 2.79 -32.50 1.04
N GLN A 28 3.22 -32.31 2.27
CA GLN A 28 4.39 -33.00 2.83
C GLN A 28 4.05 -34.20 3.69
N LEU A 29 2.77 -34.36 4.03
CA LEU A 29 2.29 -35.43 4.92
C LEU A 29 2.04 -36.71 4.12
N THR A 30 2.93 -37.68 4.25
CA THR A 30 2.69 -38.94 3.58
C THR A 30 2.06 -39.84 4.61
N TYR A 31 1.47 -40.93 4.14
CA TYR A 31 0.86 -41.91 5.03
C TYR A 31 1.91 -42.51 5.96
N GLU A 32 3.14 -42.67 5.48
CA GLU A 32 4.20 -43.20 6.35
C GLU A 32 4.48 -42.29 7.49
N LEU A 33 4.57 -41.01 7.19
CA LEU A 33 4.91 -40.02 8.21
C LEU A 33 3.87 -40.02 9.31
N TYR A 34 2.58 -40.04 8.93
CA TYR A 34 1.47 -40.15 9.89
C TYR A 34 1.61 -41.40 10.75
N GLU A 35 1.68 -42.55 10.10
CA GLU A 35 1.90 -43.84 10.76
C GLU A 35 3.06 -43.84 11.79
N LYS A 36 4.08 -43.04 11.51
CA LYS A 36 5.26 -42.95 12.36
C LYS A 36 5.05 -42.02 13.55
N TYR A 37 4.37 -40.91 13.33
CA TYR A 37 4.28 -39.86 14.32
C TYR A 37 2.88 -39.78 14.98
N TRP A 38 1.93 -40.56 14.48
CA TRP A 38 0.51 -40.45 14.92
C TRP A 38 0.31 -40.50 16.45
N ASP A 39 1.06 -41.38 17.13
CA ASP A 39 0.89 -41.59 18.58
C ASP A 39 2.12 -41.15 19.37
N LYS A 40 2.92 -40.29 18.77
CA LYS A 40 4.09 -39.76 19.43
C LYS A 40 3.67 -38.46 20.07
N VAL A 41 4.11 -38.23 21.28
CA VAL A 41 3.60 -37.11 22.04
C VAL A 41 4.72 -36.37 22.69
N THR A 42 4.67 -35.03 22.62
CA THR A 42 5.71 -34.23 23.22
C THR A 42 5.60 -34.34 24.72
N PRO A 43 6.71 -34.04 25.42
CA PRO A 43 6.76 -33.87 26.86
C PRO A 43 5.71 -32.95 27.47
N ASN A 44 4.95 -32.22 26.68
CA ASN A 44 3.92 -31.40 27.25
C ASN A 44 2.57 -31.86 26.78
N GLY A 45 2.49 -33.07 26.24
CA GLY A 45 1.22 -33.65 25.85
C GLY A 45 0.72 -33.20 24.48
N VAL A 46 1.55 -32.49 23.73
CA VAL A 46 1.15 -32.09 22.40
C VAL A 46 1.18 -33.35 21.51
N THR A 47 0.08 -33.63 20.82
CA THR A 47 0.01 -34.70 19.83
C THR A 47 0.27 -34.18 18.42
N PHE A 48 0.47 -35.12 17.51
CA PHE A 48 0.68 -34.83 16.13
C PHE A 48 -0.60 -34.30 15.47
N ASP A 49 -1.74 -34.83 15.86
CA ASP A 49 -2.95 -34.33 15.25
C ASP A 49 -3.22 -32.89 15.70
N LYS A 50 -2.86 -32.51 16.92
CA LYS A 50 -2.97 -31.11 17.33
C LYS A 50 -2.16 -30.16 16.42
N CYS A 51 -0.97 -30.58 16.04
CA CYS A 51 -0.14 -29.80 15.13
C CYS A 51 -0.70 -29.62 13.72
N ILE A 52 -1.38 -30.64 13.16
CA ILE A 52 -1.83 -30.57 11.78
C ILE A 52 -3.31 -30.29 11.60
N GLN A 53 -4.05 -30.24 12.70
CA GLN A 53 -5.49 -30.03 12.66
C GLN A 53 -5.87 -28.80 11.88
N THR A 54 -5.17 -27.70 12.11
CA THR A 54 -5.53 -26.46 11.44
C THR A 54 -5.50 -26.62 9.90
N GLY A 55 -4.53 -27.38 9.40
CA GLY A 55 -4.45 -27.74 7.96
C GLY A 55 -5.54 -28.67 7.44
N VAL A 56 -5.93 -29.66 8.25
CA VAL A 56 -7.06 -30.54 7.95
C VAL A 56 -8.38 -29.79 7.87
N ASP A 57 -8.63 -29.02 8.93
CA ASP A 57 -9.83 -28.23 9.04
C ASP A 57 -9.89 -27.05 8.05
N ASN A 58 -8.75 -26.65 7.49
CA ASN A 58 -8.67 -25.55 6.53
C ASN A 58 -8.12 -26.02 5.22
N PRO A 59 -8.93 -26.79 4.51
CA PRO A 59 -8.39 -27.31 3.29
C PRO A 59 -7.86 -26.18 2.37
N GLY A 60 -8.46 -25.00 2.44
CA GLY A 60 -8.11 -23.91 1.53
C GLY A 60 -8.46 -24.23 0.09
N ASN A 61 -9.11 -23.29 -0.57
CA ASN A 61 -9.51 -23.45 -1.96
C ASN A 61 -8.33 -23.11 -2.88
N LYS A 62 -8.59 -23.12 -4.19
CA LYS A 62 -7.60 -22.78 -5.24
C LYS A 62 -7.53 -21.28 -5.60
N PHE A 63 -8.16 -20.39 -4.83
CA PHE A 63 -8.05 -18.95 -5.10
C PHE A 63 -7.06 -18.36 -4.13
N TYR A 64 -7.23 -18.67 -2.85
CA TYR A 64 -6.30 -18.20 -1.81
C TYR A 64 -4.95 -18.94 -1.93
N GLY A 65 -3.88 -18.28 -1.49
CA GLY A 65 -2.54 -18.81 -1.65
C GLY A 65 -2.20 -19.82 -0.57
N LYS A 66 -1.45 -20.82 -0.98
CA LYS A 66 -1.10 -21.95 -0.13
C LYS A 66 -0.65 -21.51 1.27
N LYS A 67 -1.49 -21.82 2.27
CA LYS A 67 -1.13 -21.67 3.66
C LYS A 67 -0.28 -22.86 4.19
N THR A 68 0.16 -22.67 5.43
CA THR A 68 1.11 -23.54 6.09
C THR A 68 0.38 -24.80 6.48
N GLY A 69 -0.71 -24.62 7.21
CA GLY A 69 -1.60 -25.71 7.53
C GLY A 69 -1.05 -26.60 8.61
N CYS A 70 -0.15 -26.06 9.43
CA CYS A 70 0.30 -26.76 10.61
C CYS A 70 1.02 -25.82 11.51
N VAL A 71 1.20 -26.23 12.74
CA VAL A 71 1.50 -25.32 13.81
C VAL A 71 2.37 -26.07 14.79
N PHE A 72 3.23 -25.35 15.51
CA PHE A 72 3.99 -25.96 16.61
C PHE A 72 3.17 -25.74 17.87
N GLY A 73 3.05 -26.78 18.70
CA GLY A 73 2.26 -26.70 19.92
C GLY A 73 3.15 -26.33 21.08
N ASP A 74 4.39 -26.77 21.03
CA ASP A 74 5.37 -26.31 22.01
C ASP A 74 6.76 -26.34 21.39
N GLU A 75 7.77 -26.06 22.20
CA GLU A 75 9.17 -26.14 21.77
C GLU A 75 9.69 -27.55 21.40
N TYR A 76 8.98 -28.57 21.83
CA TYR A 76 9.39 -29.90 21.53
C TYR A 76 8.89 -30.42 20.22
N SER A 77 7.86 -29.76 19.68
CA SER A 77 7.08 -30.25 18.56
C SER A 77 7.97 -30.44 17.40
N TYR A 78 8.85 -29.48 17.16
CA TYR A 78 9.69 -29.55 15.97
C TYR A 78 10.48 -30.82 15.97
N GLU A 79 11.35 -30.96 16.97
CA GLU A 79 12.31 -32.04 16.97
C GLU A 79 11.56 -33.35 17.04
N CYS A 80 10.46 -33.33 17.78
CA CYS A 80 9.63 -34.51 17.95
C CYS A 80 9.03 -35.09 16.66
N TYR A 81 8.60 -34.23 15.76
CA TYR A 81 8.12 -34.68 14.44
C TYR A 81 8.99 -34.08 13.34
N LYS A 82 10.31 -34.23 13.51
CA LYS A 82 11.33 -33.60 12.65
C LYS A 82 11.20 -33.97 11.16
N GLU A 83 10.96 -35.24 10.89
CA GLU A 83 10.95 -35.68 9.50
C GLU A 83 9.77 -35.10 8.77
N PHE A 84 8.76 -34.67 9.52
CA PHE A 84 7.63 -33.98 8.92
C PHE A 84 7.95 -32.54 8.75
N PHE A 85 8.36 -31.91 9.86
CA PHE A 85 8.53 -30.50 9.88
C PHE A 85 9.67 -30.05 9.00
N ASP A 86 10.65 -30.91 8.79
CA ASP A 86 11.77 -30.59 7.89
C ASP A 86 11.37 -30.40 6.43
N LYS A 87 10.36 -31.10 5.95
CA LYS A 87 9.93 -30.92 4.57
C LYS A 87 9.07 -29.66 4.42
N CYS A 88 8.28 -29.34 5.45
CA CYS A 88 7.48 -28.11 5.44
C CYS A 88 8.41 -26.94 5.42
N ILE A 89 9.33 -26.91 6.38
CA ILE A 89 10.36 -25.87 6.47
C ILE A 89 11.10 -25.64 5.14
N GLU A 90 11.44 -26.74 4.47
CA GLU A 90 12.09 -26.66 3.20
C GLU A 90 11.16 -26.06 2.10
N GLU A 91 9.88 -26.43 2.04
CA GLU A 91 8.96 -25.78 1.11
C GLU A 91 8.75 -24.29 1.45
N ILE A 92 8.64 -23.97 2.73
CA ILE A 92 8.34 -22.59 3.13
C ILE A 92 9.57 -21.67 3.01
N HIS A 93 10.74 -22.15 3.43
CA HIS A 93 11.92 -21.27 3.59
C HIS A 93 13.11 -21.62 2.67
N HIS A 94 12.97 -22.66 1.84
CA HIS A 94 14.09 -23.16 1.07
C HIS A 94 15.31 -23.34 1.99
N PHE A 95 15.04 -23.91 3.16
CA PHE A 95 16.00 -24.15 4.21
C PHE A 95 16.08 -25.68 4.49
N LYS A 96 17.14 -26.27 3.96
CA LYS A 96 17.31 -27.72 3.97
C LYS A 96 17.52 -28.24 5.37
N PRO A 97 17.16 -29.51 5.57
CA PRO A 97 17.41 -30.15 6.83
C PRO A 97 18.81 -29.93 7.35
N SER A 98 19.80 -29.90 6.48
CA SER A 98 21.19 -29.82 6.93
C SER A 98 21.57 -28.41 7.37
N ASP A 99 20.98 -27.42 6.70
CA ASP A 99 21.22 -26.02 6.96
C ASP A 99 21.12 -25.62 8.42
N LYS A 100 21.91 -24.62 8.82
CA LYS A 100 21.89 -24.12 10.20
C LYS A 100 21.69 -22.61 10.19
N HIS A 101 20.98 -22.11 11.19
CA HIS A 101 20.74 -20.69 11.35
C HIS A 101 21.70 -20.19 12.41
N PRO A 102 22.38 -19.08 12.17
CA PRO A 102 23.42 -18.67 13.08
C PRO A 102 22.86 -18.16 14.40
N ALA A 103 23.75 -17.80 15.32
CA ALA A 103 23.35 -17.26 16.61
C ALA A 103 22.64 -15.93 16.44
N PRO A 104 21.87 -15.52 17.45
CA PRO A 104 21.27 -14.20 17.43
C PRO A 104 22.29 -13.05 17.44
N ASP A 105 21.95 -11.97 16.73
CA ASP A 105 22.82 -10.82 16.60
C ASP A 105 21.96 -9.59 16.52
N LEU A 106 21.86 -8.87 17.63
CA LEU A 106 21.08 -7.64 17.68
C LEU A 106 21.91 -6.37 17.89
N ASP A 107 23.21 -6.41 17.58
CA ASP A 107 24.11 -5.26 17.76
C ASP A 107 23.84 -4.17 16.71
N HIS A 108 22.88 -3.31 17.01
CA HIS A 108 22.48 -2.24 16.10
C HIS A 108 23.64 -1.31 15.70
N ASN A 109 24.68 -1.26 16.53
CA ASN A 109 25.87 -0.46 16.26
C ASN A 109 26.69 -0.93 15.06
N LYS A 110 26.56 -2.22 14.72
CA LYS A 110 27.23 -2.79 13.53
C LYS A 110 26.38 -2.70 12.28
N LEU A 111 25.18 -2.17 12.39
CA LEU A 111 24.35 -1.89 11.23
C LEU A 111 24.98 -0.71 10.49
N VAL A 112 25.39 -0.96 9.27
CA VAL A 112 25.97 0.05 8.41
C VAL A 112 24.89 0.76 7.58
N GLY A 113 24.71 2.05 7.84
CA GLY A 113 23.78 2.86 7.10
C GLY A 113 22.41 2.73 7.71
N GLY A 114 21.37 2.93 6.88
CA GLY A 114 20.01 2.75 7.34
C GLY A 114 19.26 4.05 7.50
N VAL A 115 19.93 5.17 7.24
CA VAL A 115 19.24 6.45 7.16
C VAL A 115 19.04 6.81 5.68
N PHE A 116 17.79 6.81 5.22
CA PHE A 116 17.44 7.01 3.81
C PHE A 116 16.74 8.35 3.60
N GLU A 117 16.83 8.93 2.40
CA GLU A 117 16.10 10.20 2.06
C GLU A 117 14.57 10.02 2.24
N ASP A 118 13.88 11.00 2.79
CA ASP A 118 12.43 10.90 2.98
C ASP A 118 11.68 10.96 1.64
N LYS A 119 12.18 11.81 0.75
CA LYS A 119 11.81 11.80 -0.66
C LYS A 119 11.56 10.42 -1.25
N TYR A 120 12.27 9.38 -0.76
CA TYR A 120 12.11 7.98 -1.21
C TYR A 120 11.48 7.02 -0.19
N VAL A 121 11.85 7.13 1.09
CA VAL A 121 11.41 6.18 2.13
C VAL A 121 10.35 6.87 2.97
N LYS A 122 9.10 6.44 2.83
CA LYS A 122 8.02 7.19 3.47
C LYS A 122 7.78 6.71 4.89
N SER A 123 8.06 5.47 5.17
CA SER A 123 7.99 4.94 6.52
C SER A 123 8.91 3.73 6.66
N CYS A 124 9.05 3.22 7.87
CA CYS A 124 9.69 1.95 8.05
C CYS A 124 9.45 1.33 9.41
N ARG A 125 9.62 0.02 9.47
CA ARG A 125 9.27 -0.74 10.65
C ARG A 125 9.86 -2.12 10.64
N ILE A 126 10.01 -2.66 11.84
CA ILE A 126 10.59 -3.95 12.06
C ILE A 126 9.77 -4.64 13.10
N ARG A 127 9.25 -5.82 12.75
CA ARG A 127 8.57 -6.63 13.72
C ARG A 127 9.20 -7.97 13.86
N CYS A 128 9.01 -8.55 15.03
CA CYS A 128 9.18 -9.98 15.21
C CYS A 128 8.23 -10.55 16.28
N GLY A 129 8.28 -11.87 16.39
CA GLY A 129 7.54 -12.60 17.40
C GLY A 129 8.50 -13.42 18.19
N ARG A 130 8.14 -13.67 19.44
CA ARG A 130 8.95 -14.46 20.35
C ARG A 130 8.07 -15.30 21.24
N SER A 131 8.63 -16.40 21.69
CA SER A 131 7.97 -17.27 22.58
C SER A 131 8.82 -17.36 23.84
N VAL A 132 8.15 -17.52 24.99
CA VAL A 132 8.80 -17.75 26.27
C VAL A 132 9.11 -19.22 26.34
N LYS A 133 10.35 -19.56 26.67
CA LYS A 133 10.75 -20.98 26.82
C LYS A 133 10.05 -21.66 28.01
N GLY A 134 9.88 -22.98 27.90
CA GLY A 134 9.41 -23.80 28.99
C GLY A 134 7.93 -23.97 28.98
N VAL A 135 7.25 -23.04 28.30
CA VAL A 135 5.79 -22.94 28.21
C VAL A 135 5.30 -23.35 26.83
N CYS A 136 4.09 -23.88 26.77
CA CYS A 136 3.48 -24.28 25.53
C CYS A 136 3.06 -23.07 24.75
N LEU A 137 3.00 -23.27 23.43
CA LEU A 137 2.63 -22.21 22.50
C LEU A 137 1.12 -22.05 22.52
N PRO A 138 0.61 -20.90 22.04
CA PRO A 138 -0.83 -20.66 21.97
C PRO A 138 -1.75 -21.81 21.55
N PRO A 139 -1.39 -22.58 20.52
CA PRO A 139 -2.31 -23.66 20.18
C PRO A 139 -2.60 -24.66 21.32
N ALA A 140 -1.64 -24.90 22.20
CA ALA A 140 -1.82 -25.89 23.29
C ALA A 140 -1.86 -25.33 24.71
N MET A 141 -1.52 -24.07 24.90
CA MET A 141 -1.25 -23.60 26.23
C MET A 141 -2.47 -23.51 27.13
N SER A 142 -2.30 -23.73 28.42
CA SER A 142 -3.35 -23.60 29.38
C SER A 142 -3.52 -22.15 29.74
N ARG A 143 -4.62 -21.83 30.42
CA ARG A 143 -4.86 -20.49 30.98
C ARG A 143 -3.82 -20.06 32.00
N ALA A 144 -3.38 -20.99 32.84
CA ALA A 144 -2.28 -20.73 33.80
C ALA A 144 -1.04 -20.30 33.05
N GLU A 145 -0.64 -21.13 32.08
CA GLU A 145 0.50 -20.84 31.23
C GLU A 145 0.34 -19.44 30.64
N ARG A 146 -0.83 -19.14 30.14
CA ARG A 146 -1.02 -17.88 29.48
C ARG A 146 -0.98 -16.76 30.50
N ARG A 147 -1.61 -16.98 31.65
CA ARG A 147 -1.54 -15.97 32.73
C ARG A 147 -0.09 -15.75 33.10
N LEU A 148 0.66 -16.85 33.16
CA LEU A 148 2.09 -16.84 33.52
C LEU A 148 2.87 -15.98 32.54
N VAL A 149 2.72 -16.29 31.26
CA VAL A 149 3.38 -15.55 30.20
C VAL A 149 3.14 -14.06 30.32
N GLU A 150 1.96 -13.67 30.80
CA GLU A 150 1.64 -12.26 30.88
C GLU A 150 2.47 -11.59 31.98
N LYS A 151 2.49 -12.19 33.17
CA LYS A 151 3.23 -11.65 34.32
C LYS A 151 4.70 -11.44 33.95
N VAL A 152 5.30 -12.46 33.34
CA VAL A 152 6.70 -12.45 33.03
C VAL A 152 7.04 -11.38 32.03
N VAL A 153 6.30 -11.31 30.95
CA VAL A 153 6.60 -10.37 29.87
C VAL A 153 6.23 -8.93 30.27
N SER A 154 5.12 -8.78 31.00
CA SER A 154 4.66 -7.46 31.50
C SER A 154 5.59 -6.90 32.54
N ASP A 155 6.13 -7.79 33.39
CA ASP A 155 7.12 -7.41 34.40
C ASP A 155 8.34 -6.86 33.70
N ALA A 156 8.90 -7.60 32.75
CA ALA A 156 10.00 -7.13 31.89
C ALA A 156 9.74 -5.77 31.26
N LEU A 157 8.66 -5.67 30.50
CA LEU A 157 8.28 -4.39 29.88
C LEU A 157 8.22 -3.26 30.92
N GLY A 158 7.80 -3.58 32.14
CA GLY A 158 7.74 -2.61 33.21
C GLY A 158 9.07 -1.96 33.54
N GLY A 159 10.18 -2.69 33.32
CA GLY A 159 11.52 -2.20 33.60
C GLY A 159 12.26 -1.48 32.47
N LEU A 160 11.63 -1.34 31.31
CA LEU A 160 12.24 -0.57 30.25
C LEU A 160 12.28 0.91 30.65
N LYS A 161 13.44 1.38 31.06
CA LYS A 161 13.62 2.80 31.32
C LYS A 161 13.96 3.51 29.99
N GLY A 162 14.09 4.83 30.02
CA GLY A 162 14.57 5.60 28.88
C GLY A 162 13.49 5.99 27.89
N ASP A 163 13.89 6.03 26.61
CA ASP A 163 12.96 6.22 25.49
C ASP A 163 12.08 4.99 25.25
N LEU A 164 12.39 3.89 25.93
CA LEU A 164 11.62 2.66 25.84
C LEU A 164 10.64 2.56 27.02
N ALA A 165 10.42 3.66 27.73
CA ALA A 165 9.49 3.63 28.84
C ALA A 165 8.06 3.53 28.36
N GLY A 166 7.25 2.68 28.98
CA GLY A 166 5.82 2.55 28.59
C GLY A 166 4.89 1.92 29.62
N LYS A 167 3.59 1.94 29.34
CA LYS A 167 2.63 1.22 30.17
C LYS A 167 1.86 0.09 29.48
N TYR A 168 1.62 -0.95 30.27
CA TYR A 168 0.80 -2.06 29.90
C TYR A 168 -0.69 -1.68 29.89
N TYR A 169 -1.45 -2.38 29.05
CA TYR A 169 -2.89 -2.22 29.00
C TYR A 169 -3.50 -3.60 28.78
N PRO A 170 -3.84 -4.29 29.87
CA PRO A 170 -4.46 -5.60 29.74
C PRO A 170 -5.89 -5.49 29.16
N LEU A 171 -6.28 -6.42 28.28
CA LEU A 171 -7.61 -6.34 27.60
C LEU A 171 -8.69 -6.69 28.59
N THR A 172 -8.37 -7.59 29.50
CA THR A 172 -9.30 -8.08 30.49
C THR A 172 -9.94 -6.92 31.30
N THR A 173 -9.12 -6.01 31.82
CA THR A 173 -9.62 -4.91 32.63
C THR A 173 -9.31 -3.60 31.93
N MET A 174 -9.70 -3.54 30.66
CA MET A 174 -9.53 -2.37 29.78
C MET A 174 -10.71 -1.40 29.96
N ASN A 175 -10.43 -0.16 30.38
CA ASN A 175 -11.49 0.84 30.50
C ASN A 175 -11.74 1.47 29.15
N GLU A 176 -12.73 2.36 29.08
CA GLU A 176 -13.14 2.87 27.78
C GLU A 176 -12.28 4.03 27.24
N LYS A 177 -11.67 4.84 28.10
CA LYS A 177 -10.75 5.87 27.59
C LYS A 177 -9.51 5.22 26.89
N ASP A 178 -9.01 4.13 27.46
CA ASP A 178 -7.78 3.47 26.98
C ASP A 178 -8.08 2.76 25.68
N GLN A 179 -9.16 1.98 25.68
CA GLN A 179 -9.65 1.36 24.47
C GLN A 179 -9.71 2.45 23.41
N GLU A 180 -10.50 3.49 23.66
CA GLU A 180 -10.68 4.57 22.69
C GLU A 180 -9.32 5.07 22.16
N GLN A 181 -8.34 5.23 23.05
CA GLN A 181 -6.97 5.69 22.67
C GLN A 181 -6.21 4.69 21.84
N LEU A 182 -6.16 3.46 22.31
CA LEU A 182 -5.34 2.44 21.66
C LEU A 182 -5.83 2.21 20.25
N ILE A 183 -7.15 2.17 20.10
CA ILE A 183 -7.81 2.07 18.79
C ILE A 183 -7.29 3.19 17.92
N GLU A 184 -7.41 4.40 18.46
CA GLU A 184 -6.99 5.63 17.81
C GLU A 184 -5.56 5.59 17.30
N ASP A 185 -4.64 5.05 18.10
CA ASP A 185 -3.22 4.94 17.76
C ASP A 185 -2.95 3.80 16.72
N HIS A 186 -3.94 2.91 16.52
CA HIS A 186 -3.80 1.70 15.72
C HIS A 186 -2.99 0.61 16.44
N PHE A 187 -3.17 0.54 17.75
CA PHE A 187 -2.41 -0.35 18.62
C PHE A 187 -3.23 -1.53 19.21
N LEU A 188 -4.56 -1.37 19.25
CA LEU A 188 -5.42 -2.43 19.76
C LEU A 188 -5.51 -3.60 18.80
N PHE A 189 -5.57 -4.83 19.36
CA PHE A 189 -6.05 -6.01 18.65
C PHE A 189 -7.24 -6.58 19.36
N GLU A 190 -8.04 -7.33 18.61
CA GLU A 190 -9.24 -7.97 19.12
C GLU A 190 -9.22 -9.49 18.97
N LYS A 191 -10.30 -10.14 19.39
CA LYS A 191 -10.42 -11.59 19.26
C LYS A 191 -10.35 -12.00 17.79
N PRO A 192 -9.43 -12.92 17.43
CA PRO A 192 -9.28 -13.26 16.03
C PRO A 192 -10.46 -14.07 15.52
N THR A 193 -10.83 -13.86 14.27
CA THR A 193 -11.95 -14.57 13.66
C THR A 193 -11.53 -15.26 12.37
N GLY A 194 -10.25 -15.19 12.02
CA GLY A 194 -9.71 -15.86 10.83
C GLY A 194 -9.52 -17.32 11.17
N ALA A 195 -9.45 -18.17 10.17
CA ALA A 195 -9.39 -19.63 10.35
C ALA A 195 -8.17 -20.09 11.12
N LEU A 196 -6.98 -19.73 10.64
CA LEU A 196 -5.75 -20.23 11.29
C LEU A 196 -5.87 -20.11 12.81
N LEU A 197 -6.12 -18.90 13.31
CA LEU A 197 -6.09 -18.67 14.78
C LEU A 197 -7.24 -19.33 15.55
N THR A 198 -8.43 -19.34 14.96
CA THR A 198 -9.56 -20.03 15.61
C THR A 198 -9.40 -21.54 15.57
N THR A 199 -9.26 -22.12 14.37
CA THR A 199 -9.15 -23.59 14.24
C THR A 199 -7.90 -24.17 14.91
N SER A 200 -6.88 -23.32 15.09
CA SER A 200 -5.62 -23.76 15.67
C SER A 200 -5.60 -23.72 17.20
N GLY A 201 -6.63 -23.18 17.82
CA GLY A 201 -6.68 -23.08 19.26
C GLY A 201 -6.11 -21.82 19.87
N CYS A 202 -5.65 -20.88 19.05
CA CYS A 202 -5.08 -19.60 19.54
C CYS A 202 -6.06 -18.51 20.04
N ALA A 203 -7.37 -18.68 19.83
CA ALA A 203 -8.42 -17.72 20.26
C ALA A 203 -9.12 -18.12 21.54
N ARG A 204 -8.63 -19.16 22.21
CA ARG A 204 -9.25 -19.67 23.43
C ARG A 204 -9.14 -18.70 24.61
N ASP A 205 -10.08 -18.81 25.54
CA ASP A 205 -10.06 -18.11 26.80
C ASP A 205 -9.89 -16.58 26.67
N TRP A 206 -10.45 -15.99 25.64
CA TRP A 206 -10.30 -14.55 25.39
C TRP A 206 -11.08 -13.75 26.42
N PRO A 207 -10.56 -12.59 26.84
CA PRO A 207 -9.28 -11.94 26.60
C PRO A 207 -8.25 -12.34 27.64
N ASP A 208 -8.57 -13.34 28.44
CA ASP A 208 -7.69 -13.69 29.53
C ASP A 208 -6.26 -13.82 29.04
N GLY A 209 -5.38 -13.02 29.61
CA GLY A 209 -3.93 -13.23 29.44
C GLY A 209 -3.35 -12.33 28.37
N ARG A 210 -4.19 -11.68 27.56
CA ARG A 210 -3.64 -10.83 26.51
C ARG A 210 -3.62 -9.40 26.97
N GLY A 211 -2.66 -8.65 26.42
CA GLY A 211 -2.58 -7.22 26.61
C GLY A 211 -1.72 -6.51 25.61
N ILE A 212 -1.66 -5.20 25.75
CA ILE A 212 -0.90 -4.34 24.88
C ILE A 212 0.06 -3.51 25.72
N TRP A 213 1.23 -3.23 25.15
CA TRP A 213 2.21 -2.37 25.80
C TRP A 213 2.89 -1.50 24.75
N HIS A 214 3.08 -0.23 25.07
CA HIS A 214 3.63 0.68 24.09
C HIS A 214 4.35 1.78 24.79
N ASN A 215 5.53 2.11 24.26
CA ASN A 215 6.37 3.12 24.87
C ASN A 215 5.69 4.48 24.77
N ASN A 216 6.15 5.45 25.55
CA ASN A 216 5.51 6.77 25.59
C ASN A 216 5.74 7.63 24.32
N GLU A 217 6.78 7.32 23.55
CA GLU A 217 6.98 7.91 22.19
C GLU A 217 6.02 7.31 21.16
N LYS A 218 5.43 6.15 21.54
CA LYS A 218 4.51 5.35 20.73
C LYS A 218 5.15 4.94 19.42
N ASN A 219 6.38 4.47 19.52
CA ASN A 219 7.08 3.94 18.36
C ASN A 219 7.69 2.56 18.64
N PHE A 220 7.34 1.98 19.79
CA PHE A 220 7.75 0.62 20.11
C PHE A 220 6.53 -0.11 20.73
N LEU A 221 5.88 -0.98 19.93
CA LEU A 221 4.62 -1.67 20.28
C LEU A 221 4.85 -3.14 20.64
N VAL A 222 4.11 -3.67 21.60
CA VAL A 222 4.23 -5.08 21.92
C VAL A 222 2.89 -5.71 22.23
N TRP A 223 2.60 -6.84 21.57
CA TRP A 223 1.39 -7.58 21.89
C TRP A 223 1.70 -8.81 22.70
N ILE A 224 0.93 -9.04 23.76
CA ILE A 224 1.09 -10.21 24.62
C ILE A 224 -0.04 -11.18 24.34
N ASN A 225 0.30 -12.41 23.97
CA ASN A 225 -0.65 -13.49 23.70
C ASN A 225 -1.69 -13.27 22.57
N GLU A 226 -1.38 -12.52 21.51
CA GLU A 226 -2.25 -12.62 20.31
C GLU A 226 -2.01 -13.93 19.59
N GLU A 227 -1.27 -13.92 18.49
CA GLU A 227 -0.96 -15.17 17.76
C GLU A 227 0.24 -15.81 18.43
N ASP A 228 1.00 -15.03 19.18
CA ASP A 228 2.12 -15.58 19.91
C ASP A 228 2.29 -14.93 21.28
N HIS A 229 3.13 -15.56 22.12
CA HIS A 229 3.45 -15.02 23.43
C HIS A 229 3.78 -13.54 23.33
N ILE A 230 4.73 -13.21 22.47
CA ILE A 230 5.22 -11.85 22.30
C ILE A 230 5.24 -11.53 20.83
N ARG A 231 4.74 -10.36 20.51
CA ARG A 231 4.97 -9.77 19.21
C ARG A 231 5.42 -8.36 19.47
N VAL A 232 6.50 -7.95 18.82
CA VAL A 232 7.03 -6.62 19.09
C VAL A 232 7.27 -5.93 17.78
N ILE A 233 6.96 -4.65 17.73
CA ILE A 233 6.98 -3.86 16.51
C ILE A 233 7.69 -2.59 16.89
N SER A 234 8.64 -2.15 16.07
CA SER A 234 9.25 -0.83 16.19
C SER A 234 8.93 -0.10 14.89
N MET A 235 8.27 1.05 14.96
CA MET A 235 7.77 1.69 13.75
C MET A 235 7.70 3.22 13.84
N GLN A 236 8.05 3.89 12.74
CA GLN A 236 7.86 5.33 12.63
C GLN A 236 7.80 5.72 11.20
N LYS A 237 7.45 6.96 10.97
CA LYS A 237 7.31 7.46 9.61
C LYS A 237 8.63 8.11 9.23
N GLY A 238 8.88 8.23 7.94
CA GLY A 238 10.18 8.67 7.47
C GLY A 238 11.18 7.56 7.21
N GLY A 239 12.45 7.94 7.05
CA GLY A 239 13.49 7.02 6.57
C GLY A 239 14.60 6.64 7.54
N ASP A 240 14.41 6.86 8.82
CA ASP A 240 15.41 6.49 9.82
C ASP A 240 15.33 5.00 10.27
N LEU A 241 15.54 4.08 9.35
CA LEU A 241 15.55 2.62 9.66
C LEU A 241 16.50 2.25 10.78
N LYS A 242 17.68 2.87 10.75
CA LYS A 242 18.72 2.65 11.78
C LYS A 242 18.13 2.96 13.15
N ALA A 243 17.43 4.07 13.27
CA ALA A 243 16.81 4.41 14.54
C ALA A 243 15.77 3.35 14.91
N VAL A 244 15.01 2.88 13.92
CA VAL A 244 14.00 1.87 14.17
C VAL A 244 14.69 0.61 14.68
N PHE A 245 15.72 0.18 13.99
CA PHE A 245 16.45 -0.97 14.45
C PHE A 245 17.14 -0.76 15.82
N SER A 246 17.59 0.45 16.11
CA SER A 246 18.15 0.75 17.46
C SER A 246 17.11 0.45 18.53
N ARG A 247 15.98 1.15 18.46
CA ARG A 247 14.89 0.98 19.40
C ARG A 247 14.52 -0.47 19.58
N PHE A 248 14.25 -1.15 18.46
CA PHE A 248 13.86 -2.57 18.43
C PHE A 248 14.82 -3.47 19.17
N ALA A 249 16.09 -3.37 18.83
CA ALA A 249 17.14 -4.23 19.37
C ALA A 249 17.43 -4.01 20.85
N ARG A 250 17.45 -2.76 21.28
CA ARG A 250 17.62 -2.43 22.67
C ARG A 250 16.43 -2.92 23.49
N GLY A 251 15.23 -2.56 23.05
CA GLY A 251 14.02 -3.07 23.72
C GLY A 251 14.03 -4.59 23.84
N LEU A 252 14.29 -5.27 22.72
CA LEU A 252 14.37 -6.73 22.71
C LEU A 252 15.44 -7.30 23.63
N LEU A 253 16.68 -6.89 23.44
CA LEU A 253 17.78 -7.27 24.31
C LEU A 253 17.50 -7.04 25.79
N GLU A 254 17.07 -5.83 26.12
CA GLU A 254 16.75 -5.54 27.49
C GLU A 254 15.70 -6.50 28.01
N VAL A 255 14.59 -6.67 27.26
CA VAL A 255 13.47 -7.49 27.74
C VAL A 255 13.97 -8.87 28.06
N GLU A 256 14.68 -9.47 27.12
CA GLU A 256 15.23 -10.79 27.36
C GLU A 256 16.08 -10.79 28.66
N ARG A 257 16.92 -9.75 28.79
CA ARG A 257 17.82 -9.59 29.94
C ARG A 257 17.06 -9.52 31.25
N LEU A 258 15.99 -8.71 31.30
CA LEU A 258 15.15 -8.64 32.49
C LEU A 258 14.46 -9.97 32.77
N MET A 259 13.97 -10.63 31.72
CA MET A 259 13.38 -11.96 31.88
C MET A 259 14.41 -12.97 32.40
N LYS A 260 15.60 -13.01 31.82
CA LYS A 260 16.68 -13.83 32.36
C LYS A 260 16.84 -13.56 33.86
N GLU A 261 16.84 -12.27 34.22
CA GLU A 261 16.92 -11.83 35.63
C GLU A 261 15.94 -12.59 36.54
N CYS A 262 14.80 -13.00 35.98
CA CYS A 262 13.76 -13.72 36.74
C CYS A 262 13.59 -15.19 36.38
N GLY A 263 14.57 -15.79 35.71
CA GLY A 263 14.55 -17.22 35.45
C GLY A 263 13.73 -17.68 34.26
N HIS A 264 13.36 -16.77 33.37
CA HIS A 264 12.73 -17.15 32.12
C HIS A 264 13.56 -16.68 30.98
N GLY A 265 13.26 -17.21 29.80
CA GLY A 265 13.97 -16.86 28.58
C GLY A 265 13.07 -16.94 27.35
N LEU A 266 13.73 -16.94 26.19
CA LEU A 266 13.11 -17.03 24.89
C LEU A 266 13.28 -18.41 24.32
N MET A 267 12.30 -18.80 23.53
CA MET A 267 12.24 -20.10 22.94
C MET A 267 13.19 -20.04 21.76
N HIS A 268 14.29 -20.79 21.86
CA HIS A 268 15.33 -20.82 20.84
C HIS A 268 15.75 -22.25 20.52
N ASN A 269 15.62 -22.64 19.25
CA ASN A 269 16.07 -23.94 18.80
C ASN A 269 17.44 -23.72 18.20
N ASP A 270 18.27 -24.75 18.27
CA ASP A 270 19.64 -24.67 17.85
C ASP A 270 19.81 -24.60 16.36
N ARG A 271 19.04 -25.35 15.58
CA ARG A 271 19.12 -25.29 14.10
C ARG A 271 18.24 -24.16 13.52
N LEU A 272 17.02 -24.00 14.03
CA LEU A 272 15.98 -23.12 13.47
C LEU A 272 15.80 -21.76 14.15
N GLY A 273 16.59 -21.45 15.15
CA GLY A 273 16.44 -20.18 15.82
C GLY A 273 15.15 -20.08 16.61
N TYR A 274 14.64 -18.85 16.74
CA TYR A 274 13.44 -18.55 17.54
C TYR A 274 12.19 -19.22 16.95
N ILE A 275 11.33 -19.69 17.85
CA ILE A 275 10.19 -20.52 17.54
C ILE A 275 8.91 -19.80 17.90
N CYS A 276 7.91 -20.00 17.06
CA CYS A 276 6.60 -19.43 17.24
C CYS A 276 5.58 -20.47 16.85
N THR A 277 4.29 -20.14 16.98
CA THR A 277 3.22 -21.09 16.67
C THR A 277 3.31 -21.53 15.23
N CYS A 278 3.31 -20.59 14.31
CA CYS A 278 3.36 -20.90 12.89
C CYS A 278 4.81 -21.12 12.40
N PRO A 279 5.08 -22.24 11.72
CA PRO A 279 6.37 -22.52 11.14
C PRO A 279 6.94 -21.42 10.21
N THR A 280 6.10 -20.64 9.52
CA THR A 280 6.63 -19.54 8.71
C THR A 280 7.35 -18.49 9.56
N ASN A 281 7.08 -18.49 10.87
CA ASN A 281 7.68 -17.57 11.85
C ASN A 281 8.81 -18.25 12.63
N MET A 282 9.99 -18.12 12.09
CA MET A 282 11.08 -18.93 12.53
C MET A 282 12.38 -18.23 12.18
N GLY A 283 13.47 -18.72 12.72
CA GLY A 283 14.77 -18.12 12.45
C GLY A 283 14.94 -16.92 13.34
N THR A 284 15.11 -15.77 12.71
CA THR A 284 15.17 -14.51 13.38
C THR A 284 13.79 -14.12 13.80
N VAL A 285 12.84 -14.52 12.95
CA VAL A 285 11.43 -14.13 13.02
C VAL A 285 11.33 -12.64 12.74
N VAL A 286 12.23 -12.08 11.92
CA VAL A 286 12.29 -10.61 11.79
C VAL A 286 11.84 -10.19 10.43
N ARG A 287 10.82 -9.34 10.41
CA ARG A 287 10.32 -8.65 9.23
C ARG A 287 10.77 -7.22 9.31
N ALA A 288 11.82 -6.86 8.58
CA ALA A 288 12.17 -5.47 8.45
C ALA A 288 11.56 -4.95 7.18
N SER A 289 10.99 -3.75 7.23
CA SER A 289 10.39 -3.17 6.03
C SER A 289 10.35 -1.66 5.98
N VAL A 290 10.33 -1.16 4.75
CA VAL A 290 10.25 0.25 4.45
C VAL A 290 9.16 0.42 3.41
N HIS A 291 8.74 1.66 3.19
CA HIS A 291 7.76 2.00 2.20
C HIS A 291 8.51 2.85 1.20
N LEU A 292 8.83 2.27 0.06
CA LEU A 292 9.65 2.89 -0.93
C LEU A 292 8.83 3.39 -2.09
N ARG A 293 9.20 4.54 -2.60
CA ARG A 293 8.47 5.18 -3.68
C ARG A 293 9.34 5.15 -4.90
N LEU A 294 9.15 4.12 -5.72
CA LEU A 294 9.98 3.96 -6.91
C LEU A 294 9.21 4.40 -8.13
N ALA A 295 9.08 5.72 -8.26
CA ALA A 295 8.43 6.34 -9.42
C ALA A 295 8.96 5.81 -10.76
N PHE A 296 10.28 5.61 -10.88
CA PHE A 296 10.89 5.11 -12.13
C PHE A 296 11.22 3.58 -12.15
N LEU A 297 11.87 3.07 -11.12
CA LEU A 297 12.21 1.62 -11.05
C LEU A 297 11.00 0.70 -11.32
N GLU A 298 9.87 1.12 -10.78
CA GLU A 298 8.62 0.34 -10.74
C GLU A 298 8.11 -0.16 -12.08
N LYS A 299 8.32 0.62 -13.13
CA LYS A 299 7.88 0.25 -14.46
C LYS A 299 9.05 -0.34 -15.29
N HIS A 300 9.89 -1.14 -14.63
CA HIS A 300 11.10 -1.68 -15.26
C HIS A 300 11.03 -3.21 -15.39
N PRO A 301 11.45 -3.75 -16.55
CA PRO A 301 11.40 -5.20 -16.76
C PRO A 301 12.12 -6.01 -15.69
N ARG A 302 13.40 -5.74 -15.50
CA ARG A 302 14.25 -6.50 -14.57
C ARG A 302 14.04 -6.11 -13.07
N PHE A 303 12.94 -5.43 -12.76
CA PHE A 303 12.63 -4.90 -11.42
C PHE A 303 12.35 -6.02 -10.44
N ASP A 304 11.63 -7.03 -10.86
CA ASP A 304 11.30 -8.12 -9.98
C ASP A 304 12.47 -9.06 -9.87
N GLU A 305 13.26 -9.11 -10.94
CA GLU A 305 14.47 -9.91 -11.01
C GLU A 305 15.52 -9.42 -9.99
N MET A 306 15.70 -8.11 -9.90
CA MET A 306 16.59 -7.55 -8.90
C MET A 306 16.09 -7.83 -7.48
N LEU A 307 14.82 -7.53 -7.26
CA LEU A 307 14.20 -7.78 -5.98
C LEU A 307 14.52 -9.21 -5.56
N GLY A 308 14.33 -10.17 -6.47
CA GLY A 308 14.69 -11.56 -6.23
C GLY A 308 16.15 -11.75 -5.83
N LYS A 309 17.04 -11.35 -6.71
CA LYS A 309 18.46 -11.45 -6.43
C LYS A 309 18.90 -10.69 -5.15
N LEU A 310 18.13 -9.69 -4.73
CA LEU A 310 18.40 -9.02 -3.45
C LEU A 310 17.74 -9.72 -2.23
N ARG A 311 17.05 -10.82 -2.47
CA ARG A 311 16.34 -11.53 -1.42
C ARG A 311 15.37 -10.60 -0.67
N LEU A 312 14.68 -9.73 -1.41
CA LEU A 312 13.71 -8.79 -0.87
C LEU A 312 12.32 -9.17 -1.33
N GLY A 313 11.30 -8.80 -0.59
CA GLY A 313 9.93 -9.03 -1.02
C GLY A 313 9.25 -7.71 -1.22
N LYS A 314 8.19 -7.70 -2.01
CA LYS A 314 7.34 -6.48 -2.18
C LYS A 314 5.85 -6.76 -2.30
N ARG A 315 5.07 -5.83 -1.76
CA ARG A 315 3.63 -5.86 -1.91
C ARG A 315 3.21 -4.43 -2.23
N GLY A 316 1.91 -4.23 -2.43
CA GLY A 316 1.37 -2.87 -2.52
C GLY A 316 1.48 -2.22 -1.16
N THR A 317 1.20 -0.93 -1.07
CA THR A 317 1.42 -0.19 0.19
C THR A 317 0.47 -0.80 1.21
N GLY A 318 0.87 -2.01 1.65
CA GLY A 318 0.01 -2.98 2.34
C GLY A 318 -1.17 -2.40 3.13
N GLY A 319 -0.84 -1.80 4.28
CA GLY A 319 -1.81 -1.44 5.32
C GLY A 319 -1.91 0.03 5.72
N GLU A 320 -1.13 0.91 5.08
CA GLU A 320 -1.40 2.39 5.14
C GLU A 320 -2.82 2.68 4.59
N SER A 321 -3.10 2.13 3.42
CA SER A 321 -4.46 1.85 2.94
C SER A 321 -5.54 2.96 2.79
N SER A 322 -5.21 4.26 2.64
CA SER A 322 -6.31 5.26 2.36
C SER A 322 -6.09 6.28 1.24
N LEU A 323 -5.04 7.10 1.31
CA LEU A 323 -4.85 8.16 0.29
C LEU A 323 -4.01 7.70 -0.91
N ALA A 324 -4.03 8.52 -1.96
CA ALA A 324 -3.28 8.29 -3.21
C ALA A 324 -1.78 8.18 -2.93
N THR A 325 -1.26 6.95 -2.97
CA THR A 325 0.13 6.68 -2.58
C THR A 325 0.73 5.66 -3.58
N ASP A 326 1.07 6.18 -4.76
CA ASP A 326 1.04 5.37 -5.98
C ASP A 326 2.33 4.63 -6.37
N SER A 327 3.47 5.26 -6.31
CA SER A 327 4.66 4.49 -6.62
C SER A 327 5.32 3.85 -5.37
N THR A 328 4.51 3.63 -4.34
CA THR A 328 5.00 3.19 -3.05
C THR A 328 4.77 1.70 -2.81
N TYR A 329 5.80 1.01 -2.38
CA TYR A 329 5.72 -0.42 -2.13
C TYR A 329 6.30 -0.77 -0.75
N ASP A 330 5.82 -1.86 -0.17
CA ASP A 330 6.40 -2.37 1.08
C ASP A 330 7.55 -3.32 0.75
N ILE A 331 8.77 -2.80 0.73
CA ILE A 331 9.92 -3.66 0.51
C ILE A 331 10.38 -4.23 1.85
N SER A 332 10.44 -5.54 1.96
CA SER A 332 10.87 -6.19 3.20
C SER A 332 11.94 -7.20 2.87
N ASN A 333 12.63 -7.69 3.90
CA ASN A 333 13.55 -8.82 3.70
C ASN A 333 12.69 -10.01 3.45
N TRP A 334 13.02 -10.80 2.44
CA TRP A 334 12.26 -12.01 2.13
C TRP A 334 12.54 -13.07 3.19
N ALA A 335 13.82 -13.26 3.48
CA ALA A 335 14.28 -14.37 4.27
C ALA A 335 13.99 -14.21 5.73
N ARG A 336 13.90 -15.35 6.40
CA ARG A 336 13.68 -15.38 7.85
C ARG A 336 14.77 -16.22 8.55
N LEU A 337 15.22 -17.26 7.88
CA LEU A 337 16.26 -18.17 8.37
C LEU A 337 17.62 -17.95 7.67
N GLY A 338 18.68 -18.40 8.31
CA GLY A 338 19.98 -18.48 7.67
C GLY A 338 20.85 -17.26 7.81
N LYS A 339 20.30 -16.20 8.36
CA LYS A 339 21.06 -14.99 8.54
C LYS A 339 20.67 -14.41 9.88
N SER A 340 21.59 -13.75 10.55
CA SER A 340 21.27 -13.18 11.82
C SER A 340 20.27 -12.01 11.70
N GLU A 341 19.82 -11.58 12.87
CA GLU A 341 18.75 -10.60 13.02
C GLU A 341 19.13 -9.28 12.37
N ARG A 342 20.37 -8.85 12.55
CA ARG A 342 20.84 -7.64 11.92
C ARG A 342 21.42 -7.82 10.52
N GLU A 343 21.95 -9.00 10.19
CA GLU A 343 22.40 -9.26 8.80
C GLU A 343 21.25 -9.08 7.85
N LEU A 344 20.05 -9.42 8.31
CA LEU A 344 18.87 -9.29 7.46
C LEU A 344 18.49 -7.83 7.25
N VAL A 345 18.62 -7.05 8.32
CA VAL A 345 18.33 -5.61 8.26
C VAL A 345 19.36 -4.94 7.36
N GLN A 346 20.60 -5.41 7.47
CA GLN A 346 21.64 -4.99 6.55
C GLN A 346 21.24 -5.36 5.13
N VAL A 347 20.62 -6.54 4.94
CA VAL A 347 20.18 -6.97 3.61
C VAL A 347 19.11 -5.99 3.09
N LEU A 348 18.24 -5.55 3.98
CA LEU A 348 17.21 -4.59 3.65
C LEU A 348 17.86 -3.28 3.24
N VAL A 349 18.87 -2.84 3.98
CA VAL A 349 19.50 -1.58 3.73
C VAL A 349 20.31 -1.65 2.46
N ASP A 350 20.97 -2.76 2.22
CA ASP A 350 21.79 -2.88 1.02
C ASP A 350 20.92 -2.90 -0.21
N GLY A 351 19.78 -3.55 -0.12
CA GLY A 351 18.82 -3.57 -1.19
C GLY A 351 18.20 -2.20 -1.48
N VAL A 352 17.58 -1.61 -0.47
CA VAL A 352 16.87 -0.37 -0.66
C VAL A 352 17.83 0.69 -1.24
N ASN A 353 19.09 0.61 -0.82
CA ASN A 353 20.11 1.48 -1.35
C ASN A 353 20.27 1.30 -2.84
N LEU A 354 20.45 0.05 -3.27
CA LEU A 354 20.51 -0.23 -4.69
C LEU A 354 19.19 0.18 -5.38
N LEU A 355 18.05 -0.30 -4.88
CA LEU A 355 16.73 0.13 -5.38
C LEU A 355 16.68 1.64 -5.64
N ILE A 356 16.98 2.43 -4.61
CA ILE A 356 17.03 3.89 -4.74
C ILE A 356 18.05 4.33 -5.81
N ALA A 357 19.29 3.87 -5.66
CA ALA A 357 20.36 4.07 -6.63
C ALA A 357 19.85 3.90 -8.05
N CYS A 358 19.14 2.80 -8.31
CA CYS A 358 18.66 2.49 -9.68
C CYS A 358 17.50 3.34 -10.09
N ASP A 359 16.68 3.74 -9.12
CA ASP A 359 15.63 4.64 -9.40
C ASP A 359 16.17 5.98 -9.90
N LYS A 360 17.25 6.47 -9.28
CA LYS A 360 17.85 7.76 -9.67
C LYS A 360 18.56 7.67 -11.02
N LYS A 361 19.23 6.54 -11.25
CA LYS A 361 19.94 6.29 -12.50
C LYS A 361 18.95 6.21 -13.71
N LEU A 362 17.75 5.67 -13.47
CA LEU A 362 16.68 5.75 -14.44
C LEU A 362 16.18 7.18 -14.58
N GLU A 363 15.86 7.79 -13.45
CA GLU A 363 15.42 9.18 -13.40
C GLU A 363 16.31 10.07 -14.30
N ALA A 364 17.63 9.89 -14.25
CA ALA A 364 18.57 10.65 -15.08
C ALA A 364 18.64 10.14 -16.52
N GLY A 365 17.68 9.27 -16.89
CA GLY A 365 17.61 8.67 -18.23
C GLY A 365 18.71 7.67 -18.60
N GLN A 366 19.46 7.16 -17.61
CA GLN A 366 20.60 6.28 -17.91
C GLN A 366 20.31 4.83 -17.59
N SER A 367 21.18 3.92 -18.04
CA SER A 367 20.91 2.50 -17.89
C SER A 367 21.32 2.00 -16.50
N ILE A 368 20.54 1.06 -15.98
CA ILE A 368 20.81 0.40 -14.69
C ILE A 368 21.21 -1.06 -14.88
N ASP A 369 21.55 -1.41 -16.11
CA ASP A 369 21.83 -2.80 -16.45
C ASP A 369 23.02 -3.40 -15.70
N ASP A 370 24.04 -2.58 -15.42
CA ASP A 370 25.27 -3.05 -14.77
C ASP A 370 25.18 -3.03 -13.22
N MET A 371 24.08 -2.48 -12.68
CA MET A 371 23.87 -2.33 -11.22
C MET A 371 23.22 -3.59 -10.66
N ILE A 372 22.28 -4.10 -11.45
CA ILE A 372 21.49 -5.28 -11.12
C ILE A 372 22.51 -6.39 -10.88
N PRO A 373 22.41 -7.10 -9.75
CA PRO A 373 23.37 -8.20 -9.52
C PRO A 373 23.46 -9.14 -10.68
N LYS A 374 24.70 -9.38 -11.14
CA LYS A 374 24.98 -10.30 -12.24
C LYS A 374 24.72 -11.70 -11.72
N GLY B 2 -6.10 -56.63 24.27
CA GLY B 2 -5.78 -55.95 22.97
C GLY B 2 -6.41 -54.56 22.78
N SER B 3 -6.25 -53.69 23.79
CA SER B 3 -6.56 -52.25 23.67
C SER B 3 -5.28 -51.45 24.03
N ALA B 4 -4.39 -51.28 23.04
CA ALA B 4 -3.26 -50.33 23.14
C ALA B 4 -3.77 -48.93 22.78
N ILE B 5 -4.74 -48.90 21.87
CA ILE B 5 -5.22 -47.66 21.31
C ILE B 5 -6.04 -46.92 22.33
N GLN B 6 -6.87 -47.66 23.07
CA GLN B 6 -7.66 -47.09 24.17
C GLN B 6 -6.77 -46.43 25.24
N ASP B 7 -5.64 -47.06 25.57
CA ASP B 7 -4.70 -46.47 26.53
C ASP B 7 -4.06 -45.16 26.04
N TYR B 8 -3.90 -45.01 24.72
CA TYR B 8 -3.22 -43.83 24.19
C TYR B 8 -4.10 -42.59 24.36
N PHE B 9 -5.39 -42.73 24.01
CA PHE B 9 -6.34 -41.63 24.10
C PHE B 9 -6.68 -41.30 25.56
N VAL B 10 -6.86 -42.32 26.42
CA VAL B 10 -6.99 -42.10 27.89
C VAL B 10 -6.11 -40.91 28.31
N LYS B 11 -4.92 -40.82 27.72
CA LYS B 11 -3.92 -39.81 28.01
C LYS B 11 -3.82 -38.69 26.94
N ASN B 12 -4.36 -38.91 25.74
CA ASN B 12 -4.06 -38.02 24.60
C ASN B 12 -5.20 -37.54 23.65
N ARG B 13 -6.48 -37.79 23.95
CA ARG B 13 -7.59 -37.24 23.14
C ARG B 13 -7.34 -35.80 22.88
N VAL B 14 -7.40 -35.00 23.95
CA VAL B 14 -7.16 -33.59 23.83
C VAL B 14 -5.66 -33.54 23.61
N GLY B 15 -5.21 -32.91 22.54
CA GLY B 15 -3.75 -32.75 22.35
C GLY B 15 -3.22 -31.51 23.05
N HIS B 16 -3.84 -31.13 24.18
CA HIS B 16 -3.49 -29.93 24.95
C HIS B 16 -2.64 -30.24 26.16
N SER B 17 -1.83 -29.26 26.55
CA SER B 17 -1.03 -29.35 27.76
C SER B 17 -1.90 -29.57 29.00
N LYS B 18 -1.37 -30.33 29.95
CA LYS B 18 -2.06 -30.71 31.18
C LYS B 18 -1.46 -29.89 32.29
N PRO B 19 -2.10 -28.78 32.67
CA PRO B 19 -1.53 -27.88 33.70
C PRO B 19 -1.31 -28.56 35.07
N TRP B 20 -2.16 -29.54 35.37
CA TRP B 20 -2.24 -30.14 36.67
C TRP B 20 -1.10 -31.11 36.92
N GLU B 21 -0.73 -31.86 35.89
CA GLU B 21 0.30 -32.88 36.05
C GLU B 21 1.69 -32.26 36.08
N SER B 22 1.88 -31.27 35.22
CA SER B 22 3.16 -30.57 35.02
C SER B 22 3.78 -29.95 36.27
N GLY B 23 4.10 -30.78 37.26
CA GLY B 23 4.72 -30.30 38.48
C GLY B 23 3.69 -29.42 39.17
N LYS B 24 3.95 -28.10 39.23
CA LYS B 24 3.10 -27.20 39.99
C LYS B 24 2.42 -26.12 39.17
N PHE B 25 1.08 -26.18 39.26
CA PHE B 25 0.12 -25.12 39.02
C PHE B 25 -1.07 -25.53 39.90
N LYS B 26 -1.60 -24.61 40.73
CA LYS B 26 -2.82 -24.88 41.48
C LYS B 26 -4.02 -24.82 40.59
N ALA B 27 -5.09 -25.47 41.01
CA ALA B 27 -6.34 -25.40 40.30
C ALA B 27 -6.82 -23.96 40.22
N ALA B 28 -6.47 -23.11 41.19
CA ALA B 28 -6.84 -21.70 41.11
C ALA B 28 -6.19 -21.02 39.89
N ASP B 29 -4.92 -21.28 39.68
CA ASP B 29 -4.16 -20.73 38.54
C ASP B 29 -4.75 -21.00 37.16
N ASN B 30 -5.49 -22.11 37.00
CA ASN B 30 -6.18 -22.38 35.73
C ASN B 30 -7.67 -21.99 35.74
N PHE B 31 -8.20 -21.49 36.86
CA PHE B 31 -9.64 -21.24 36.96
C PHE B 31 -10.12 -20.13 36.02
N PRO B 32 -11.08 -20.44 35.12
CA PRO B 32 -11.51 -19.44 34.14
C PRO B 32 -12.09 -18.17 34.77
N ASP B 33 -11.98 -17.04 34.08
CA ASP B 33 -12.52 -15.76 34.57
C ASP B 33 -13.92 -15.51 34.00
N LEU B 34 -14.97 -15.94 34.70
CA LEU B 34 -16.32 -15.92 34.13
C LEU B 34 -17.18 -14.73 34.57
N SER B 35 -16.53 -13.67 35.04
CA SER B 35 -17.25 -12.47 35.47
C SER B 35 -18.17 -11.93 34.38
N LYS B 36 -17.73 -11.99 33.14
CA LYS B 36 -18.46 -11.32 32.07
C LYS B 36 -19.31 -12.28 31.27
N HIS B 37 -19.52 -13.48 31.82
CA HIS B 37 -20.22 -14.59 31.16
C HIS B 37 -21.70 -14.77 31.50
N ASN B 38 -22.48 -15.06 30.47
CA ASN B 38 -23.91 -15.28 30.55
C ASN B 38 -24.26 -16.61 29.88
N ASN B 39 -23.90 -17.71 30.54
CA ASN B 39 -24.27 -19.06 30.08
C ASN B 39 -24.40 -20.01 31.27
N VAL B 40 -25.09 -21.13 31.06
CA VAL B 40 -25.45 -21.94 32.22
C VAL B 40 -24.19 -22.42 32.95
N MET B 41 -23.14 -22.69 32.20
CA MET B 41 -21.91 -23.14 32.77
C MET B 41 -21.31 -22.15 33.72
N ALA B 42 -21.32 -20.86 33.37
CA ALA B 42 -20.67 -19.87 34.23
C ALA B 42 -21.51 -19.70 35.48
N SER B 43 -22.82 -19.67 35.30
CA SER B 43 -23.72 -19.64 36.43
C SER B 43 -23.51 -20.80 37.40
N GLN B 44 -23.18 -22.00 36.91
CA GLN B 44 -23.18 -23.19 37.77
C GLN B 44 -21.77 -23.66 38.20
N LEU B 45 -20.72 -22.97 37.74
CA LEU B 45 -19.34 -23.41 37.97
C LEU B 45 -18.69 -22.66 39.11
N THR B 46 -18.16 -23.41 40.07
CA THR B 46 -17.44 -22.84 41.21
C THR B 46 -16.02 -23.33 41.19
N LYS B 47 -15.15 -22.64 41.94
CA LYS B 47 -13.75 -23.04 42.02
C LYS B 47 -13.63 -24.32 42.83
N GLU B 48 -14.64 -24.63 43.63
CA GLU B 48 -14.67 -25.90 44.38
C GLU B 48 -14.92 -27.05 43.41
N LEU B 49 -15.98 -26.93 42.63
CA LEU B 49 -16.26 -27.86 41.56
C LEU B 49 -15.08 -27.97 40.59
N TYR B 50 -14.50 -26.81 40.25
CA TYR B 50 -13.33 -26.74 39.39
C TYR B 50 -12.13 -27.42 39.99
N GLU B 51 -11.98 -27.34 41.29
CA GLU B 51 -10.86 -28.04 41.93
C GLU B 51 -11.15 -29.52 41.93
N LYS B 52 -12.41 -29.86 42.17
CA LYS B 52 -12.80 -31.25 42.25
C LYS B 52 -12.52 -32.01 40.96
N TYR B 53 -12.77 -31.35 39.82
CA TYR B 53 -12.85 -32.03 38.53
C TYR B 53 -11.68 -31.73 37.56
N TRP B 54 -11.07 -30.56 37.67
CA TRP B 54 -9.98 -30.12 36.79
C TRP B 54 -9.01 -31.22 36.32
N ASP B 55 -8.56 -32.09 37.23
CA ASP B 55 -7.61 -33.17 36.89
C ASP B 55 -8.27 -34.53 36.68
N LYS B 56 -9.59 -34.56 36.65
CA LYS B 56 -10.36 -35.81 36.57
C LYS B 56 -10.75 -36.08 35.12
N VAL B 57 -10.35 -37.23 34.60
CA VAL B 57 -10.38 -37.50 33.16
C VAL B 57 -11.22 -38.72 32.83
N THR B 58 -12.06 -38.67 31.80
CA THR B 58 -12.85 -39.86 31.46
C THR B 58 -11.92 -40.95 30.92
N PRO B 59 -12.31 -42.22 31.07
CA PRO B 59 -11.56 -43.28 30.38
C PRO B 59 -11.25 -43.01 28.89
N ASN B 60 -12.14 -42.37 28.15
CA ASN B 60 -11.81 -41.91 26.78
C ASN B 60 -10.73 -40.86 26.70
N GLY B 61 -10.46 -40.18 27.81
CA GLY B 61 -9.52 -39.08 27.88
C GLY B 61 -10.12 -37.70 27.71
N VAL B 62 -11.43 -37.54 27.93
CA VAL B 62 -12.04 -36.21 27.92
C VAL B 62 -11.74 -35.53 29.22
N THR B 63 -11.49 -34.23 29.17
CA THR B 63 -11.26 -33.44 30.36
C THR B 63 -12.39 -32.48 30.67
N PHE B 64 -12.36 -31.93 31.88
CA PHE B 64 -13.35 -31.00 32.32
C PHE B 64 -13.24 -29.75 31.46
N ASP B 65 -12.00 -29.29 31.28
CA ASP B 65 -11.77 -28.15 30.42
C ASP B 65 -12.24 -28.34 29.00
N LYS B 66 -12.27 -29.58 28.50
CA LYS B 66 -12.84 -29.86 27.17
C LYS B 66 -14.36 -29.69 27.16
N CYS B 67 -15.00 -30.10 28.26
CA CYS B 67 -16.42 -29.99 28.41
C CYS B 67 -16.90 -28.55 28.56
N ILE B 68 -16.18 -27.70 29.27
CA ILE B 68 -16.67 -26.35 29.55
C ILE B 68 -16.06 -25.26 28.67
N GLN B 69 -15.08 -25.63 27.85
CA GLN B 69 -14.42 -24.66 26.99
C GLN B 69 -15.37 -23.82 26.17
N THR B 70 -16.42 -24.42 25.62
CA THR B 70 -17.25 -23.73 24.65
C THR B 70 -17.91 -22.55 25.38
N GLY B 71 -18.29 -22.77 26.63
CA GLY B 71 -18.83 -21.70 27.49
C GLY B 71 -17.82 -20.66 27.94
N VAL B 72 -16.57 -21.04 28.10
CA VAL B 72 -15.56 -20.09 28.42
C VAL B 72 -15.33 -19.21 27.19
N ASP B 73 -15.33 -19.82 26.04
CA ASP B 73 -15.00 -19.13 24.81
C ASP B 73 -16.15 -18.25 24.36
N ASN B 74 -17.36 -18.54 24.82
CA ASN B 74 -18.55 -17.81 24.42
C ASN B 74 -19.27 -17.16 25.59
N PRO B 75 -18.78 -16.00 26.03
CA PRO B 75 -19.49 -15.31 27.11
C PRO B 75 -20.94 -14.90 26.74
N GLY B 76 -21.23 -14.68 25.47
CA GLY B 76 -22.59 -14.38 25.10
C GLY B 76 -22.99 -13.01 25.58
N ASN B 77 -24.16 -12.56 25.13
CA ASN B 77 -24.61 -11.21 25.41
C ASN B 77 -25.41 -11.16 26.67
N LYS B 78 -25.28 -10.06 27.39
CA LYS B 78 -26.22 -9.73 28.46
C LYS B 78 -27.70 -9.64 27.96
N PHE B 79 -27.91 -9.59 26.63
CA PHE B 79 -29.22 -9.30 25.98
C PHE B 79 -29.78 -10.55 25.27
N TYR B 80 -28.99 -11.15 24.38
CA TYR B 80 -29.27 -12.46 23.76
C TYR B 80 -29.72 -13.53 24.74
N GLY B 81 -30.06 -14.69 24.18
CA GLY B 81 -30.43 -15.85 24.98
C GLY B 81 -29.27 -16.42 25.77
N LYS B 82 -29.59 -17.05 26.90
CA LYS B 82 -28.57 -17.67 27.73
C LYS B 82 -28.23 -19.10 27.23
N LYS B 83 -27.10 -19.26 26.54
CA LYS B 83 -26.69 -20.59 26.05
C LYS B 83 -26.26 -21.52 27.19
N THR B 84 -26.11 -22.79 26.86
CA THR B 84 -25.74 -23.78 27.85
C THR B 84 -24.32 -23.64 28.31
N GLY B 85 -23.43 -23.32 27.40
CA GLY B 85 -22.04 -23.13 27.76
C GLY B 85 -21.24 -24.38 28.08
N CYS B 86 -21.77 -25.57 27.77
CA CYS B 86 -20.92 -26.76 27.89
C CYS B 86 -21.43 -28.00 27.14
N VAL B 87 -20.64 -29.05 27.17
CA VAL B 87 -20.79 -30.17 26.28
C VAL B 87 -20.29 -31.43 27.01
N PHE B 88 -20.93 -32.55 26.69
CA PHE B 88 -20.46 -33.85 27.02
C PHE B 88 -19.44 -34.27 25.95
N GLY B 89 -18.30 -34.78 26.38
CA GLY B 89 -17.26 -35.22 25.47
C GLY B 89 -17.48 -36.66 25.07
N ASP B 90 -18.14 -37.41 25.95
CA ASP B 90 -18.35 -38.86 25.80
C ASP B 90 -19.43 -39.36 26.75
N GLU B 91 -19.75 -40.64 26.68
CA GLU B 91 -20.83 -41.21 27.52
C GLU B 91 -20.53 -41.15 29.02
N TYR B 92 -19.26 -40.93 29.36
CA TYR B 92 -18.84 -40.95 30.75
C TYR B 92 -18.83 -39.56 31.37
N SER B 93 -18.86 -38.54 30.52
CA SER B 93 -18.73 -37.17 30.96
C SER B 93 -19.74 -36.75 32.01
N TYR B 94 -20.99 -37.17 31.86
CA TYR B 94 -21.99 -36.79 32.83
C TYR B 94 -21.63 -37.35 34.21
N GLU B 95 -21.58 -38.69 34.32
CA GLU B 95 -21.26 -39.34 35.60
C GLU B 95 -19.99 -38.73 36.14
N CYS B 96 -19.04 -38.59 35.26
CA CYS B 96 -17.75 -38.17 35.68
C CYS B 96 -17.67 -36.73 36.29
N TYR B 97 -18.59 -35.85 35.88
CA TYR B 97 -18.62 -34.47 36.34
C TYR B 97 -20.04 -34.16 36.84
N LYS B 98 -20.58 -35.15 37.56
CA LYS B 98 -21.95 -35.15 38.02
C LYS B 98 -22.29 -33.89 38.79
N GLU B 99 -21.49 -33.59 39.80
CA GLU B 99 -21.80 -32.47 40.69
C GLU B 99 -22.09 -31.23 39.86
N PHE B 100 -21.30 -30.98 38.81
CA PHE B 100 -21.54 -29.85 37.92
C PHE B 100 -22.75 -30.04 36.98
N PHE B 101 -22.86 -31.18 36.32
CA PHE B 101 -23.87 -31.30 35.28
C PHE B 101 -25.29 -31.32 35.83
N ASP B 102 -25.46 -31.91 37.00
CA ASP B 102 -26.70 -31.83 37.75
C ASP B 102 -27.11 -30.37 38.00
N LYS B 103 -26.18 -29.48 38.27
CA LYS B 103 -26.56 -28.08 38.44
C LYS B 103 -27.03 -27.43 37.11
N CYS B 104 -26.44 -27.79 35.99
CA CYS B 104 -26.91 -27.30 34.68
C CYS B 104 -28.24 -27.94 34.26
N ILE B 105 -28.37 -29.25 34.46
CA ILE B 105 -29.59 -29.94 34.04
C ILE B 105 -30.74 -29.30 34.77
N GLU B 106 -30.52 -29.04 36.05
CA GLU B 106 -31.54 -28.42 36.88
C GLU B 106 -31.94 -27.07 36.31
N GLU B 107 -30.96 -26.25 35.96
CA GLU B 107 -31.26 -24.93 35.44
C GLU B 107 -31.90 -24.97 34.07
N ILE B 108 -31.44 -25.89 33.24
CA ILE B 108 -31.90 -25.99 31.84
C ILE B 108 -33.30 -26.60 31.73
N HIS B 109 -33.50 -27.77 32.37
CA HIS B 109 -34.76 -28.54 32.31
C HIS B 109 -35.61 -28.56 33.59
N HIS B 110 -35.21 -27.81 34.62
CA HIS B 110 -35.89 -27.86 35.93
C HIS B 110 -36.03 -29.30 36.42
N PHE B 111 -34.97 -30.09 36.22
CA PHE B 111 -34.94 -31.52 36.49
C PHE B 111 -33.94 -31.77 37.61
N LYS B 112 -34.46 -32.19 38.75
CA LYS B 112 -33.64 -32.31 39.96
C LYS B 112 -32.73 -33.55 39.91
N PRO B 113 -31.64 -33.55 40.66
CA PRO B 113 -30.71 -34.68 40.69
C PRO B 113 -31.34 -36.02 41.06
N SER B 114 -32.39 -35.98 41.85
CA SER B 114 -33.13 -37.17 42.20
C SER B 114 -34.13 -37.63 41.13
N ASP B 115 -34.46 -36.77 40.16
CA ASP B 115 -35.51 -37.11 39.17
C ASP B 115 -35.04 -38.20 38.22
N LYS B 116 -35.97 -38.80 37.48
CA LYS B 116 -35.70 -39.97 36.69
C LYS B 116 -36.43 -39.94 35.37
N HIS B 117 -35.69 -40.00 34.28
CA HIS B 117 -36.33 -39.97 33.01
C HIS B 117 -36.89 -41.38 32.81
N PRO B 118 -38.17 -41.51 32.38
CA PRO B 118 -38.77 -42.83 32.20
C PRO B 118 -38.17 -43.58 31.01
N ALA B 119 -38.48 -44.87 30.92
CA ALA B 119 -37.99 -45.66 29.83
C ALA B 119 -38.47 -45.11 28.46
N PRO B 120 -37.81 -45.53 27.38
CA PRO B 120 -38.28 -45.17 26.05
C PRO B 120 -39.63 -45.81 25.70
N ASP B 121 -40.54 -45.01 25.16
CA ASP B 121 -41.80 -45.52 24.58
C ASP B 121 -42.10 -44.94 23.19
N LEU B 122 -41.98 -45.79 22.17
CA LEU B 122 -42.24 -45.44 20.77
C LEU B 122 -43.29 -46.38 20.14
N ASP B 123 -44.30 -46.70 20.92
CA ASP B 123 -45.42 -47.49 20.46
C ASP B 123 -46.41 -46.53 19.84
N HIS B 124 -46.23 -46.29 18.56
CA HIS B 124 -47.06 -45.32 17.83
C HIS B 124 -48.53 -45.73 17.79
N ASN B 125 -48.79 -47.03 17.92
CA ASN B 125 -50.15 -47.55 18.03
C ASN B 125 -50.86 -47.02 19.29
N LYS B 126 -50.11 -46.56 20.30
CA LYS B 126 -50.77 -46.04 21.49
C LYS B 126 -51.04 -44.51 21.44
N LEU B 127 -50.71 -43.89 20.31
CA LEU B 127 -50.94 -42.47 20.08
C LEU B 127 -52.39 -42.27 19.72
N VAL B 128 -53.10 -41.41 20.45
CA VAL B 128 -54.49 -41.09 20.17
C VAL B 128 -54.62 -39.74 19.44
N GLY B 129 -55.08 -39.80 18.18
CA GLY B 129 -55.58 -38.62 17.45
C GLY B 129 -54.65 -37.62 16.72
N GLY B 130 -53.66 -38.09 15.98
CA GLY B 130 -52.81 -37.15 15.25
C GLY B 130 -53.31 -36.48 13.96
N VAL B 131 -54.59 -36.54 13.62
CA VAL B 131 -54.95 -36.03 12.29
C VAL B 131 -55.60 -34.66 12.39
N PHE B 132 -55.06 -33.70 11.65
CA PHE B 132 -55.58 -32.34 11.69
C PHE B 132 -55.95 -31.85 10.31
N GLU B 133 -56.94 -30.97 10.28
CA GLU B 133 -57.30 -30.26 9.07
C GLU B 133 -56.11 -29.48 8.58
N ASP B 134 -55.72 -29.72 7.32
CA ASP B 134 -54.58 -29.04 6.72
C ASP B 134 -54.75 -27.54 6.72
N LYS B 135 -55.96 -27.07 7.02
CA LYS B 135 -56.28 -25.66 7.12
C LYS B 135 -55.57 -24.99 8.31
N TYR B 136 -55.71 -25.56 9.49
CA TYR B 136 -55.02 -25.02 10.65
C TYR B 136 -53.55 -25.51 10.71
N VAL B 137 -53.34 -26.79 10.46
CA VAL B 137 -52.00 -27.38 10.41
C VAL B 137 -51.46 -27.49 8.98
N LYS B 138 -50.40 -26.74 8.71
CA LYS B 138 -49.85 -26.64 7.38
C LYS B 138 -48.81 -27.71 7.13
N SER B 139 -47.95 -27.98 8.11
CA SER B 139 -46.93 -29.03 8.03
C SER B 139 -46.58 -29.48 9.42
N CYS B 140 -45.96 -30.64 9.53
CA CYS B 140 -45.47 -31.08 10.83
C CYS B 140 -44.34 -32.07 10.74
N ARG B 141 -43.55 -32.08 11.80
CA ARG B 141 -42.34 -32.87 11.79
C ARG B 141 -41.96 -33.21 13.21
N ILE B 142 -41.15 -34.25 13.33
CA ILE B 142 -40.69 -34.71 14.60
C ILE B 142 -39.23 -34.96 14.40
N ARG B 143 -38.39 -34.41 15.27
CA ARG B 143 -36.95 -34.59 15.16
C ARG B 143 -36.37 -35.06 16.46
N CYS B 144 -35.23 -35.70 16.37
CA CYS B 144 -34.47 -36.02 17.55
C CYS B 144 -33.03 -36.28 17.18
N GLY B 145 -32.21 -36.36 18.22
CA GLY B 145 -30.80 -36.63 18.12
C GLY B 145 -30.49 -37.86 18.89
N ARG B 146 -29.48 -38.57 18.45
CA ARG B 146 -29.10 -39.84 19.03
C ARG B 146 -27.59 -40.00 18.91
N SER B 147 -27.01 -40.68 19.88
CA SER B 147 -25.59 -40.93 19.90
C SER B 147 -25.42 -42.42 19.87
N VAL B 148 -24.29 -42.86 19.32
CA VAL B 148 -23.87 -44.24 19.29
C VAL B 148 -23.04 -44.48 20.51
N LYS B 149 -23.47 -45.47 21.30
CA LYS B 149 -22.82 -45.94 22.53
C LYS B 149 -21.40 -46.35 22.20
N GLY B 150 -20.53 -46.24 23.20
CA GLY B 150 -19.16 -46.74 23.09
C GLY B 150 -18.21 -45.91 22.26
N VAL B 151 -18.72 -44.79 21.73
CA VAL B 151 -17.95 -43.90 20.91
C VAL B 151 -18.02 -42.45 21.45
N CYS B 152 -16.90 -41.76 21.45
CA CYS B 152 -16.92 -40.37 21.80
C CYS B 152 -17.95 -39.57 20.99
N LEU B 153 -18.38 -38.48 21.60
CA LEU B 153 -19.31 -37.58 20.96
C LEU B 153 -18.47 -36.62 20.12
N PRO B 154 -19.10 -35.92 19.17
CA PRO B 154 -18.41 -35.01 18.28
C PRO B 154 -17.34 -34.14 18.89
N PRO B 155 -17.56 -33.50 20.05
CA PRO B 155 -16.51 -32.62 20.57
C PRO B 155 -15.11 -33.23 20.64
N ALA B 156 -15.01 -34.49 21.06
CA ALA B 156 -13.71 -35.09 21.29
C ALA B 156 -13.40 -36.32 20.43
N MET B 157 -14.07 -36.51 19.31
CA MET B 157 -13.93 -37.78 18.60
C MET B 157 -12.90 -37.74 17.48
N SER B 158 -12.32 -38.88 17.20
CA SER B 158 -11.26 -39.00 16.25
C SER B 158 -11.84 -39.19 14.88
N ARG B 159 -11.10 -38.89 13.82
CA ARG B 159 -11.55 -39.20 12.44
C ARG B 159 -11.99 -40.65 12.31
N ALA B 160 -11.29 -41.53 12.98
CA ALA B 160 -11.59 -42.94 12.97
C ALA B 160 -12.95 -43.28 13.54
N GLU B 161 -13.28 -42.70 14.69
CA GLU B 161 -14.58 -42.96 15.33
C GLU B 161 -15.69 -42.42 14.44
N ARG B 162 -15.48 -41.22 13.93
CA ARG B 162 -16.41 -40.62 13.03
C ARG B 162 -16.68 -41.61 11.94
N ARG B 163 -15.63 -42.25 11.46
CA ARG B 163 -15.72 -43.12 10.32
C ARG B 163 -16.52 -44.36 10.71
N LEU B 164 -16.12 -44.95 11.85
CA LEU B 164 -16.87 -46.00 12.51
C LEU B 164 -18.37 -45.68 12.55
N VAL B 165 -18.73 -44.58 13.22
CA VAL B 165 -20.12 -44.16 13.37
C VAL B 165 -20.86 -44.09 12.05
N GLU B 166 -20.22 -43.53 11.02
CA GLU B 166 -20.81 -43.46 9.68
C GLU B 166 -21.03 -44.85 9.10
N LYS B 167 -20.05 -45.72 9.30
CA LYS B 167 -20.20 -47.09 8.79
C LYS B 167 -21.36 -47.79 9.46
N VAL B 168 -21.37 -47.73 10.79
CA VAL B 168 -22.42 -48.35 11.58
C VAL B 168 -23.83 -47.86 11.23
N VAL B 169 -24.04 -46.57 11.16
CA VAL B 169 -25.39 -46.00 11.05
C VAL B 169 -25.94 -46.11 9.60
N SER B 170 -25.06 -46.03 8.60
CA SER B 170 -25.46 -46.12 7.17
C SER B 170 -25.76 -47.54 6.77
N ASP B 171 -25.02 -48.47 7.39
CA ASP B 171 -25.27 -49.89 7.25
C ASP B 171 -26.61 -50.25 7.86
N ALA B 172 -26.87 -49.68 9.02
CA ALA B 172 -28.13 -49.88 9.68
C ALA B 172 -29.25 -49.32 8.83
N LEU B 173 -29.10 -48.10 8.33
CA LEU B 173 -30.13 -47.55 7.42
C LEU B 173 -30.26 -48.39 6.13
N GLY B 174 -29.14 -49.00 5.74
CA GLY B 174 -29.10 -49.91 4.59
C GLY B 174 -30.13 -51.01 4.66
N GLY B 175 -30.41 -51.52 5.87
CA GLY B 175 -31.37 -52.61 6.10
C GLY B 175 -32.84 -52.24 6.32
N LEU B 176 -33.13 -50.94 6.26
CA LEU B 176 -34.49 -50.47 6.46
C LEU B 176 -35.25 -50.81 5.22
N LYS B 177 -36.55 -51.09 5.33
CA LYS B 177 -37.32 -51.52 4.13
C LYS B 177 -38.75 -50.98 4.09
N GLY B 178 -39.40 -51.23 2.96
CA GLY B 178 -40.77 -50.80 2.75
C GLY B 178 -40.92 -49.32 2.48
N ASP B 179 -41.74 -48.65 3.31
CA ASP B 179 -41.85 -47.20 3.24
C ASP B 179 -40.60 -46.50 3.81
N LEU B 180 -39.74 -47.24 4.50
CA LEU B 180 -38.54 -46.68 5.09
C LEU B 180 -37.27 -46.86 4.24
N ALA B 181 -37.31 -47.67 3.17
CA ALA B 181 -36.11 -47.79 2.32
C ALA B 181 -35.68 -46.43 1.77
N GLY B 182 -34.37 -46.28 1.56
CA GLY B 182 -33.81 -45.07 0.97
C GLY B 182 -32.34 -45.25 0.78
N LYS B 183 -31.68 -44.27 0.13
CA LYS B 183 -30.26 -44.39 -0.07
C LYS B 183 -29.45 -43.38 0.67
N TYR B 184 -28.15 -43.68 0.73
CA TYR B 184 -27.18 -42.94 1.47
C TYR B 184 -26.31 -42.10 0.53
N TYR B 185 -26.01 -40.89 0.98
CA TYR B 185 -25.13 -39.98 0.28
C TYR B 185 -24.04 -39.53 1.24
N PRO B 186 -22.81 -40.02 1.09
CA PRO B 186 -21.72 -39.44 1.88
C PRO B 186 -21.48 -38.03 1.39
N LEU B 187 -20.83 -37.20 2.22
CA LEU B 187 -20.55 -35.80 1.85
C LEU B 187 -19.23 -35.74 1.11
N THR B 188 -18.31 -36.61 1.52
CA THR B 188 -16.99 -36.67 0.92
C THR B 188 -17.03 -36.94 -0.59
N THR B 189 -17.97 -37.78 -1.04
CA THR B 189 -18.07 -38.23 -2.44
C THR B 189 -19.29 -37.70 -3.17
N MET B 190 -19.86 -36.61 -2.70
CA MET B 190 -21.09 -36.10 -3.27
C MET B 190 -20.79 -35.48 -4.63
N ASN B 191 -21.28 -36.11 -5.70
CA ASN B 191 -21.25 -35.45 -7.01
C ASN B 191 -22.22 -34.29 -6.96
N GLU B 192 -22.05 -33.32 -7.85
CA GLU B 192 -22.92 -32.14 -7.85
C GLU B 192 -24.27 -32.48 -8.46
N LYS B 193 -24.32 -33.59 -9.19
CA LYS B 193 -25.60 -34.11 -9.74
C LYS B 193 -26.61 -34.37 -8.59
N ASP B 194 -26.16 -35.04 -7.51
CA ASP B 194 -26.99 -35.36 -6.33
C ASP B 194 -27.16 -34.17 -5.42
N GLN B 195 -26.06 -33.44 -5.27
CA GLN B 195 -26.05 -32.26 -4.40
C GLN B 195 -27.12 -31.28 -4.84
N GLU B 196 -27.29 -31.13 -6.16
CA GLU B 196 -28.32 -30.25 -6.71
C GLU B 196 -29.71 -30.61 -6.15
N GLN B 197 -30.05 -31.90 -6.22
CA GLN B 197 -31.31 -32.43 -5.68
C GLN B 197 -31.46 -32.21 -4.19
N LEU B 198 -30.42 -32.53 -3.42
CA LEU B 198 -30.56 -32.47 -1.98
C LEU B 198 -30.79 -31.03 -1.57
N ILE B 199 -30.08 -30.11 -2.22
CA ILE B 199 -30.35 -28.71 -2.01
C ILE B 199 -31.86 -28.39 -2.32
N GLU B 200 -32.38 -28.86 -3.46
CA GLU B 200 -33.83 -28.70 -3.77
C GLU B 200 -34.79 -29.28 -2.71
N ASP B 201 -34.54 -30.51 -2.25
CA ASP B 201 -35.38 -31.12 -1.18
C ASP B 201 -35.25 -30.35 0.16
N HIS B 202 -34.14 -29.62 0.35
CA HIS B 202 -33.73 -29.00 1.65
C HIS B 202 -33.02 -29.99 2.58
N PHE B 203 -32.62 -31.14 2.09
CA PHE B 203 -32.02 -32.14 2.97
C PHE B 203 -30.52 -31.91 3.23
N LEU B 204 -29.89 -30.96 2.53
CA LEU B 204 -28.45 -30.79 2.65
C LEU B 204 -28.00 -29.96 3.85
N PHE B 205 -27.05 -30.48 4.63
CA PHE B 205 -26.38 -29.69 5.64
C PHE B 205 -24.96 -29.46 5.20
N GLU B 206 -24.43 -28.28 5.59
CA GLU B 206 -23.07 -27.86 5.27
C GLU B 206 -22.26 -27.68 6.56
N LYS B 207 -20.98 -27.32 6.39
CA LYS B 207 -20.04 -27.15 7.48
C LYS B 207 -20.57 -26.10 8.47
N PRO B 208 -20.65 -26.47 9.77
CA PRO B 208 -21.03 -25.50 10.77
C PRO B 208 -20.01 -24.37 10.89
N THR B 209 -20.53 -23.17 11.07
CA THR B 209 -19.76 -21.94 11.30
C THR B 209 -20.23 -21.18 12.55
N GLY B 210 -21.25 -21.71 13.22
CA GLY B 210 -21.69 -21.20 14.49
C GLY B 210 -20.61 -21.26 15.57
N ALA B 211 -20.74 -20.35 16.53
CA ALA B 211 -19.81 -20.20 17.61
C ALA B 211 -19.65 -21.51 18.40
N LEU B 212 -20.79 -22.14 18.71
CA LEU B 212 -20.80 -23.30 19.57
C LEU B 212 -20.12 -24.42 18.79
N LEU B 213 -20.77 -24.83 17.69
CA LEU B 213 -20.32 -26.01 16.94
C LEU B 213 -18.81 -26.00 16.78
N THR B 214 -18.28 -24.87 16.34
CA THR B 214 -16.85 -24.72 16.06
C THR B 214 -16.04 -24.86 17.36
N THR B 215 -16.27 -23.92 18.28
CA THR B 215 -15.53 -23.85 19.53
C THR B 215 -15.60 -25.13 20.37
N SER B 216 -16.64 -25.93 20.13
CA SER B 216 -16.80 -27.22 20.78
C SER B 216 -15.93 -28.27 20.07
N GLY B 217 -15.48 -27.96 18.88
CA GLY B 217 -14.86 -28.99 18.01
C GLY B 217 -15.94 -29.91 17.46
N CYS B 218 -16.85 -29.38 16.66
CA CYS B 218 -17.85 -30.25 16.05
C CYS B 218 -17.88 -30.00 14.59
N ALA B 219 -16.77 -29.50 14.07
CA ALA B 219 -16.64 -29.24 12.67
C ALA B 219 -15.24 -29.63 12.27
N ARG B 220 -14.64 -30.58 12.97
CA ARG B 220 -13.31 -31.00 12.64
C ARG B 220 -13.34 -31.97 11.47
N ASP B 221 -12.23 -32.04 10.74
CA ASP B 221 -11.99 -33.05 9.74
C ASP B 221 -13.15 -33.10 8.77
N TRP B 222 -13.81 -31.98 8.54
CA TRP B 222 -14.96 -31.92 7.66
C TRP B 222 -14.55 -32.08 6.22
N PRO B 223 -15.37 -32.73 5.37
CA PRO B 223 -16.65 -33.43 5.54
C PRO B 223 -16.54 -34.94 5.88
N ASP B 224 -15.39 -35.38 6.32
CA ASP B 224 -15.15 -36.77 6.66
C ASP B 224 -16.14 -37.33 7.66
N GLY B 225 -16.79 -38.43 7.31
CA GLY B 225 -17.67 -39.15 8.25
C GLY B 225 -19.09 -38.65 8.21
N ARG B 226 -19.36 -37.59 7.45
CA ARG B 226 -20.68 -36.94 7.42
C ARG B 226 -21.43 -37.44 6.25
N GLY B 227 -22.74 -37.40 6.39
CA GLY B 227 -23.58 -37.79 5.29
C GLY B 227 -25.05 -37.64 5.57
N ILE B 228 -25.84 -37.77 4.51
CA ILE B 228 -27.27 -37.65 4.51
C ILE B 228 -27.85 -38.97 4.05
N TRP B 229 -28.96 -39.31 4.64
CA TRP B 229 -29.77 -40.39 4.22
C TRP B 229 -31.23 -39.95 4.14
N HIS B 230 -31.93 -40.19 3.04
CA HIS B 230 -33.37 -39.93 3.00
C HIS B 230 -34.07 -41.14 2.35
N ASN B 231 -35.26 -41.48 2.86
CA ASN B 231 -36.08 -42.53 2.27
C ASN B 231 -36.59 -42.15 0.88
N ASN B 232 -37.10 -43.14 0.17
CA ASN B 232 -37.54 -42.96 -1.20
C ASN B 232 -38.84 -42.13 -1.29
N GLU B 233 -39.71 -42.23 -0.29
CA GLU B 233 -40.88 -41.30 -0.18
C GLU B 233 -40.47 -39.86 0.09
N LYS B 234 -39.20 -39.62 0.44
CA LYS B 234 -38.69 -38.27 0.82
C LYS B 234 -39.51 -37.62 1.94
N ASN B 235 -39.77 -38.35 3.03
CA ASN B 235 -40.42 -37.77 4.22
C ASN B 235 -39.75 -38.16 5.52
N PHE B 236 -38.57 -38.80 5.42
CA PHE B 236 -37.85 -39.33 6.57
C PHE B 236 -36.36 -39.20 6.28
N LEU B 237 -35.71 -38.29 7.02
CA LEU B 237 -34.38 -37.79 6.71
C LEU B 237 -33.46 -38.12 7.86
N VAL B 238 -32.24 -38.56 7.59
CA VAL B 238 -31.30 -38.82 8.65
C VAL B 238 -29.96 -38.17 8.35
N TRP B 239 -29.45 -37.39 9.30
CA TRP B 239 -28.12 -36.79 9.17
C TRP B 239 -27.12 -37.49 10.04
N ILE B 240 -25.89 -37.56 9.55
CA ILE B 240 -24.83 -38.31 10.22
C ILE B 240 -23.64 -37.42 10.51
N ASN B 241 -23.12 -37.55 11.74
CA ASN B 241 -22.05 -36.72 12.24
C ASN B 241 -22.24 -35.23 11.90
N GLU B 242 -23.48 -34.77 11.97
CA GLU B 242 -23.79 -33.37 11.81
C GLU B 242 -23.48 -32.72 13.17
N GLU B 243 -24.43 -32.52 14.06
CA GLU B 243 -24.07 -31.98 15.35
C GLU B 243 -23.88 -33.14 16.30
N ASP B 244 -24.71 -34.15 16.11
CA ASP B 244 -24.69 -35.35 16.88
C ASP B 244 -24.46 -36.51 15.90
N HIS B 245 -24.14 -37.67 16.42
CA HIS B 245 -23.86 -38.82 15.58
C HIS B 245 -25.02 -38.95 14.59
N ILE B 246 -26.24 -38.99 15.14
CA ILE B 246 -27.44 -39.25 14.37
C ILE B 246 -28.44 -38.17 14.68
N ARG B 247 -29.02 -37.62 13.64
CA ARG B 247 -30.12 -36.68 13.74
C ARG B 247 -31.22 -37.13 12.78
N VAL B 248 -32.35 -37.57 13.35
CA VAL B 248 -33.45 -38.09 12.53
C VAL B 248 -34.60 -37.07 12.49
N ILE B 249 -35.25 -36.99 11.31
CA ILE B 249 -36.43 -36.14 11.16
C ILE B 249 -37.47 -36.79 10.24
N SER B 250 -38.60 -37.17 10.82
CA SER B 250 -39.79 -37.49 10.06
C SER B 250 -40.58 -36.21 9.90
N MET B 251 -41.04 -35.90 8.69
CA MET B 251 -41.72 -34.62 8.42
C MET B 251 -42.55 -34.69 7.12
N GLN B 252 -43.67 -33.96 7.09
CA GLN B 252 -44.46 -33.83 5.85
C GLN B 252 -45.42 -32.66 5.90
N LYS B 253 -45.94 -32.24 4.74
CA LYS B 253 -46.97 -31.20 4.68
C LYS B 253 -48.31 -31.81 5.03
N GLY B 254 -49.12 -31.04 5.72
CA GLY B 254 -50.43 -31.49 6.12
C GLY B 254 -50.56 -31.68 7.62
N GLY B 255 -51.79 -31.92 8.06
CA GLY B 255 -52.07 -32.04 9.47
C GLY B 255 -51.90 -33.42 10.03
N ASP B 256 -51.33 -34.36 9.27
CA ASP B 256 -51.23 -35.76 9.73
C ASP B 256 -49.98 -36.05 10.59
N LEU B 257 -49.92 -35.44 11.76
CA LEU B 257 -48.90 -35.75 12.74
C LEU B 257 -48.88 -37.24 13.08
N LYS B 258 -50.05 -37.87 13.14
CA LYS B 258 -50.13 -39.30 13.38
C LYS B 258 -49.11 -40.04 12.54
N ALA B 259 -49.16 -39.82 11.23
CA ALA B 259 -48.37 -40.61 10.27
C ALA B 259 -46.90 -40.28 10.43
N VAL B 260 -46.62 -38.99 10.67
CA VAL B 260 -45.27 -38.51 10.97
C VAL B 260 -44.66 -39.34 12.11
N PHE B 261 -45.42 -39.58 13.16
CA PHE B 261 -44.87 -40.27 14.31
C PHE B 261 -44.69 -41.77 14.13
N SER B 262 -45.63 -42.36 13.40
CA SER B 262 -45.62 -43.80 13.04
C SER B 262 -44.32 -44.11 12.31
N ARG B 263 -43.99 -43.24 11.37
CA ARG B 263 -42.84 -43.37 10.52
C ARG B 263 -41.54 -43.21 11.33
N PHE B 264 -41.52 -42.14 12.14
CA PHE B 264 -40.40 -41.79 13.03
C PHE B 264 -40.15 -42.94 14.01
N ALA B 265 -41.21 -43.42 14.63
CA ALA B 265 -41.06 -44.45 15.65
C ALA B 265 -40.58 -45.74 14.98
N ARG B 266 -41.18 -46.07 13.85
CA ARG B 266 -40.79 -47.29 13.15
C ARG B 266 -39.33 -47.22 12.66
N GLY B 267 -38.92 -46.04 12.20
CA GLY B 267 -37.58 -45.86 11.69
C GLY B 267 -36.60 -46.03 12.81
N LEU B 268 -36.81 -45.28 13.87
CA LEU B 268 -35.84 -45.22 14.93
C LEU B 268 -35.73 -46.56 15.64
N LEU B 269 -36.85 -47.29 15.73
CA LEU B 269 -36.88 -48.59 16.42
C LEU B 269 -36.09 -49.59 15.62
N GLU B 270 -36.31 -49.54 14.32
CA GLU B 270 -35.71 -50.49 13.42
C GLU B 270 -34.21 -50.25 13.31
N VAL B 271 -33.79 -48.98 13.30
CA VAL B 271 -32.38 -48.66 13.19
C VAL B 271 -31.69 -49.09 14.47
N GLU B 272 -32.36 -48.92 15.61
CA GLU B 272 -31.77 -49.37 16.88
C GLU B 272 -31.58 -50.88 16.80
N ARG B 273 -32.56 -51.54 16.21
CA ARG B 273 -32.56 -52.99 16.12
C ARG B 273 -31.47 -53.53 15.18
N LEU B 274 -31.29 -52.90 14.03
CA LEU B 274 -30.28 -53.36 13.08
C LEU B 274 -28.87 -53.05 13.62
N MET B 275 -28.76 -51.93 14.31
CA MET B 275 -27.54 -51.65 15.04
C MET B 275 -27.27 -52.78 16.06
N LYS B 276 -28.30 -53.20 16.77
CA LYS B 276 -28.13 -54.26 17.76
C LYS B 276 -27.70 -55.61 17.15
N GLU B 277 -28.13 -55.92 15.93
CA GLU B 277 -27.67 -57.14 15.23
C GLU B 277 -26.15 -57.12 14.95
N CYS B 278 -25.51 -55.97 15.19
CA CYS B 278 -24.06 -55.81 14.96
C CYS B 278 -23.21 -55.62 16.22
N GLY B 279 -23.86 -55.59 17.37
CA GLY B 279 -23.20 -55.28 18.62
C GLY B 279 -22.97 -53.80 18.84
N HIS B 280 -23.83 -52.94 18.26
CA HIS B 280 -23.83 -51.48 18.51
C HIS B 280 -25.19 -50.99 18.99
N GLY B 281 -25.18 -50.04 19.91
CA GLY B 281 -26.41 -49.52 20.50
C GLY B 281 -26.41 -48.01 20.63
N LEU B 282 -27.52 -47.45 21.10
CA LEU B 282 -27.63 -45.99 21.25
C LEU B 282 -27.14 -45.62 22.62
N MET B 283 -26.54 -44.44 22.75
CA MET B 283 -25.91 -44.04 24.01
C MET B 283 -26.98 -43.58 24.99
N HIS B 284 -27.18 -44.34 26.06
CA HIS B 284 -28.32 -44.12 26.91
C HIS B 284 -27.93 -44.13 28.39
N ASN B 285 -28.27 -43.06 29.09
CA ASN B 285 -28.09 -42.95 30.53
C ASN B 285 -29.38 -43.26 31.24
N ASP B 286 -29.25 -43.95 32.36
CA ASP B 286 -30.37 -44.58 33.06
C ASP B 286 -31.28 -43.56 33.75
N ARG B 287 -30.69 -42.41 34.09
CA ARG B 287 -31.39 -41.28 34.67
C ARG B 287 -31.87 -40.24 33.62
N LEU B 288 -31.02 -39.89 32.65
CA LEU B 288 -31.23 -38.74 31.78
C LEU B 288 -31.73 -39.09 30.40
N GLY B 289 -32.02 -40.35 30.15
CA GLY B 289 -32.48 -40.72 28.82
C GLY B 289 -31.31 -40.78 27.86
N TYR B 290 -31.54 -40.39 26.61
CA TYR B 290 -30.54 -40.49 25.56
C TYR B 290 -29.65 -39.28 25.68
N ILE B 291 -28.45 -39.37 25.18
CA ILE B 291 -27.46 -38.31 25.31
C ILE B 291 -27.01 -37.81 23.94
N CYS B 292 -26.61 -36.55 23.93
CA CYS B 292 -26.09 -35.88 22.78
C CYS B 292 -25.03 -34.94 23.31
N THR B 293 -24.42 -34.15 22.45
CA THR B 293 -23.29 -33.41 22.93
C THR B 293 -23.80 -32.30 23.84
N CYS B 294 -24.85 -31.60 23.43
CA CYS B 294 -25.38 -30.49 24.23
C CYS B 294 -26.35 -30.91 25.37
N PRO B 295 -26.04 -30.55 26.62
CA PRO B 295 -26.91 -30.93 27.72
C PRO B 295 -28.38 -30.57 27.56
N THR B 296 -28.76 -29.70 26.62
CA THR B 296 -30.20 -29.52 26.33
C THR B 296 -30.86 -30.68 25.57
N ASN B 297 -30.06 -31.49 24.87
CA ASN B 297 -30.55 -32.62 24.08
C ASN B 297 -30.37 -33.90 24.82
N MET B 298 -31.24 -34.15 25.78
CA MET B 298 -31.27 -35.42 26.51
C MET B 298 -32.70 -35.79 26.83
N GLY B 299 -32.90 -36.81 27.67
CA GLY B 299 -34.20 -37.40 27.85
C GLY B 299 -34.56 -38.09 26.54
N THR B 300 -35.68 -37.67 25.96
CA THR B 300 -36.16 -38.21 24.71
C THR B 300 -35.41 -37.57 23.57
N VAL B 301 -34.85 -36.40 23.82
CA VAL B 301 -34.27 -35.58 22.76
C VAL B 301 -35.28 -35.26 21.65
N VAL B 302 -36.57 -35.25 21.95
CA VAL B 302 -37.60 -35.13 20.90
C VAL B 302 -38.25 -33.77 20.80
N ARG B 303 -38.29 -33.23 19.58
CA ARG B 303 -38.97 -31.98 19.30
C ARG B 303 -40.06 -32.30 18.31
N ALA B 304 -41.31 -32.25 18.73
CA ALA B 304 -42.38 -32.45 17.78
C ALA B 304 -43.02 -31.11 17.61
N SER B 305 -43.26 -30.71 16.37
CA SER B 305 -43.94 -29.47 16.11
C SER B 305 -44.90 -29.55 14.94
N VAL B 306 -45.86 -28.61 14.98
CA VAL B 306 -46.80 -28.38 13.90
C VAL B 306 -46.61 -26.94 13.49
N HIS B 307 -46.86 -26.61 12.23
CA HIS B 307 -46.95 -25.19 11.85
C HIS B 307 -48.38 -24.75 11.92
N LEU B 308 -48.75 -24.04 12.97
CA LEU B 308 -50.18 -23.85 13.29
C LEU B 308 -50.67 -22.45 12.95
N ARG B 309 -51.77 -22.38 12.20
CA ARG B 309 -52.36 -21.11 11.85
C ARG B 309 -53.51 -20.73 12.79
N LEU B 310 -53.32 -19.68 13.59
CA LEU B 310 -54.33 -19.25 14.58
C LEU B 310 -54.61 -17.76 14.50
N ALA B 311 -55.45 -17.40 13.55
CA ALA B 311 -55.75 -16.01 13.24
C ALA B 311 -56.56 -15.32 14.32
N PHE B 312 -57.32 -16.10 15.08
CA PHE B 312 -58.18 -15.48 16.07
C PHE B 312 -57.57 -15.61 17.45
N LEU B 313 -56.85 -16.70 17.66
CA LEU B 313 -56.36 -17.03 18.97
C LEU B 313 -55.15 -16.18 19.30
N GLU B 314 -54.25 -16.01 18.33
CA GLU B 314 -53.15 -15.03 18.46
C GLU B 314 -53.50 -13.88 19.41
N LYS B 315 -54.53 -13.14 19.00
CA LYS B 315 -54.86 -11.84 19.58
C LYS B 315 -55.60 -11.95 20.90
N HIS B 316 -55.76 -13.18 21.39
CA HIS B 316 -56.35 -13.35 22.71
C HIS B 316 -55.25 -13.12 23.73
N PRO B 317 -55.54 -12.32 24.77
CA PRO B 317 -54.57 -12.04 25.85
C PRO B 317 -54.03 -13.28 26.55
N ARG B 318 -54.89 -14.26 26.79
CA ARG B 318 -54.49 -15.49 27.45
C ARG B 318 -53.85 -16.52 26.48
N PHE B 319 -53.37 -16.07 25.32
CA PHE B 319 -52.88 -17.03 24.34
C PHE B 319 -51.65 -17.74 24.88
N ASP B 320 -50.72 -16.96 25.43
CA ASP B 320 -49.46 -17.52 25.95
C ASP B 320 -49.61 -18.24 27.27
N GLU B 321 -50.36 -17.68 28.22
CA GLU B 321 -50.56 -18.40 29.45
C GLU B 321 -51.08 -19.81 29.14
N MET B 322 -51.92 -19.92 28.10
CA MET B 322 -52.45 -21.21 27.66
C MET B 322 -51.36 -22.10 27.07
N LEU B 323 -50.74 -21.63 26.01
CA LEU B 323 -49.61 -22.34 25.39
C LEU B 323 -48.64 -22.89 26.44
N GLY B 324 -48.33 -22.07 27.42
CA GLY B 324 -47.48 -22.48 28.51
C GLY B 324 -48.17 -23.45 29.45
N LYS B 325 -49.47 -23.24 29.69
CA LYS B 325 -50.23 -24.19 30.50
C LYS B 325 -50.14 -25.59 29.90
N LEU B 326 -50.33 -25.64 28.57
CA LEU B 326 -50.28 -26.87 27.80
C LEU B 326 -48.91 -27.49 27.67
N ARG B 327 -47.91 -26.90 28.32
CA ARG B 327 -46.53 -27.41 28.27
C ARG B 327 -46.01 -27.46 26.83
N LEU B 328 -46.30 -26.39 26.09
CA LEU B 328 -45.81 -26.24 24.75
C LEU B 328 -45.14 -24.89 24.68
N GLY B 329 -44.29 -24.72 23.67
CA GLY B 329 -43.64 -23.45 23.34
C GLY B 329 -43.90 -23.04 21.88
N LYS B 330 -43.93 -21.74 21.65
CA LYS B 330 -44.13 -21.19 20.31
C LYS B 330 -42.89 -20.47 19.77
N ARG B 331 -42.56 -20.79 18.53
CA ARG B 331 -41.55 -20.10 17.77
C ARG B 331 -42.34 -19.39 16.62
N GLY B 332 -41.62 -18.83 15.63
CA GLY B 332 -42.26 -18.05 14.53
C GLY B 332 -42.10 -18.70 13.17
N LEU B 339 -45.42 -11.95 15.99
CA LEU B 339 -46.86 -11.68 15.88
C LEU B 339 -47.18 -11.66 14.38
N ALA B 340 -46.95 -12.80 13.73
CA ALA B 340 -47.05 -12.94 12.28
C ALA B 340 -48.41 -12.40 11.76
N THR B 341 -48.42 -11.66 10.63
CA THR B 341 -49.70 -11.26 9.94
C THR B 341 -50.37 -12.48 9.29
N ASP B 342 -49.57 -13.53 9.06
CA ASP B 342 -50.03 -14.88 8.66
C ASP B 342 -50.54 -15.74 9.82
N SER B 343 -50.40 -15.23 11.03
CA SER B 343 -50.86 -15.91 12.23
C SER B 343 -50.37 -17.35 12.36
N THR B 344 -49.16 -17.58 11.88
CA THR B 344 -48.62 -18.91 11.86
C THR B 344 -47.40 -19.01 12.76
N TYR B 345 -47.37 -20.13 13.47
CA TYR B 345 -46.45 -20.34 14.55
C TYR B 345 -45.95 -21.75 14.43
N ASP B 346 -44.78 -21.97 14.99
CA ASP B 346 -44.22 -23.30 15.08
C ASP B 346 -44.42 -23.65 16.55
N ILE B 347 -45.32 -24.58 16.81
CA ILE B 347 -45.68 -24.97 18.18
C ILE B 347 -45.14 -26.37 18.45
N SER B 348 -44.50 -26.57 19.62
CA SER B 348 -43.92 -27.86 19.99
C SER B 348 -43.95 -28.17 21.49
N ASN B 349 -43.64 -29.41 21.84
CA ASN B 349 -43.42 -29.78 23.25
C ASN B 349 -42.24 -29.00 23.80
N TRP B 350 -42.42 -28.38 24.96
CA TRP B 350 -41.34 -27.64 25.60
C TRP B 350 -40.42 -28.67 26.22
N ALA B 351 -41.02 -29.57 26.97
CA ALA B 351 -40.31 -30.60 27.66
C ALA B 351 -39.59 -31.56 26.71
N ARG B 352 -38.66 -32.27 27.34
CA ARG B 352 -37.73 -33.18 26.72
C ARG B 352 -37.43 -34.34 27.70
N LEU B 353 -37.31 -34.01 28.97
CA LEU B 353 -37.13 -35.02 30.03
C LEU B 353 -38.39 -35.20 30.85
N GLY B 354 -38.55 -36.38 31.45
CA GLY B 354 -39.56 -36.63 32.44
C GLY B 354 -40.84 -37.19 31.86
N LYS B 355 -40.91 -37.24 30.53
CA LYS B 355 -41.99 -37.92 29.84
C LYS B 355 -41.37 -38.78 28.75
N SER B 356 -42.12 -39.80 28.33
CA SER B 356 -41.67 -40.64 27.25
C SER B 356 -41.95 -39.97 25.87
N GLU B 357 -41.45 -40.60 24.83
CA GLU B 357 -41.41 -39.95 23.56
C GLU B 357 -42.82 -39.84 23.00
N ARG B 358 -43.62 -40.90 23.09
CA ARG B 358 -44.97 -40.80 22.63
C ARG B 358 -45.88 -40.04 23.63
N GLU B 359 -45.43 -39.84 24.87
CA GLU B 359 -46.18 -38.96 25.77
C GLU B 359 -46.10 -37.50 25.32
N LEU B 360 -44.90 -37.03 24.96
CA LEU B 360 -44.69 -35.63 24.51
C LEU B 360 -45.38 -35.41 23.19
N VAL B 361 -45.38 -36.45 22.36
CA VAL B 361 -46.10 -36.36 21.12
C VAL B 361 -47.58 -36.15 21.40
N GLN B 362 -48.11 -36.98 22.30
CA GLN B 362 -49.47 -36.87 22.75
C GLN B 362 -49.66 -35.51 23.40
N VAL B 363 -48.66 -34.97 24.09
CA VAL B 363 -48.74 -33.58 24.58
C VAL B 363 -48.93 -32.58 23.44
N LEU B 364 -48.16 -32.71 22.37
CA LEU B 364 -48.40 -31.87 21.19
C LEU B 364 -49.85 -31.99 20.68
N VAL B 365 -50.31 -33.22 20.42
CA VAL B 365 -51.61 -33.45 19.81
C VAL B 365 -52.70 -32.86 20.67
N ASP B 366 -52.69 -33.21 21.96
CA ASP B 366 -53.67 -32.71 22.91
C ASP B 366 -53.73 -31.20 22.86
N GLY B 367 -52.57 -30.55 22.83
CA GLY B 367 -52.51 -29.09 22.87
C GLY B 367 -53.13 -28.52 21.61
N VAL B 368 -52.72 -29.08 20.49
CA VAL B 368 -53.17 -28.61 19.23
C VAL B 368 -54.72 -28.76 19.10
N ASN B 369 -55.27 -29.77 19.72
CA ASN B 369 -56.71 -29.94 19.60
C ASN B 369 -57.41 -28.80 20.26
N LEU B 370 -56.84 -28.37 21.39
CA LEU B 370 -57.42 -27.34 22.22
C LEU B 370 -57.24 -26.03 21.51
N LEU B 371 -56.04 -25.82 20.99
CA LEU B 371 -55.75 -24.62 20.22
C LEU B 371 -56.73 -24.37 19.07
N ILE B 372 -57.06 -25.38 18.26
CA ILE B 372 -57.95 -25.17 17.13
C ILE B 372 -59.36 -24.95 17.64
N ALA B 373 -59.75 -25.69 18.65
CA ALA B 373 -61.07 -25.52 19.22
C ALA B 373 -61.34 -24.08 19.64
N CYS B 374 -60.33 -23.38 20.15
CA CYS B 374 -60.49 -21.94 20.43
C CYS B 374 -60.49 -20.99 19.23
N ASP B 375 -59.57 -21.22 18.27
CA ASP B 375 -59.49 -20.43 17.03
C ASP B 375 -60.88 -20.41 16.38
N LYS B 376 -61.46 -21.59 16.17
CA LYS B 376 -62.81 -21.66 15.63
C LYS B 376 -63.82 -20.91 16.52
N LYS B 377 -63.73 -21.11 17.83
CA LYS B 377 -64.70 -20.56 18.79
C LYS B 377 -64.66 -19.05 18.79
N LEU B 378 -63.44 -18.53 18.87
CA LEU B 378 -63.28 -17.09 18.89
C LEU B 378 -63.88 -16.46 17.62
N GLU B 379 -63.60 -17.10 16.48
CA GLU B 379 -64.07 -16.71 15.13
C GLU B 379 -65.57 -16.67 15.01
N ALA B 380 -66.21 -17.59 15.71
CA ALA B 380 -67.65 -17.68 15.74
C ALA B 380 -68.19 -16.68 16.77
N GLY B 381 -67.29 -16.10 17.55
CA GLY B 381 -67.63 -15.06 18.50
C GLY B 381 -67.91 -15.54 19.91
N GLN B 382 -67.51 -16.77 20.23
CA GLN B 382 -67.88 -17.35 21.50
C GLN B 382 -66.71 -17.24 22.41
N SER B 383 -66.95 -17.57 23.67
CA SER B 383 -65.92 -17.38 24.68
C SER B 383 -65.04 -18.61 24.84
N ILE B 384 -63.81 -18.38 25.24
CA ILE B 384 -62.90 -19.49 25.44
C ILE B 384 -62.37 -19.54 26.86
N ASP B 385 -62.97 -18.75 27.76
CA ASP B 385 -62.46 -18.62 29.11
C ASP B 385 -62.62 -19.88 29.95
N ASP B 386 -63.66 -20.66 29.67
CA ASP B 386 -63.80 -21.93 30.37
C ASP B 386 -63.18 -23.06 29.58
N MET B 387 -62.54 -22.76 28.46
CA MET B 387 -61.79 -23.76 27.69
C MET B 387 -60.33 -23.73 28.07
N ILE B 388 -59.93 -22.70 28.80
CA ILE B 388 -58.54 -22.53 29.15
C ILE B 388 -58.25 -23.59 30.20
N PRO B 389 -57.10 -24.28 30.10
CA PRO B 389 -56.81 -25.27 31.15
C PRO B 389 -56.53 -24.50 32.42
N LYS B 390 -57.02 -25.02 33.54
CA LYS B 390 -57.13 -24.25 34.80
C LYS B 390 -55.75 -23.99 35.49
N PHE C 2 -9.54 40.46 -13.54
CA PHE C 2 -8.37 40.73 -14.46
C PHE C 2 -7.52 41.84 -13.84
N LYS C 3 -6.55 42.34 -14.60
CA LYS C 3 -5.63 43.36 -14.11
C LYS C 3 -5.97 44.74 -14.68
N ASP C 4 -7.09 45.27 -14.23
CA ASP C 4 -7.49 46.65 -14.55
C ASP C 4 -6.71 47.57 -13.58
N TYR C 5 -5.38 47.41 -13.60
CA TYR C 5 -4.47 47.88 -12.57
C TYR C 5 -3.49 48.92 -13.12
N THR C 6 -2.83 49.63 -12.21
CA THR C 6 -1.61 50.36 -12.58
C THR C 6 -0.46 49.38 -12.73
N ARG C 7 0.47 49.75 -13.60
CA ARG C 7 1.72 49.03 -13.74
C ARG C 7 2.32 48.80 -12.36
N GLU C 8 2.37 49.89 -11.61
CA GLU C 8 2.94 49.95 -10.28
C GLU C 8 2.21 48.98 -9.35
N LYS C 9 0.89 48.87 -9.50
CA LYS C 9 0.10 47.97 -8.67
C LYS C 9 0.42 46.53 -9.07
N PHE C 10 0.54 46.26 -10.36
CA PHE C 10 0.86 44.92 -10.77
C PHE C 10 2.26 44.52 -10.25
N ALA C 11 3.26 45.33 -10.57
CA ALA C 11 4.61 45.11 -10.10
C ALA C 11 4.61 44.75 -8.64
N LYS C 12 3.92 45.58 -7.87
CA LYS C 12 3.74 45.36 -6.47
C LYS C 12 3.25 43.94 -6.21
N GLU C 13 2.23 43.53 -6.94
CA GLU C 13 1.56 42.26 -6.68
C GLU C 13 2.20 41.10 -7.40
N ASN C 14 3.10 41.39 -8.33
CA ASN C 14 3.87 40.35 -9.02
C ASN C 14 5.30 40.16 -8.47
N PHE C 15 5.81 41.17 -7.76
CA PHE C 15 7.19 41.13 -7.22
C PHE C 15 7.44 39.84 -6.43
N PRO C 16 8.59 39.16 -6.67
CA PRO C 16 8.90 37.91 -6.01
C PRO C 16 9.43 38.08 -4.59
N ASP C 17 9.00 37.20 -3.68
CA ASP C 17 9.47 37.20 -2.29
C ASP C 17 10.77 36.42 -2.20
N LEU C 18 11.85 37.15 -1.92
CA LEU C 18 13.19 36.64 -2.06
C LEU C 18 13.94 36.64 -0.74
N SER C 19 13.21 36.80 0.36
CA SER C 19 13.83 36.95 1.67
C SER C 19 14.57 35.70 2.11
N LYS C 20 14.33 34.56 1.48
CA LYS C 20 14.96 33.32 1.90
C LYS C 20 15.86 32.73 0.85
N HIS C 21 16.10 33.49 -0.22
CA HIS C 21 16.98 33.09 -1.32
C HIS C 21 18.48 33.41 -1.05
N ASN C 22 19.36 32.57 -1.61
CA ASN C 22 20.80 32.70 -1.43
C ASN C 22 21.52 32.81 -2.77
N ASN C 23 21.07 33.72 -3.62
CA ASN C 23 21.75 33.97 -4.88
C ASN C 23 21.98 35.46 -5.18
N VAL C 24 22.74 35.74 -6.25
CA VAL C 24 23.21 37.12 -6.49
C VAL C 24 22.05 37.96 -6.97
N MET C 25 21.30 37.41 -7.93
CA MET C 25 20.05 38.01 -8.38
C MET C 25 19.26 38.50 -7.16
N ALA C 26 19.04 37.63 -6.18
CA ALA C 26 18.25 38.00 -5.01
C ALA C 26 18.90 39.14 -4.23
N SER C 27 20.23 39.13 -4.11
CA SER C 27 20.90 40.24 -3.39
C SER C 27 20.73 41.60 -4.06
N GLN C 28 20.57 41.62 -5.37
CA GLN C 28 20.63 42.86 -6.10
C GLN C 28 19.26 43.36 -6.47
N LEU C 29 18.30 42.46 -6.62
CA LEU C 29 16.98 42.89 -7.09
C LEU C 29 16.34 43.79 -6.06
N THR C 30 15.85 44.95 -6.48
CA THR C 30 15.11 45.79 -5.57
C THR C 30 13.73 46.00 -6.14
N TYR C 31 12.75 46.22 -5.27
CA TYR C 31 11.42 46.47 -5.76
C TYR C 31 11.47 47.61 -6.79
N GLU C 32 12.28 48.61 -6.50
CA GLU C 32 12.44 49.74 -7.41
C GLU C 32 12.88 49.28 -8.81
N LEU C 33 13.86 48.39 -8.86
CA LEU C 33 14.34 47.86 -10.15
C LEU C 33 13.25 47.03 -10.80
N TYR C 34 12.59 46.17 -10.04
CA TYR C 34 11.55 45.35 -10.58
C TYR C 34 10.50 46.24 -11.25
N GLU C 35 10.09 47.29 -10.54
CA GLU C 35 9.06 48.22 -11.01
C GLU C 35 9.45 48.90 -12.31
N LYS C 36 10.74 49.21 -12.45
CA LYS C 36 11.24 49.96 -13.61
C LYS C 36 11.37 49.05 -14.84
N TYR C 37 11.47 47.74 -14.59
CA TYR C 37 11.93 46.81 -15.60
C TYR C 37 10.95 45.70 -15.91
N TRP C 38 10.05 45.40 -15.00
CA TRP C 38 9.19 44.24 -15.22
C TRP C 38 8.52 44.21 -16.62
N ASP C 39 8.11 45.38 -17.13
CA ASP C 39 7.39 45.44 -18.41
C ASP C 39 8.21 45.97 -19.60
N LYS C 40 9.52 46.11 -19.39
CA LYS C 40 10.43 46.51 -20.46
C LYS C 40 10.96 45.26 -21.14
N VAL C 41 10.90 45.25 -22.46
CA VAL C 41 11.13 44.05 -23.25
C VAL C 41 12.14 44.28 -24.37
N THR C 42 13.02 43.30 -24.59
CA THR C 42 14.06 43.46 -25.59
C THR C 42 13.44 43.29 -26.95
N PRO C 43 14.11 43.81 -27.99
CA PRO C 43 13.59 43.67 -29.34
C PRO C 43 13.59 42.22 -29.88
N ASN C 44 13.68 41.23 -29.00
CA ASN C 44 13.46 39.82 -29.31
C ASN C 44 12.32 39.26 -28.52
N GLY C 45 11.79 40.06 -27.59
CA GLY C 45 10.73 39.61 -26.71
C GLY C 45 11.18 39.00 -25.38
N VAL C 46 12.47 38.99 -25.11
CA VAL C 46 12.94 38.55 -23.80
C VAL C 46 12.41 39.51 -22.71
N THR C 47 11.98 38.96 -21.58
CA THR C 47 11.46 39.77 -20.47
C THR C 47 12.35 39.69 -19.25
N PHE C 48 12.20 40.67 -18.35
CA PHE C 48 12.95 40.69 -17.11
C PHE C 48 12.67 39.43 -16.31
N ASP C 49 11.41 39.05 -16.29
CA ASP C 49 11.03 37.84 -15.59
C ASP C 49 11.76 36.62 -16.09
N LYS C 50 11.84 36.44 -17.42
CA LYS C 50 12.59 35.34 -18.02
C LYS C 50 14.09 35.36 -17.64
N CYS C 51 14.63 36.52 -17.29
CA CYS C 51 16.05 36.61 -16.97
C CYS C 51 16.31 36.18 -15.55
N ILE C 52 15.45 36.66 -14.64
CA ILE C 52 15.60 36.31 -13.23
C ILE C 52 14.89 35.02 -12.80
N GLN C 53 14.21 34.34 -13.72
CA GLN C 53 13.39 33.21 -13.31
C GLN C 53 14.20 32.11 -12.63
N THR C 54 15.33 31.77 -13.21
CA THR C 54 16.20 30.73 -12.63
C THR C 54 16.57 31.10 -11.18
N GLY C 55 16.75 32.38 -10.98
CA GLY C 55 17.05 32.92 -9.67
C GLY C 55 15.93 32.67 -8.69
N VAL C 56 14.68 32.92 -9.12
CA VAL C 56 13.48 32.80 -8.29
C VAL C 56 13.20 31.33 -7.95
N ASP C 57 13.40 30.47 -8.94
CA ASP C 57 13.10 29.07 -8.80
C ASP C 57 14.14 28.32 -7.99
N ASN C 58 15.30 28.94 -7.76
CA ASN C 58 16.46 28.27 -7.14
C ASN C 58 17.05 29.02 -5.93
N PRO C 59 16.35 29.02 -4.83
CA PRO C 59 16.85 29.68 -3.63
C PRO C 59 18.02 29.00 -2.93
N GLY C 60 17.93 27.68 -2.80
CA GLY C 60 18.86 26.91 -1.99
C GLY C 60 18.82 27.26 -0.49
N ASN C 61 19.93 26.97 0.18
CA ASN C 61 20.15 27.18 1.61
C ASN C 61 21.38 28.08 1.75
N LYS C 62 21.81 28.25 2.99
CA LYS C 62 23.10 28.82 3.35
C LYS C 62 24.20 27.76 3.23
N PHE C 63 23.78 26.49 3.07
CA PHE C 63 24.70 25.37 2.84
C PHE C 63 24.95 25.13 1.35
N TYR C 64 24.29 25.88 0.45
CA TYR C 64 24.47 25.66 -0.99
C TYR C 64 25.73 26.22 -1.66
N GLY C 65 25.92 27.53 -1.56
CA GLY C 65 26.94 28.20 -2.37
C GLY C 65 26.18 29.18 -3.20
N LYS C 66 26.60 30.43 -3.16
CA LYS C 66 25.80 31.51 -3.70
C LYS C 66 25.89 31.51 -5.22
N LYS C 67 24.80 31.11 -5.86
CA LYS C 67 24.73 31.07 -7.32
C LYS C 67 24.49 32.47 -7.84
N THR C 68 24.55 32.62 -9.16
CA THR C 68 24.24 33.86 -9.80
C THR C 68 22.74 34.12 -9.65
N GLY C 69 21.92 33.19 -10.10
CA GLY C 69 20.47 33.34 -10.05
C GLY C 69 19.85 34.14 -11.20
N CYS C 70 20.57 34.35 -12.27
CA CYS C 70 19.99 35.00 -13.42
C CYS C 70 20.79 34.83 -14.71
N VAL C 71 20.16 35.17 -15.81
CA VAL C 71 20.65 34.88 -17.13
C VAL C 71 20.46 36.08 -18.04
N PHE C 72 21.14 36.08 -19.20
CA PHE C 72 20.83 36.92 -20.34
C PHE C 72 20.11 36.11 -21.39
N GLY C 73 18.94 36.57 -21.78
CA GLY C 73 18.22 35.95 -22.87
C GLY C 73 18.78 36.31 -24.24
N ASP C 74 19.51 37.42 -24.33
CA ASP C 74 20.16 37.79 -25.59
C ASP C 74 21.06 38.96 -25.47
N GLU C 75 21.71 39.29 -26.57
CA GLU C 75 22.66 40.37 -26.58
C GLU C 75 22.09 41.69 -26.08
N TYR C 76 20.78 41.88 -26.18
CA TYR C 76 20.09 43.11 -25.70
C TYR C 76 19.79 43.14 -24.20
N SER C 77 19.83 41.97 -23.57
CA SER C 77 19.38 41.83 -22.22
C SER C 77 20.18 42.73 -21.29
N TYR C 78 21.49 42.85 -21.49
CA TYR C 78 22.27 43.58 -20.53
C TYR C 78 21.86 45.05 -20.46
N GLU C 79 21.97 45.76 -21.57
CA GLU C 79 21.74 47.21 -21.56
C GLU C 79 20.29 47.47 -21.24
N CYS C 80 19.45 46.51 -21.59
CA CYS C 80 18.05 46.67 -21.35
C CYS C 80 17.71 46.76 -19.83
N TYR C 81 18.46 46.02 -19.02
CA TYR C 81 18.30 46.00 -17.58
C TYR C 81 19.59 46.40 -16.89
N LYS C 82 20.32 47.36 -17.49
CA LYS C 82 21.64 47.80 -16.99
C LYS C 82 21.70 47.98 -15.46
N GLU C 83 20.68 48.63 -14.88
CA GLU C 83 20.74 49.05 -13.48
C GLU C 83 20.78 47.87 -12.55
N PHE C 84 20.11 46.80 -12.95
CA PHE C 84 20.15 45.55 -12.22
C PHE C 84 21.44 44.79 -12.53
N PHE C 85 21.85 44.78 -13.80
CA PHE C 85 22.95 43.88 -14.19
C PHE C 85 24.31 44.41 -13.78
N ASP C 86 24.47 45.71 -13.82
CA ASP C 86 25.66 46.37 -13.27
C ASP C 86 25.90 45.90 -11.82
N LYS C 87 24.85 45.87 -11.03
CA LYS C 87 25.03 45.52 -9.62
C LYS C 87 25.47 44.06 -9.51
N CYS C 88 24.99 43.21 -10.40
CA CYS C 88 25.32 41.78 -10.33
C CYS C 88 26.78 41.62 -10.76
N ILE C 89 27.09 42.27 -11.89
CA ILE C 89 28.42 42.24 -12.47
C ILE C 89 29.44 42.65 -11.42
N GLU C 90 29.15 43.75 -10.72
CA GLU C 90 30.01 44.18 -9.63
C GLU C 90 30.19 43.07 -8.60
N GLU C 91 29.10 42.60 -7.97
CA GLU C 91 29.27 41.52 -7.00
C GLU C 91 30.00 40.30 -7.58
N ILE C 92 29.70 39.92 -8.82
CA ILE C 92 30.35 38.74 -9.42
C ILE C 92 31.83 38.97 -9.81
N HIS C 93 32.13 40.07 -10.50
CA HIS C 93 33.46 40.28 -11.04
C HIS C 93 34.25 41.47 -10.47
N HIS C 94 33.78 42.04 -9.35
CA HIS C 94 34.37 43.25 -8.82
C HIS C 94 34.73 44.24 -9.93
N PHE C 95 33.86 44.29 -10.93
CA PHE C 95 34.05 45.13 -12.10
C PHE C 95 33.00 46.25 -11.98
N LYS C 96 33.47 47.45 -11.66
CA LYS C 96 32.58 48.59 -11.39
C LYS C 96 31.68 48.91 -12.60
N PRO C 97 30.54 49.59 -12.36
CA PRO C 97 29.76 50.11 -13.49
C PRO C 97 30.59 50.96 -14.43
N SER C 98 31.61 51.67 -13.93
CA SER C 98 32.37 52.63 -14.75
C SER C 98 33.53 52.01 -15.54
N ASP C 99 33.83 50.75 -15.27
CA ASP C 99 34.90 50.03 -15.94
C ASP C 99 34.53 49.62 -17.36
N LYS C 100 35.52 49.67 -18.26
CA LYS C 100 35.39 49.19 -19.65
C LYS C 100 36.36 48.04 -19.96
N HIS C 101 35.80 46.94 -20.48
CA HIS C 101 36.60 45.77 -20.75
C HIS C 101 37.37 45.97 -22.03
N PRO C 102 38.70 45.81 -21.98
CA PRO C 102 39.55 45.99 -23.16
C PRO C 102 39.14 45.20 -24.40
N ALA C 103 39.80 45.51 -25.50
CA ALA C 103 39.55 44.84 -26.75
C ALA C 103 40.08 43.40 -26.68
N PRO C 104 39.54 42.55 -27.56
CA PRO C 104 40.04 41.21 -27.68
C PRO C 104 41.46 41.14 -28.21
N ASP C 105 42.31 40.37 -27.55
CA ASP C 105 43.64 40.11 -28.02
C ASP C 105 43.95 38.62 -27.94
N LEU C 106 44.10 38.04 -29.12
CA LEU C 106 44.47 36.66 -29.27
C LEU C 106 45.74 36.57 -30.10
N ASP C 107 46.77 37.30 -29.67
CA ASP C 107 48.07 37.28 -30.32
C ASP C 107 49.05 36.51 -29.45
N HIS C 108 48.96 35.19 -29.54
CA HIS C 108 49.85 34.23 -28.86
C HIS C 108 51.33 34.51 -29.05
N ASN C 109 51.69 35.04 -30.20
CA ASN C 109 53.09 35.41 -30.49
C ASN C 109 53.61 36.51 -29.56
N LYS C 110 52.72 37.15 -28.82
CA LYS C 110 53.09 38.15 -27.84
C LYS C 110 52.99 37.55 -26.44
N LEU C 111 52.70 36.25 -26.37
CA LEU C 111 52.76 35.49 -25.12
C LEU C 111 54.20 35.12 -24.80
N VAL C 112 54.64 35.57 -23.63
CA VAL C 112 56.01 35.36 -23.13
C VAL C 112 56.11 34.12 -22.23
N GLY C 113 56.70 33.07 -22.79
CA GLY C 113 57.10 31.90 -22.04
C GLY C 113 55.97 31.09 -21.47
N GLY C 114 55.28 30.34 -22.30
CA GLY C 114 54.27 29.38 -21.82
C GLY C 114 54.63 27.90 -21.98
N VAL C 115 55.90 27.55 -21.86
CA VAL C 115 56.37 26.15 -21.95
C VAL C 115 56.92 25.75 -20.60
N PHE C 116 56.16 24.96 -19.85
CA PHE C 116 56.47 24.62 -18.45
C PHE C 116 57.09 23.24 -18.34
N GLU C 117 57.74 22.97 -17.22
CA GLU C 117 58.32 21.66 -16.94
C GLU C 117 57.24 20.59 -16.69
N ASP C 118 57.11 19.63 -17.59
CA ASP C 118 56.19 18.49 -17.39
C ASP C 118 56.29 17.95 -15.96
N LYS C 119 57.50 17.96 -15.40
CA LYS C 119 57.74 17.54 -14.04
C LYS C 119 56.69 18.11 -13.10
N TYR C 120 56.37 19.39 -13.26
CA TYR C 120 55.35 20.07 -12.42
C TYR C 120 53.96 20.26 -13.11
N VAL C 121 53.96 20.62 -14.39
CA VAL C 121 52.71 20.91 -15.06
C VAL C 121 52.25 19.70 -15.86
N LYS C 122 51.23 19.02 -15.34
CA LYS C 122 50.82 17.73 -15.88
C LYS C 122 49.94 17.84 -17.11
N SER C 123 49.14 18.88 -17.18
CA SER C 123 48.29 19.14 -18.32
C SER C 123 47.91 20.60 -18.30
N CYS C 124 47.39 21.08 -19.41
CA CYS C 124 46.74 22.39 -19.39
C CYS C 124 45.65 22.51 -20.44
N ARG C 125 44.74 23.45 -20.19
CA ARG C 125 43.58 23.62 -21.03
C ARG C 125 43.06 25.04 -20.93
N ILE C 126 42.56 25.53 -22.05
CA ILE C 126 41.97 26.84 -22.14
C ILE C 126 40.62 26.64 -22.77
N ARG C 127 39.55 26.90 -22.01
CA ARG C 127 38.21 26.95 -22.57
C ARG C 127 37.69 28.36 -22.58
N CYS C 128 36.77 28.63 -23.51
CA CYS C 128 35.99 29.83 -23.46
C CYS C 128 34.62 29.58 -24.06
N GLY C 129 33.68 30.48 -23.74
CA GLY C 129 32.37 30.52 -24.33
C GLY C 129 32.25 31.68 -25.29
N ARG C 130 31.46 31.49 -26.35
CA ARG C 130 31.17 32.50 -27.35
C ARG C 130 29.70 32.36 -27.72
N SER C 131 29.20 33.34 -28.47
CA SER C 131 27.81 33.41 -28.87
C SER C 131 27.67 34.06 -30.26
N VAL C 132 26.85 33.46 -31.10
CA VAL C 132 26.54 33.99 -32.42
C VAL C 132 25.66 35.23 -32.31
N LYS C 133 26.15 36.34 -32.85
CA LYS C 133 25.48 37.61 -32.73
C LYS C 133 24.18 37.58 -33.52
N GLY C 134 23.19 38.35 -33.06
CA GLY C 134 21.91 38.49 -33.74
C GLY C 134 21.02 37.27 -33.62
N VAL C 135 21.33 36.41 -32.65
CA VAL C 135 20.56 35.23 -32.32
C VAL C 135 20.41 35.24 -30.82
N CYS C 136 19.26 34.82 -30.31
CA CYS C 136 19.08 34.79 -28.85
C CYS C 136 19.94 33.71 -28.30
N LEU C 137 20.11 33.80 -26.99
CA LEU C 137 20.89 32.87 -26.22
C LEU C 137 20.02 31.66 -25.90
N PRO C 138 20.63 30.53 -25.46
CA PRO C 138 19.94 29.30 -25.08
C PRO C 138 18.67 29.41 -24.23
N PRO C 139 18.62 30.31 -23.22
CA PRO C 139 17.40 30.43 -22.44
C PRO C 139 16.11 30.78 -23.23
N ALA C 140 16.24 31.56 -24.30
CA ALA C 140 15.08 32.11 -25.01
C ALA C 140 14.98 31.70 -26.48
N MET C 141 16.06 31.16 -27.03
CA MET C 141 16.13 30.90 -28.46
C MET C 141 15.24 29.74 -28.85
N SER C 142 14.83 29.74 -30.12
CA SER C 142 13.96 28.70 -30.65
C SER C 142 14.76 27.64 -31.37
N ARG C 143 14.06 26.62 -31.85
CA ARG C 143 14.67 25.49 -32.50
C ARG C 143 15.41 25.98 -33.74
N ALA C 144 14.71 26.83 -34.49
CA ALA C 144 15.19 27.46 -35.72
C ALA C 144 16.46 28.28 -35.56
N GLU C 145 16.55 28.99 -34.45
CA GLU C 145 17.74 29.74 -34.13
C GLU C 145 18.85 28.74 -33.85
N ARG C 146 18.51 27.71 -33.09
CA ARG C 146 19.50 26.77 -32.64
C ARG C 146 20.03 26.01 -33.85
N ARG C 147 19.13 25.67 -34.75
CA ARG C 147 19.52 24.97 -35.95
C ARG C 147 20.37 25.84 -36.82
N LEU C 148 20.02 27.12 -36.89
CA LEU C 148 20.82 28.10 -37.62
C LEU C 148 22.25 28.12 -37.03
N VAL C 149 22.34 28.31 -35.72
CA VAL C 149 23.61 28.31 -34.99
C VAL C 149 24.42 27.03 -35.29
N GLU C 150 23.77 25.90 -35.42
CA GLU C 150 24.46 24.67 -35.76
C GLU C 150 25.02 24.70 -37.18
N LYS C 151 24.30 25.32 -38.11
CA LYS C 151 24.80 25.42 -39.49
C LYS C 151 26.04 26.29 -39.54
N VAL C 152 25.96 27.45 -38.87
CA VAL C 152 26.98 28.47 -39.00
C VAL C 152 28.28 27.90 -38.46
N VAL C 153 28.23 27.51 -37.20
CA VAL C 153 29.41 27.08 -36.49
C VAL C 153 30.01 25.82 -37.13
N SER C 154 29.22 24.78 -37.31
CA SER C 154 29.78 23.57 -37.93
C SER C 154 30.33 23.82 -39.34
N ASP C 155 29.70 24.72 -40.10
CA ASP C 155 30.24 25.15 -41.41
C ASP C 155 31.59 25.85 -41.31
N ALA C 156 31.75 26.71 -40.31
CA ALA C 156 33.02 27.39 -40.11
C ALA C 156 34.03 26.42 -39.51
N LEU C 157 33.61 25.61 -38.54
CA LEU C 157 34.51 24.58 -38.00
C LEU C 157 34.90 23.59 -39.09
N GLY C 158 33.99 23.38 -40.03
CA GLY C 158 34.28 22.58 -41.21
C GLY C 158 35.24 23.21 -42.22
N GLY C 159 35.78 24.40 -41.89
CA GLY C 159 36.71 25.13 -42.81
C GLY C 159 38.18 25.13 -42.39
N LEU C 160 38.41 24.81 -41.12
CA LEU C 160 39.74 24.79 -40.51
C LEU C 160 40.67 23.79 -41.15
N LYS C 161 41.98 24.07 -41.10
CA LYS C 161 42.96 23.25 -41.78
C LYS C 161 44.21 22.95 -40.97
N GLY C 162 44.93 21.90 -41.36
CA GLY C 162 46.19 21.50 -40.72
C GLY C 162 45.94 20.75 -39.43
N ASP C 163 46.58 21.22 -38.36
CA ASP C 163 46.31 20.73 -36.99
C ASP C 163 44.89 21.05 -36.50
N LEU C 164 44.25 22.00 -37.18
CA LEU C 164 42.88 22.40 -36.88
C LEU C 164 41.82 21.58 -37.61
N ALA C 165 42.10 21.09 -38.81
CA ALA C 165 41.09 20.34 -39.54
C ALA C 165 40.56 19.21 -38.67
N GLY C 166 39.28 18.91 -38.78
CA GLY C 166 38.70 17.89 -37.92
C GLY C 166 37.47 17.22 -38.48
N LYS C 167 36.42 17.19 -37.67
CA LYS C 167 35.08 16.74 -38.13
C LYS C 167 33.96 16.82 -37.08
N TYR C 168 32.75 16.99 -37.61
CA TYR C 168 31.59 17.28 -36.80
C TYR C 168 30.86 15.99 -36.54
N TYR C 169 30.38 15.83 -35.30
CA TYR C 169 29.53 14.73 -34.89
C TYR C 169 28.30 15.27 -34.19
N PRO C 170 27.26 15.63 -34.95
CA PRO C 170 26.03 16.13 -34.31
C PRO C 170 25.31 15.07 -33.50
N LEU C 171 24.56 15.51 -32.47
CA LEU C 171 23.89 14.58 -31.55
C LEU C 171 22.66 13.83 -32.09
N THR C 172 21.80 14.50 -32.85
CA THR C 172 20.53 13.89 -33.25
C THR C 172 20.75 12.65 -34.13
N THR C 173 21.78 12.65 -34.99
CA THR C 173 22.07 11.47 -35.82
C THR C 173 23.29 10.65 -35.34
N MET C 174 23.58 10.72 -34.04
CA MET C 174 24.75 10.08 -33.45
C MET C 174 24.63 8.56 -33.55
N ASN C 175 25.26 8.00 -34.58
CA ASN C 175 25.53 6.56 -34.63
C ASN C 175 26.33 6.27 -33.40
N GLU C 176 26.40 5.00 -33.01
CA GLU C 176 26.92 4.71 -31.69
C GLU C 176 28.33 4.19 -31.69
N LYS C 177 28.83 3.72 -32.81
CA LYS C 177 30.27 3.56 -32.96
C LYS C 177 30.97 4.88 -32.54
N ASP C 178 30.35 6.02 -32.85
CA ASP C 178 30.91 7.35 -32.55
C ASP C 178 30.57 7.84 -31.15
N GLN C 179 29.36 7.50 -30.69
CA GLN C 179 29.00 7.63 -29.27
C GLN C 179 30.09 7.01 -28.39
N GLU C 180 30.42 5.74 -28.66
CA GLU C 180 31.43 4.96 -27.92
C GLU C 180 32.79 5.64 -27.92
N GLN C 181 33.26 5.98 -29.11
CA GLN C 181 34.55 6.65 -29.29
C GLN C 181 34.61 8.05 -28.61
N LEU C 182 33.56 8.86 -28.77
CA LEU C 182 33.49 10.19 -28.13
C LEU C 182 33.51 10.13 -26.58
N ILE C 183 32.90 9.10 -26.00
CA ILE C 183 32.99 8.87 -24.56
C ILE C 183 34.42 8.45 -24.20
N GLU C 184 35.03 7.60 -25.03
CA GLU C 184 36.42 7.16 -24.83
C GLU C 184 37.31 8.39 -24.63
N ASP C 185 37.10 9.42 -25.45
CA ASP C 185 37.94 10.59 -25.39
C ASP C 185 37.41 11.68 -24.44
N HIS C 186 36.37 11.40 -23.64
CA HIS C 186 35.76 12.41 -22.74
C HIS C 186 35.32 13.67 -23.51
N PHE C 187 34.75 13.46 -24.69
CA PHE C 187 34.29 14.55 -25.55
C PHE C 187 32.77 14.71 -25.52
N LEU C 188 32.03 13.77 -24.93
CA LEU C 188 30.55 13.77 -25.06
C LEU C 188 29.86 14.55 -23.92
N PHE C 189 28.91 15.42 -24.27
CA PHE C 189 28.05 16.02 -23.27
C PHE C 189 26.64 15.50 -23.47
N GLU C 190 25.87 15.45 -22.38
CA GLU C 190 24.51 14.91 -22.37
C GLU C 190 23.50 16.01 -22.04
N LYS C 191 22.21 15.63 -21.98
CA LYS C 191 21.15 16.56 -21.59
C LYS C 191 21.36 16.98 -20.15
N PRO C 192 21.36 18.30 -19.88
CA PRO C 192 21.54 18.72 -18.50
C PRO C 192 20.45 18.19 -17.60
N THR C 193 20.79 18.03 -16.33
CA THR C 193 19.84 17.67 -15.30
C THR C 193 20.03 18.62 -14.11
N GLY C 194 20.81 19.67 -14.33
CA GLY C 194 21.18 20.60 -13.28
C GLY C 194 20.05 21.58 -13.14
N ALA C 195 20.14 22.42 -12.12
CA ALA C 195 19.05 23.28 -11.73
C ALA C 195 19.04 24.49 -12.62
N LEU C 196 20.22 25.08 -12.81
CA LEU C 196 20.30 26.26 -13.64
C LEU C 196 19.99 25.89 -15.07
N LEU C 197 20.70 24.92 -15.62
CA LEU C 197 20.53 24.61 -17.02
C LEU C 197 19.05 24.29 -17.34
N THR C 198 18.38 23.51 -16.49
CA THR C 198 16.99 23.12 -16.77
C THR C 198 16.02 24.29 -16.63
N THR C 199 15.99 24.86 -15.41
CA THR C 199 15.00 25.89 -15.00
C THR C 199 15.15 27.24 -15.70
N SER C 200 16.22 27.40 -16.49
CA SER C 200 16.49 28.60 -17.28
C SER C 200 16.06 28.45 -18.75
N GLY C 201 15.71 27.24 -19.17
CA GLY C 201 15.32 26.98 -20.56
C GLY C 201 16.44 26.52 -21.50
N CYS C 202 17.51 25.93 -20.98
CA CYS C 202 18.68 25.59 -21.82
C CYS C 202 18.75 24.15 -22.25
N ALA C 203 17.87 23.33 -21.68
CA ALA C 203 17.75 21.94 -22.03
C ALA C 203 16.53 21.72 -22.94
N ARG C 204 15.99 22.78 -23.53
CA ARG C 204 14.80 22.61 -24.36
C ARG C 204 15.09 21.89 -25.68
N ASP C 205 14.17 21.04 -26.12
CA ASP C 205 14.27 20.44 -27.46
C ASP C 205 15.56 19.59 -27.69
N TRP C 206 16.05 18.94 -26.65
CA TRP C 206 17.23 18.12 -26.75
C TRP C 206 16.97 16.91 -27.62
N PRO C 207 17.99 16.38 -28.37
CA PRO C 207 19.33 16.91 -28.71
C PRO C 207 19.38 17.74 -29.98
N ASP C 208 18.23 18.15 -30.45
CA ASP C 208 18.16 18.96 -31.63
C ASP C 208 19.10 20.17 -31.58
N GLY C 209 19.88 20.36 -32.65
CA GLY C 209 20.79 21.50 -32.77
C GLY C 209 22.13 21.41 -32.03
N ARG C 210 22.34 20.32 -31.28
CA ARG C 210 23.56 20.15 -30.49
C ARG C 210 24.50 19.26 -31.26
N GLY C 211 25.79 19.52 -31.13
CA GLY C 211 26.81 18.69 -31.72
C GLY C 211 28.18 18.85 -31.10
N ILE C 212 29.08 17.95 -31.50
CA ILE C 212 30.46 17.95 -31.05
C ILE C 212 31.38 17.90 -32.24
N TRP C 213 32.45 18.68 -32.15
CA TRP C 213 33.44 18.78 -33.19
C TRP C 213 34.81 18.78 -32.54
N HIS C 214 35.70 17.97 -33.07
CA HIS C 214 37.08 17.97 -32.60
C HIS C 214 38.03 17.84 -33.76
N ASN C 215 39.23 18.41 -33.61
CA ASN C 215 40.26 18.26 -34.64
C ASN C 215 40.81 16.86 -34.63
N ASN C 216 41.31 16.43 -35.78
CA ASN C 216 41.81 15.05 -35.93
C ASN C 216 42.85 14.71 -34.88
N GLU C 217 43.53 15.75 -34.38
CA GLU C 217 44.58 15.58 -33.37
C GLU C 217 44.03 15.32 -31.98
N LYS C 218 42.83 15.80 -31.71
CA LYS C 218 42.10 15.53 -30.47
C LYS C 218 42.68 16.28 -29.28
N ASN C 219 43.05 17.53 -29.57
CA ASN C 219 43.54 18.48 -28.60
C ASN C 219 42.82 19.83 -28.77
N PHE C 220 41.77 19.84 -29.60
CA PHE C 220 40.95 21.01 -29.81
C PHE C 220 39.53 20.52 -29.96
N LEU C 221 38.65 20.96 -29.05
CA LEU C 221 37.30 20.43 -28.92
C LEU C 221 36.27 21.57 -28.91
N VAL C 222 35.14 21.36 -29.59
CA VAL C 222 34.06 22.36 -29.62
C VAL C 222 32.73 21.70 -29.28
N TRP C 223 31.92 22.41 -28.48
CA TRP C 223 30.58 21.99 -28.11
C TRP C 223 29.58 23.00 -28.66
N ILE C 224 28.62 22.51 -29.43
CA ILE C 224 27.63 23.37 -30.06
C ILE C 224 26.28 23.26 -29.32
N ASN C 225 25.77 24.40 -28.84
CA ASN C 225 24.49 24.47 -28.11
C ASN C 225 24.41 23.63 -26.85
N GLU C 226 25.42 23.69 -25.99
CA GLU C 226 25.43 22.91 -24.74
C GLU C 226 24.91 23.68 -23.54
N GLU C 227 25.47 24.87 -23.36
CA GLU C 227 24.92 25.88 -22.43
C GLU C 227 25.05 27.24 -23.07
N ASP C 228 25.99 27.39 -24.00
CA ASP C 228 26.13 28.57 -24.83
C ASP C 228 26.13 28.14 -26.26
N HIS C 229 26.15 29.09 -27.18
CA HIS C 229 26.18 28.75 -28.57
C HIS C 229 27.41 27.91 -28.82
N ILE C 230 28.56 28.34 -28.31
CA ILE C 230 29.87 27.70 -28.60
C ILE C 230 30.69 27.51 -27.35
N ARG C 231 31.21 26.31 -27.15
CA ARG C 231 32.25 26.12 -26.15
C ARG C 231 33.52 25.51 -26.77
N VAL C 232 34.59 26.29 -26.82
CA VAL C 232 35.84 25.83 -27.43
C VAL C 232 36.84 25.46 -26.33
N ILE C 233 37.42 24.28 -26.45
CA ILE C 233 38.42 23.82 -25.50
C ILE C 233 39.66 23.36 -26.24
N SER C 234 40.78 24.04 -26.00
CA SER C 234 42.08 23.52 -26.39
C SER C 234 42.78 22.94 -25.15
N MET C 235 43.14 21.66 -25.23
CA MET C 235 43.74 20.94 -24.10
C MET C 235 44.79 19.94 -24.55
N GLN C 236 45.73 19.65 -23.66
CA GLN C 236 46.70 18.58 -23.88
C GLN C 236 47.50 18.28 -22.63
N LYS C 237 47.86 17.02 -22.46
CA LYS C 237 48.83 16.61 -21.47
C LYS C 237 50.14 17.38 -21.67
N GLY C 238 50.80 17.68 -20.56
CA GLY C 238 52.09 18.34 -20.60
C GLY C 238 52.01 19.79 -20.14
N GLY C 239 53.16 20.45 -20.22
CA GLY C 239 53.29 21.83 -19.75
C GLY C 239 53.38 22.87 -20.85
N ASP C 240 53.13 22.47 -22.11
CA ASP C 240 53.23 23.39 -23.26
C ASP C 240 51.94 24.21 -23.48
N LEU C 241 51.67 25.09 -22.53
CA LEU C 241 50.53 25.95 -22.63
C LEU C 241 50.67 26.93 -23.79
N LYS C 242 51.91 27.20 -24.22
CA LYS C 242 52.18 28.15 -25.32
C LYS C 242 51.55 27.64 -26.62
N ALA C 243 51.76 26.36 -26.91
CA ALA C 243 51.16 25.75 -28.08
C ALA C 243 49.64 25.45 -27.88
N VAL C 244 49.16 25.44 -26.64
CA VAL C 244 47.75 25.24 -26.41
C VAL C 244 47.02 26.55 -26.65
N PHE C 245 47.62 27.64 -26.19
CA PHE C 245 47.07 28.97 -26.46
C PHE C 245 47.19 29.27 -27.95
N SER C 246 48.32 28.93 -28.54
CA SER C 246 48.50 29.01 -30.00
C SER C 246 47.36 28.37 -30.81
N ARG C 247 47.01 27.14 -30.45
CA ARG C 247 45.96 26.44 -31.15
C ARG C 247 44.61 27.08 -30.88
N PHE C 248 44.39 27.43 -29.62
CA PHE C 248 43.21 28.16 -29.19
C PHE C 248 42.99 29.42 -30.03
N ALA C 249 43.93 30.34 -29.97
CA ALA C 249 43.76 31.61 -30.66
C ALA C 249 43.61 31.41 -32.16
N ARG C 250 44.50 30.61 -32.76
CA ARG C 250 44.44 30.39 -34.20
C ARG C 250 43.10 29.78 -34.54
N GLY C 251 42.67 28.82 -33.72
CA GLY C 251 41.42 28.10 -33.95
C GLY C 251 40.27 29.05 -33.92
N LEU C 252 40.28 29.89 -32.90
CA LEU C 252 39.24 30.85 -32.63
C LEU C 252 39.19 31.96 -33.68
N LEU C 253 40.34 32.49 -34.04
CA LEU C 253 40.40 33.56 -35.03
C LEU C 253 40.01 33.06 -36.43
N GLU C 254 40.31 31.81 -36.74
CA GLU C 254 39.89 31.27 -38.04
C GLU C 254 38.37 31.01 -38.14
N VAL C 255 37.77 30.64 -37.02
CA VAL C 255 36.34 30.39 -36.95
C VAL C 255 35.63 31.70 -37.10
N GLU C 256 36.08 32.70 -36.36
CA GLU C 256 35.45 34.01 -36.41
C GLU C 256 35.54 34.58 -37.82
N ARG C 257 36.72 34.47 -38.42
CA ARG C 257 36.97 34.82 -39.83
C ARG C 257 36.06 34.04 -40.79
N LEU C 258 36.02 32.71 -40.63
CA LEU C 258 35.20 31.88 -41.48
C LEU C 258 33.73 32.15 -41.36
N MET C 259 33.27 32.61 -40.19
CA MET C 259 31.87 32.98 -40.00
C MET C 259 31.57 34.33 -40.60
N LYS C 260 32.39 35.32 -40.23
CA LYS C 260 32.26 36.70 -40.77
C LYS C 260 32.07 36.71 -42.29
N GLU C 261 32.76 35.79 -42.97
CA GLU C 261 32.65 35.63 -44.41
C GLU C 261 31.24 35.27 -44.92
N CYS C 262 30.43 34.59 -44.10
CA CYS C 262 29.03 34.27 -44.44
C CYS C 262 28.07 35.22 -43.74
N GLY C 263 28.59 36.39 -43.34
CA GLY C 263 27.82 37.43 -42.68
C GLY C 263 27.37 37.09 -41.26
N HIS C 264 28.23 36.41 -40.49
CA HIS C 264 27.92 36.09 -39.11
C HIS C 264 29.09 36.45 -38.20
N GLY C 265 28.78 36.85 -36.96
CA GLY C 265 29.79 37.34 -36.01
C GLY C 265 29.57 36.82 -34.61
N LEU C 266 30.48 37.16 -33.71
CA LEU C 266 30.37 36.74 -32.32
C LEU C 266 29.65 37.82 -31.56
N MET C 267 29.08 37.44 -30.43
CA MET C 267 28.22 38.34 -29.66
C MET C 267 29.14 39.16 -28.80
N HIS C 268 29.18 40.47 -29.04
CA HIS C 268 30.13 41.34 -28.32
C HIS C 268 29.55 42.67 -27.84
N ASN C 269 29.54 42.86 -26.51
CA ASN C 269 29.20 44.15 -25.84
C ASN C 269 30.45 45.03 -25.76
N ASP C 270 30.34 46.32 -26.06
CA ASP C 270 31.54 47.17 -26.08
C ASP C 270 31.98 47.54 -24.64
N ARG C 271 31.24 47.11 -23.64
CA ARG C 271 31.65 47.34 -22.24
C ARG C 271 32.12 46.08 -21.51
N LEU C 272 31.54 44.93 -21.83
CA LEU C 272 31.82 43.69 -21.12
C LEU C 272 32.33 42.61 -22.03
N GLY C 273 32.77 42.96 -23.23
CA GLY C 273 33.27 41.96 -24.14
C GLY C 273 32.25 40.93 -24.58
N TYR C 274 32.62 39.64 -24.45
CA TYR C 274 31.83 38.56 -25.06
C TYR C 274 30.73 38.17 -24.08
N ILE C 275 29.57 37.84 -24.60
CA ILE C 275 28.41 37.54 -23.76
C ILE C 275 28.03 36.11 -23.89
N CYS C 276 27.56 35.56 -22.77
CA CYS C 276 27.07 34.19 -22.72
C CYS C 276 25.76 34.24 -21.97
N THR C 277 25.19 33.08 -21.64
CA THR C 277 23.90 33.14 -20.99
C THR C 277 24.16 33.50 -19.55
N CYS C 278 25.13 32.87 -18.91
CA CYS C 278 25.42 33.18 -17.52
C CYS C 278 26.35 34.41 -17.42
N PRO C 279 25.98 35.43 -16.59
CA PRO C 279 26.80 36.61 -16.35
C PRO C 279 28.23 36.33 -15.89
N THR C 280 28.43 35.25 -15.15
CA THR C 280 29.77 34.81 -14.76
C THR C 280 30.68 34.68 -15.99
N ASN C 281 30.08 34.42 -17.16
CA ASN C 281 30.84 34.17 -18.39
C ASN C 281 30.83 35.36 -19.36
N MET C 282 31.73 36.28 -19.06
CA MET C 282 31.76 37.61 -19.66
C MET C 282 33.19 38.03 -19.93
N GLY C 283 33.36 39.20 -20.52
CA GLY C 283 34.70 39.71 -20.84
C GLY C 283 35.32 38.77 -21.83
N THR C 284 36.51 38.28 -21.49
CA THR C 284 37.18 37.32 -22.35
C THR C 284 36.46 36.02 -22.33
N VAL C 285 35.83 35.68 -21.22
CA VAL C 285 35.24 34.35 -20.97
C VAL C 285 36.31 33.23 -20.95
N VAL C 286 37.57 33.60 -20.77
CA VAL C 286 38.69 32.66 -20.93
C VAL C 286 39.10 32.02 -19.64
N ARG C 287 39.14 30.70 -19.66
CA ARG C 287 39.60 29.98 -18.50
C ARG C 287 40.83 29.17 -18.83
N ALA C 288 41.99 29.72 -18.44
CA ALA C 288 43.25 29.04 -18.68
C ALA C 288 43.64 28.31 -17.45
N SER C 289 43.88 27.02 -17.54
CA SER C 289 44.20 26.28 -16.34
C SER C 289 45.32 25.26 -16.54
N VAL C 290 46.18 25.11 -15.54
CA VAL C 290 47.15 24.00 -15.49
C VAL C 290 46.90 23.02 -14.35
N HIS C 291 47.40 21.79 -14.51
CA HIS C 291 47.47 20.83 -13.40
C HIS C 291 48.88 20.82 -12.72
N LEU C 292 49.04 21.75 -11.78
CA LEU C 292 50.35 22.06 -11.17
C LEU C 292 50.66 21.14 -10.01
N ARG C 293 51.85 20.53 -10.06
CA ARG C 293 52.29 19.52 -9.09
C ARG C 293 53.25 20.16 -8.04
N LEU C 294 52.66 20.62 -6.92
CA LEU C 294 53.33 21.44 -5.89
C LEU C 294 53.57 20.69 -4.58
N ALA C 295 54.52 19.76 -4.57
CA ALA C 295 54.78 18.90 -3.39
C ALA C 295 54.95 19.69 -2.10
N PHE C 296 56.02 20.48 -2.03
CA PHE C 296 56.39 21.24 -0.84
C PHE C 296 55.39 22.37 -0.64
N LEU C 297 55.21 23.16 -1.70
CA LEU C 297 54.43 24.40 -1.67
C LEU C 297 53.00 24.24 -1.16
N GLU C 298 52.34 23.14 -1.49
CA GLU C 298 50.95 22.88 -1.07
C GLU C 298 50.68 22.93 0.46
N LYS C 299 51.68 23.26 1.28
CA LYS C 299 51.47 23.34 2.72
C LYS C 299 52.08 24.60 3.38
N HIS C 300 52.20 25.70 2.62
CA HIS C 300 52.79 26.94 3.16
C HIS C 300 51.69 27.85 3.72
N PRO C 301 51.98 28.55 4.85
CA PRO C 301 51.00 29.48 5.44
C PRO C 301 50.44 30.49 4.43
N ARG C 302 51.34 31.10 3.66
CA ARG C 302 50.99 32.16 2.72
C ARG C 302 50.77 31.62 1.28
N PHE C 303 50.28 30.39 1.17
CA PHE C 303 50.01 29.74 -0.12
C PHE C 303 48.83 30.40 -0.83
N ASP C 304 47.81 30.75 -0.04
CA ASP C 304 46.58 31.36 -0.57
C ASP C 304 46.75 32.87 -0.74
N GLU C 305 47.33 33.51 0.25
CA GLU C 305 47.62 34.94 0.19
C GLU C 305 48.38 35.26 -1.14
N MET C 306 49.35 34.41 -1.46
CA MET C 306 50.06 34.45 -2.74
C MET C 306 49.11 34.18 -3.91
N LEU C 307 48.32 33.13 -3.77
CA LEU C 307 47.45 32.65 -4.83
C LEU C 307 46.44 33.70 -5.28
N GLY C 308 46.10 34.63 -4.38
CA GLY C 308 45.09 35.65 -4.62
C GLY C 308 45.70 36.95 -5.07
N LYS C 309 46.92 37.20 -4.61
CA LYS C 309 47.66 38.36 -5.08
C LYS C 309 47.98 38.21 -6.58
N LEU C 310 48.35 37.00 -7.01
CA LEU C 310 48.53 36.71 -8.45
C LEU C 310 47.20 36.54 -9.21
N ARG C 311 46.08 36.75 -8.53
CA ARG C 311 44.74 36.63 -9.13
C ARG C 311 44.51 35.27 -9.83
N LEU C 312 44.95 34.20 -9.16
CA LEU C 312 44.72 32.84 -9.64
C LEU C 312 43.67 32.20 -8.77
N GLY C 313 42.94 31.25 -9.37
CA GLY C 313 41.96 30.42 -8.66
C GLY C 313 42.52 29.02 -8.42
N LYS C 314 42.23 28.47 -7.25
CA LYS C 314 42.80 27.18 -6.81
C LYS C 314 41.73 26.11 -6.56
N ARG C 315 41.82 25.00 -7.28
CA ARG C 315 40.84 23.91 -7.19
C ARG C 315 41.61 22.62 -7.44
N GLY C 316 41.29 21.56 -6.72
CA GLY C 316 41.91 20.25 -7.00
C GLY C 316 40.88 19.35 -7.65
N THR C 317 41.25 18.68 -8.76
CA THR C 317 40.36 17.65 -9.35
C THR C 317 40.45 16.40 -8.45
N GLY C 318 39.51 16.30 -7.52
CA GLY C 318 39.25 15.06 -6.81
C GLY C 318 38.43 14.16 -7.74
N GLY C 319 38.96 12.97 -8.02
CA GLY C 319 38.21 11.94 -8.75
C GLY C 319 37.96 12.13 -10.26
N GLU C 320 39.04 12.42 -10.99
CA GLU C 320 39.23 11.88 -12.34
C GLU C 320 40.70 11.48 -12.49
N SER C 321 41.14 10.69 -11.50
CA SER C 321 42.46 10.05 -11.44
C SER C 321 42.51 9.20 -10.14
N SER C 322 42.43 7.87 -10.28
CA SER C 322 42.25 6.97 -9.13
C SER C 322 43.42 6.86 -8.12
N LEU C 323 44.65 6.75 -8.62
CA LEU C 323 45.83 6.85 -7.73
C LEU C 323 45.97 8.34 -7.48
N ALA C 324 46.19 8.69 -6.21
CA ALA C 324 46.06 10.08 -5.74
C ALA C 324 46.85 11.09 -6.60
N THR C 325 46.14 12.11 -7.10
CA THR C 325 46.75 13.25 -7.78
C THR C 325 47.18 14.23 -6.68
N ASP C 326 48.11 13.76 -5.86
CA ASP C 326 48.16 14.19 -4.47
C ASP C 326 48.97 15.43 -4.21
N SER C 327 49.63 15.97 -5.22
CA SER C 327 50.21 17.29 -5.11
C SER C 327 49.69 18.21 -6.19
N THR C 328 48.80 17.71 -7.02
CA THR C 328 48.46 18.40 -8.24
C THR C 328 47.13 19.14 -8.10
N TYR C 329 47.05 20.31 -8.73
CA TYR C 329 45.90 21.21 -8.64
C TYR C 329 45.60 21.83 -9.99
N ASP C 330 44.36 22.28 -10.17
CA ASP C 330 43.92 22.95 -11.39
C ASP C 330 43.84 24.46 -11.18
N ILE C 331 45.01 25.10 -11.27
CA ILE C 331 45.11 26.54 -11.08
C ILE C 331 44.71 27.28 -12.35
N SER C 332 44.05 28.42 -12.20
CA SER C 332 43.55 29.13 -13.34
C SER C 332 43.46 30.60 -13.04
N ASN C 333 43.15 31.38 -14.07
CA ASN C 333 43.06 32.84 -13.94
C ASN C 333 41.74 33.18 -13.30
N TRP C 334 41.79 33.69 -12.08
CA TRP C 334 40.57 34.02 -11.36
C TRP C 334 39.67 34.86 -12.27
N ALA C 335 40.20 35.98 -12.76
CA ALA C 335 39.39 36.99 -13.44
C ALA C 335 38.92 36.58 -14.82
N ARG C 336 37.89 37.29 -15.29
CA ARG C 336 37.40 37.18 -16.65
C ARG C 336 37.12 38.55 -17.29
N LEU C 337 37.28 39.63 -16.52
CA LEU C 337 37.13 41.01 -17.02
C LEU C 337 38.40 41.90 -16.77
N GLY C 338 38.51 43.00 -17.53
CA GLY C 338 39.55 44.02 -17.30
C GLY C 338 40.90 43.75 -17.96
N LYS C 339 41.00 42.66 -18.72
CA LYS C 339 42.21 42.35 -19.47
C LYS C 339 41.83 41.53 -20.70
N SER C 340 42.66 41.60 -21.74
CA SER C 340 42.38 40.81 -22.92
C SER C 340 42.60 39.34 -22.56
N GLU C 341 42.36 38.45 -23.53
CA GLU C 341 42.46 37.02 -23.31
C GLU C 341 43.91 36.64 -23.20
N ARG C 342 44.75 37.24 -24.05
CA ARG C 342 46.19 37.04 -23.98
C ARG C 342 46.81 37.51 -22.66
N GLU C 343 46.35 38.63 -22.11
CA GLU C 343 46.88 39.14 -20.84
C GLU C 343 46.52 38.18 -19.71
N LEU C 344 45.29 37.68 -19.70
CA LEU C 344 44.89 36.70 -18.70
C LEU C 344 45.72 35.42 -18.76
N VAL C 345 46.06 34.97 -19.97
CA VAL C 345 46.88 33.78 -20.12
C VAL C 345 48.28 34.11 -19.61
N GLN C 346 48.75 35.31 -19.92
CA GLN C 346 50.02 35.81 -19.41
C GLN C 346 50.05 35.84 -17.88
N VAL C 347 48.94 36.29 -17.29
CA VAL C 347 48.75 36.30 -15.84
C VAL C 347 48.94 34.91 -15.24
N LEU C 348 48.40 33.90 -15.91
CA LEU C 348 48.54 32.52 -15.46
C LEU C 348 49.99 32.02 -15.62
N VAL C 349 50.58 32.29 -16.77
CA VAL C 349 51.94 31.90 -17.02
C VAL C 349 52.89 32.55 -16.03
N ASP C 350 52.64 33.83 -15.71
CA ASP C 350 53.50 34.59 -14.79
C ASP C 350 53.39 34.01 -13.40
N GLY C 351 52.17 33.59 -13.05
CA GLY C 351 51.88 33.04 -11.76
C GLY C 351 52.47 31.67 -11.60
N VAL C 352 52.34 30.85 -12.64
CA VAL C 352 52.81 29.48 -12.60
C VAL C 352 54.33 29.43 -12.48
N ASN C 353 55.01 30.42 -13.05
CA ASN C 353 56.46 30.52 -12.95
C ASN C 353 56.88 30.77 -11.53
N LEU C 354 56.21 31.72 -10.88
CA LEU C 354 56.50 32.04 -9.48
C LEU C 354 56.16 30.86 -8.55
N LEU C 355 55.02 30.22 -8.78
CA LEU C 355 54.60 29.05 -8.03
C LEU C 355 55.63 27.94 -8.14
N ILE C 356 56.07 27.65 -9.37
CA ILE C 356 57.11 26.62 -9.64
C ILE C 356 58.49 27.03 -9.15
N ALA C 357 58.75 28.33 -9.01
CA ALA C 357 60.06 28.78 -8.53
C ALA C 357 60.13 28.57 -7.01
N CYS C 358 58.96 28.71 -6.37
CA CYS C 358 58.84 28.58 -4.93
C CYS C 358 58.95 27.15 -4.49
N ASP C 359 58.18 26.29 -5.13
CA ASP C 359 58.27 24.85 -4.85
C ASP C 359 59.72 24.36 -4.95
N LYS C 360 60.46 24.84 -5.94
CA LYS C 360 61.89 24.55 -6.06
C LYS C 360 62.72 25.13 -4.89
N LYS C 361 62.29 26.29 -4.40
CA LYS C 361 63.05 27.07 -3.40
C LYS C 361 62.90 26.49 -1.98
N LEU C 362 61.67 26.12 -1.62
CA LEU C 362 61.40 25.35 -0.40
C LEU C 362 62.22 24.07 -0.38
N GLU C 363 62.27 23.43 -1.53
CA GLU C 363 62.99 22.19 -1.73
C GLU C 363 64.49 22.28 -1.42
N ALA C 364 65.09 23.46 -1.45
CA ALA C 364 66.54 23.63 -1.27
C ALA C 364 66.95 24.29 0.09
N GLY C 365 66.09 24.15 1.10
CA GLY C 365 66.34 24.73 2.43
C GLY C 365 66.04 26.22 2.53
N GLN C 366 65.66 26.82 1.40
CA GLN C 366 65.49 28.27 1.30
C GLN C 366 64.04 28.61 1.61
N SER C 367 63.83 29.68 2.36
CA SER C 367 62.49 30.20 2.63
C SER C 367 62.00 31.06 1.45
N ILE C 368 60.70 31.01 1.17
CA ILE C 368 60.10 31.81 0.07
C ILE C 368 59.30 33.02 0.57
N ASP C 369 59.72 33.60 1.69
CA ASP C 369 58.90 34.63 2.32
C ASP C 369 58.92 35.92 1.50
N ASP C 370 60.09 36.29 1.02
CA ASP C 370 60.22 37.48 0.17
C ASP C 370 59.95 37.16 -1.31
N MET C 371 59.76 35.88 -1.63
CA MET C 371 59.34 35.45 -2.97
C MET C 371 57.89 35.79 -3.23
N ILE C 372 57.11 35.83 -2.15
CA ILE C 372 55.70 36.13 -2.24
C ILE C 372 55.59 37.60 -2.65
N PRO C 373 54.72 37.89 -3.64
CA PRO C 373 54.62 39.26 -4.15
C PRO C 373 53.89 40.24 -3.19
N LYS C 374 53.86 41.50 -3.62
CA LYS C 374 53.11 42.58 -2.95
C LYS C 374 53.68 42.82 -1.57
N GLY D 2 -8.25 50.90 -20.67
CA GLY D 2 -7.17 50.96 -19.61
C GLY D 2 -6.59 49.56 -19.41
N SER D 3 -5.91 49.10 -20.45
CA SER D 3 -5.45 47.72 -20.56
C SER D 3 -3.93 47.64 -20.78
N ALA D 4 -3.15 48.06 -19.80
CA ALA D 4 -1.70 48.04 -19.96
C ALA D 4 -1.20 46.63 -19.73
N ILE D 5 -1.64 46.05 -18.64
CA ILE D 5 -1.13 44.73 -18.24
C ILE D 5 -1.67 43.71 -19.22
N GLN D 6 -2.99 43.72 -19.40
CA GLN D 6 -3.66 42.84 -20.36
C GLN D 6 -2.84 42.77 -21.67
N ASP D 7 -2.42 43.94 -22.16
CA ASP D 7 -1.66 44.05 -23.42
C ASP D 7 -0.21 43.62 -23.30
N TYR D 8 0.41 43.96 -22.19
CA TYR D 8 1.76 43.48 -21.92
C TYR D 8 1.80 41.96 -22.19
N PHE D 9 0.93 41.20 -21.52
CA PHE D 9 0.95 39.75 -21.64
C PHE D 9 0.64 39.21 -23.02
N VAL D 10 -0.09 39.97 -23.82
CA VAL D 10 -0.50 39.51 -25.14
C VAL D 10 0.73 39.13 -25.92
N LYS D 11 1.78 39.91 -25.75
CA LYS D 11 2.98 39.73 -26.55
C LYS D 11 4.06 38.95 -25.81
N ASN D 12 3.99 38.92 -24.46
CA ASN D 12 5.13 38.56 -23.60
C ASN D 12 4.95 37.43 -22.54
N ARG D 13 3.80 36.76 -22.45
CA ARG D 13 3.64 35.68 -21.45
C ARG D 13 4.89 34.83 -21.29
N VAL D 14 5.29 34.23 -22.40
CA VAL D 14 6.52 33.46 -22.48
C VAL D 14 7.55 34.44 -22.99
N GLY D 15 8.67 34.53 -22.32
CA GLY D 15 9.68 35.51 -22.71
C GLY D 15 10.65 34.98 -23.76
N HIS D 16 10.18 34.12 -24.66
CA HIS D 16 11.05 33.41 -25.58
C HIS D 16 10.99 34.12 -26.90
N SER D 17 12.05 34.00 -27.71
CA SER D 17 12.02 34.59 -29.05
C SER D 17 10.87 34.01 -29.90
N LYS D 18 10.35 34.84 -30.80
CA LYS D 18 9.21 34.46 -31.68
C LYS D 18 9.71 34.29 -33.10
N PRO D 19 10.08 33.05 -33.51
CA PRO D 19 10.73 32.84 -34.82
C PRO D 19 9.84 33.15 -36.03
N TRP D 20 8.58 33.49 -35.78
CA TRP D 20 7.63 33.84 -36.83
C TRP D 20 7.57 35.35 -37.11
N GLU D 21 7.75 36.16 -36.06
CA GLU D 21 7.59 37.57 -36.22
C GLU D 21 8.85 38.08 -36.87
N SER D 22 10.00 37.70 -36.34
CA SER D 22 11.25 38.31 -36.78
C SER D 22 11.67 37.80 -38.17
N GLY D 23 11.24 38.53 -39.20
CA GLY D 23 11.75 38.36 -40.55
C GLY D 23 11.51 36.97 -41.12
N LYS D 24 12.58 36.20 -41.31
CA LYS D 24 12.45 34.96 -42.05
C LYS D 24 12.99 33.73 -41.35
N PHE D 25 12.02 32.95 -40.87
CA PHE D 25 12.16 31.56 -40.54
C PHE D 25 10.82 30.92 -40.94
N LYS D 26 10.80 29.94 -41.85
CA LYS D 26 9.53 29.28 -42.16
C LYS D 26 9.18 28.33 -41.00
N ALA D 27 7.87 28.12 -40.82
CA ALA D 27 7.40 27.09 -39.91
C ALA D 27 8.29 25.85 -39.96
N ALA D 28 8.60 25.36 -41.15
CA ALA D 28 9.43 24.18 -41.33
C ALA D 28 10.71 24.30 -40.56
N ASP D 29 11.29 25.49 -40.59
CA ASP D 29 12.51 25.77 -39.85
C ASP D 29 12.39 25.53 -38.32
N ASN D 30 11.17 25.66 -37.75
CA ASN D 30 10.94 25.51 -36.32
C ASN D 30 10.31 24.17 -35.88
N PHE D 31 9.72 23.48 -36.84
CA PHE D 31 9.00 22.25 -36.58
C PHE D 31 9.85 21.22 -35.85
N PRO D 32 9.38 20.80 -34.66
CA PRO D 32 10.23 19.90 -33.89
C PRO D 32 10.22 18.53 -34.57
N ASP D 33 11.25 17.74 -34.33
CA ASP D 33 11.39 16.42 -34.91
C ASP D 33 10.97 15.33 -33.91
N LEU D 34 9.74 14.89 -34.02
CA LEU D 34 9.16 13.99 -33.05
C LEU D 34 9.20 12.52 -33.47
N SER D 35 10.00 12.19 -34.48
CA SER D 35 9.99 10.83 -35.02
C SER D 35 10.61 9.77 -34.09
N LYS D 36 11.08 10.18 -32.91
CA LYS D 36 11.58 9.26 -31.86
C LYS D 36 10.82 9.48 -30.56
N HIS D 37 9.67 10.16 -30.66
CA HIS D 37 8.87 10.44 -29.50
C HIS D 37 7.74 9.46 -29.42
N ASN D 38 7.14 9.43 -28.27
CA ASN D 38 6.02 8.58 -27.98
C ASN D 38 5.08 9.32 -27.05
N ASN D 39 4.27 10.20 -27.61
CA ASN D 39 3.19 10.83 -26.82
C ASN D 39 2.05 11.25 -27.73
N VAL D 40 0.97 11.68 -27.11
CA VAL D 40 -0.23 12.04 -27.85
C VAL D 40 0.01 13.24 -28.76
N MET D 41 0.66 14.26 -28.22
CA MET D 41 1.04 15.44 -29.03
C MET D 41 1.91 15.05 -30.24
N ALA D 42 2.89 14.19 -30.02
CA ALA D 42 3.76 13.74 -31.09
C ALA D 42 3.01 12.86 -32.10
N SER D 43 2.04 12.07 -31.64
CA SER D 43 1.20 11.26 -32.54
C SER D 43 0.30 12.13 -33.43
N GLN D 44 -0.15 13.27 -32.91
CA GLN D 44 -1.22 14.09 -33.55
C GLN D 44 -0.70 15.31 -34.29
N LEU D 45 0.49 15.79 -33.92
CA LEU D 45 1.09 16.95 -34.58
C LEU D 45 1.57 16.58 -35.97
N THR D 46 1.25 17.45 -36.93
CA THR D 46 1.65 17.34 -38.31
C THR D 46 2.23 18.66 -38.81
N LYS D 47 3.13 18.59 -39.78
CA LYS D 47 3.65 19.78 -40.46
C LYS D 47 2.57 20.84 -40.71
N GLU D 48 1.40 20.41 -41.12
CA GLU D 48 0.33 21.33 -41.46
C GLU D 48 -0.18 22.01 -40.22
N LEU D 49 -0.42 21.20 -39.19
CA LEU D 49 -0.96 21.70 -37.95
C LEU D 49 0.02 22.60 -37.25
N TYR D 50 1.30 22.30 -37.40
CA TYR D 50 2.29 23.18 -36.86
C TYR D 50 2.29 24.47 -37.67
N GLU D 51 2.26 24.39 -38.99
CA GLU D 51 2.28 25.62 -39.85
C GLU D 51 1.09 26.56 -39.58
N LYS D 52 -0.05 25.96 -39.28
CA LYS D 52 -1.28 26.68 -39.02
C LYS D 52 -1.27 27.40 -37.67
N TYR D 53 -0.73 26.78 -36.62
CA TYR D 53 -0.87 27.28 -35.24
C TYR D 53 0.39 27.91 -34.64
N TRP D 54 1.52 27.66 -35.27
CA TRP D 54 2.83 28.12 -34.82
C TRP D 54 2.81 29.60 -34.45
N ASP D 55 2.16 30.43 -35.27
CA ASP D 55 2.17 31.88 -35.08
C ASP D 55 0.91 32.47 -34.39
N LYS D 56 -0.01 31.60 -34.01
CA LYS D 56 -1.29 31.99 -33.46
C LYS D 56 -1.20 31.97 -31.93
N VAL D 57 -1.65 33.06 -31.32
CA VAL D 57 -1.43 33.33 -29.92
C VAL D 57 -2.76 33.62 -29.24
N THR D 58 -2.95 33.10 -28.03
CA THR D 58 -4.20 33.27 -27.28
C THR D 58 -4.33 34.72 -26.80
N PRO D 59 -5.56 35.16 -26.44
CA PRO D 59 -5.78 36.49 -25.84
C PRO D 59 -4.86 36.77 -24.66
N ASN D 60 -4.43 35.74 -23.94
CA ASN D 60 -3.46 35.88 -22.86
C ASN D 60 -1.99 35.77 -23.28
N GLY D 61 -1.70 35.60 -24.56
CA GLY D 61 -0.33 35.57 -25.02
C GLY D 61 0.33 34.22 -24.96
N VAL D 62 -0.44 33.18 -24.72
CA VAL D 62 0.09 31.81 -24.82
C VAL D 62 0.41 31.47 -26.28
N THR D 63 1.49 30.71 -26.50
CA THR D 63 1.86 30.31 -27.85
C THR D 63 1.57 28.82 -28.04
N PHE D 64 1.63 28.37 -29.28
CA PHE D 64 1.40 26.96 -29.55
C PHE D 64 2.54 26.19 -28.98
N ASP D 65 3.74 26.72 -29.19
CA ASP D 65 4.99 26.07 -28.71
C ASP D 65 4.95 25.86 -27.19
N LYS D 66 4.41 26.85 -26.46
CA LYS D 66 4.21 26.77 -25.03
C LYS D 66 3.31 25.59 -24.65
N CYS D 67 2.30 25.34 -25.48
CA CYS D 67 1.43 24.22 -25.22
C CYS D 67 2.02 22.85 -25.48
N ILE D 68 2.83 22.73 -26.51
CA ILE D 68 3.40 21.43 -26.84
C ILE D 68 4.83 21.22 -26.32
N GLN D 69 5.45 22.25 -25.72
CA GLN D 69 6.90 22.19 -25.37
C GLN D 69 7.19 20.98 -24.51
N THR D 70 6.31 20.68 -23.57
CA THR D 70 6.55 19.58 -22.64
C THR D 70 6.53 18.19 -23.33
N GLY D 71 5.72 18.06 -24.37
CA GLY D 71 5.69 16.87 -25.21
C GLY D 71 6.93 16.72 -26.07
N VAL D 72 7.53 17.85 -26.44
CA VAL D 72 8.77 17.87 -27.22
C VAL D 72 9.95 17.51 -26.34
N ASP D 73 9.90 17.95 -25.10
CA ASP D 73 10.99 17.77 -24.16
C ASP D 73 11.02 16.36 -23.49
N ASN D 74 9.93 15.60 -23.65
CA ASN D 74 9.80 14.30 -22.98
C ASN D 74 9.35 13.16 -23.94
N PRO D 75 10.31 12.55 -24.64
CA PRO D 75 9.98 11.45 -25.53
C PRO D 75 9.37 10.26 -24.84
N GLY D 76 9.69 10.04 -23.58
CA GLY D 76 9.20 8.86 -22.87
C GLY D 76 9.83 7.63 -23.43
N ASN D 77 9.64 6.51 -22.72
CA ASN D 77 9.96 5.14 -23.23
C ASN D 77 8.64 4.46 -23.61
N LYS D 78 8.70 3.14 -23.79
CA LYS D 78 7.47 2.35 -23.88
C LYS D 78 7.16 1.68 -22.54
N PHE D 79 7.91 2.06 -21.51
CA PHE D 79 7.82 1.37 -20.23
C PHE D 79 7.16 2.25 -19.20
N TYR D 80 7.26 3.58 -19.35
CA TYR D 80 6.56 4.50 -18.44
C TYR D 80 5.12 4.81 -18.90
N GLY D 81 4.67 4.11 -19.94
CA GLY D 81 3.35 4.36 -20.53
C GLY D 81 3.46 5.35 -21.67
N LYS D 82 2.34 6.00 -22.01
CA LYS D 82 2.26 6.97 -23.11
C LYS D 82 1.61 8.24 -22.65
N LYS D 83 2.35 9.33 -22.66
CA LYS D 83 1.87 10.59 -22.09
C LYS D 83 1.20 11.50 -23.12
N THR D 84 0.62 12.57 -22.60
CA THR D 84 -0.19 13.46 -23.40
C THR D 84 0.73 14.31 -24.23
N GLY D 85 1.70 14.91 -23.56
CA GLY D 85 2.73 15.69 -24.22
C GLY D 85 2.25 17.07 -24.58
N CYS D 86 1.25 17.55 -23.88
CA CYS D 86 0.85 18.93 -24.07
C CYS D 86 -0.11 19.37 -22.97
N VAL D 87 -0.50 20.63 -23.05
CA VAL D 87 -1.00 21.32 -21.90
C VAL D 87 -1.83 22.48 -22.41
N PHE D 88 -2.75 22.93 -21.57
CA PHE D 88 -3.44 24.19 -21.75
C PHE D 88 -2.84 25.35 -20.95
N GLY D 89 -2.55 26.43 -21.65
CA GLY D 89 -1.99 27.62 -21.05
C GLY D 89 -3.11 28.44 -20.43
N ASP D 90 -4.29 28.35 -21.03
CA ASP D 90 -5.41 29.12 -20.57
C ASP D 90 -6.72 28.59 -21.12
N GLU D 91 -7.80 29.25 -20.70
CA GLU D 91 -9.15 28.89 -21.10
C GLU D 91 -9.41 29.04 -22.60
N TYR D 92 -8.46 29.60 -23.36
CA TYR D 92 -8.59 29.80 -24.82
C TYR D 92 -7.76 28.82 -25.64
N SER D 93 -6.80 28.15 -25.01
CA SER D 93 -5.88 27.28 -25.71
C SER D 93 -6.61 26.25 -26.54
N TYR D 94 -7.65 25.64 -25.98
CA TYR D 94 -8.40 24.64 -26.70
C TYR D 94 -8.90 25.22 -28.03
N GLU D 95 -9.54 26.39 -27.97
CA GLU D 95 -10.21 26.92 -29.14
C GLU D 95 -9.24 27.39 -30.23
N CYS D 96 -8.11 28.01 -29.81
CA CYS D 96 -7.06 28.47 -30.73
C CYS D 96 -6.53 27.33 -31.58
N TYR D 97 -6.33 26.19 -30.93
CA TYR D 97 -5.62 25.10 -31.51
C TYR D 97 -6.55 23.94 -31.61
N LYS D 98 -7.80 24.24 -31.93
CA LYS D 98 -8.88 23.26 -31.93
C LYS D 98 -8.53 21.99 -32.70
N GLU D 99 -8.12 22.13 -33.95
CA GLU D 99 -7.89 20.98 -34.83
C GLU D 99 -6.77 20.07 -34.32
N PHE D 100 -5.81 20.64 -33.61
CA PHE D 100 -4.76 19.82 -32.98
C PHE D 100 -5.31 19.12 -31.73
N PHE D 101 -5.93 19.88 -30.83
CA PHE D 101 -6.47 19.33 -29.59
C PHE D 101 -7.62 18.35 -29.84
N ASP D 102 -8.48 18.65 -30.81
CA ASP D 102 -9.55 17.71 -31.17
C ASP D 102 -9.00 16.32 -31.47
N LYS D 103 -7.82 16.24 -32.07
CA LYS D 103 -7.16 14.95 -32.32
C LYS D 103 -6.65 14.24 -31.03
N CYS D 104 -6.01 14.99 -30.14
CA CYS D 104 -5.59 14.47 -28.83
C CYS D 104 -6.78 14.06 -28.00
N ILE D 105 -7.76 14.95 -27.96
CA ILE D 105 -9.00 14.71 -27.25
C ILE D 105 -9.64 13.41 -27.75
N GLU D 106 -9.55 13.14 -29.03
CA GLU D 106 -10.05 11.86 -29.54
C GLU D 106 -9.20 10.65 -29.21
N GLU D 107 -7.87 10.77 -29.24
CA GLU D 107 -7.04 9.66 -28.85
C GLU D 107 -7.24 9.28 -27.35
N ILE D 108 -7.35 10.30 -26.51
CA ILE D 108 -7.28 10.10 -25.06
C ILE D 108 -8.63 9.67 -24.46
N HIS D 109 -9.70 10.33 -24.90
CA HIS D 109 -11.02 10.17 -24.34
C HIS D 109 -12.01 9.48 -25.26
N HIS D 110 -11.59 9.09 -26.47
CA HIS D 110 -12.52 8.56 -27.45
C HIS D 110 -13.68 9.50 -27.59
N PHE D 111 -13.39 10.77 -27.83
CA PHE D 111 -14.40 11.82 -27.83
C PHE D 111 -14.23 12.70 -29.10
N LYS D 112 -15.23 12.60 -29.98
CA LYS D 112 -15.17 13.25 -31.29
C LYS D 112 -15.36 14.76 -31.12
N PRO D 113 -15.01 15.55 -32.16
CA PRO D 113 -15.37 17.00 -32.12
C PRO D 113 -16.90 17.28 -32.24
N SER D 114 -17.68 16.25 -32.54
CA SER D 114 -19.15 16.34 -32.55
C SER D 114 -19.84 16.00 -31.20
N ASP D 115 -19.13 15.30 -30.32
CA ASP D 115 -19.68 14.92 -29.03
C ASP D 115 -19.96 16.14 -28.16
N LYS D 116 -20.82 15.98 -27.16
CA LYS D 116 -21.08 17.07 -26.22
C LYS D 116 -20.88 16.53 -24.80
N HIS D 117 -20.44 17.36 -23.88
CA HIS D 117 -20.29 16.90 -22.54
C HIS D 117 -21.43 17.54 -21.82
N PRO D 118 -22.23 16.74 -21.13
CA PRO D 118 -23.43 17.31 -20.52
C PRO D 118 -23.09 18.24 -19.38
N ALA D 119 -24.02 19.12 -19.07
CA ALA D 119 -23.90 20.05 -17.98
C ALA D 119 -23.52 19.38 -16.65
N PRO D 120 -22.93 20.15 -15.74
CA PRO D 120 -22.54 19.56 -14.47
C PRO D 120 -23.70 18.99 -13.65
N ASP D 121 -23.46 17.90 -12.95
CA ASP D 121 -24.47 17.33 -12.07
C ASP D 121 -23.87 16.88 -10.74
N LEU D 122 -24.08 17.73 -9.74
CA LEU D 122 -23.65 17.46 -8.38
C LEU D 122 -24.82 17.35 -7.38
N ASP D 123 -25.99 16.87 -7.84
CA ASP D 123 -27.11 16.59 -6.93
C ASP D 123 -26.85 15.15 -6.43
N HIS D 124 -26.19 15.06 -5.28
CA HIS D 124 -25.76 13.79 -4.66
C HIS D 124 -26.92 12.95 -4.20
N ASN D 125 -28.02 13.62 -3.88
CA ASN D 125 -29.26 12.90 -3.61
C ASN D 125 -29.83 12.12 -4.78
N LYS D 126 -29.33 12.31 -5.99
CA LYS D 126 -29.81 11.50 -7.12
C LYS D 126 -28.99 10.21 -7.31
N LEU D 127 -27.89 10.07 -6.58
CA LEU D 127 -27.10 8.86 -6.64
C LEU D 127 -27.88 7.77 -5.97
N VAL D 128 -28.04 6.65 -6.68
CA VAL D 128 -28.68 5.45 -6.13
C VAL D 128 -27.63 4.45 -5.59
N GLY D 129 -27.79 3.98 -4.36
CA GLY D 129 -26.87 3.02 -3.76
C GLY D 129 -25.61 3.70 -3.28
N GLY D 130 -24.50 2.99 -3.34
CA GLY D 130 -23.18 3.57 -3.09
C GLY D 130 -22.53 3.26 -1.76
N VAL D 131 -23.13 2.37 -0.96
CA VAL D 131 -22.54 1.90 0.33
C VAL D 131 -22.16 0.43 0.25
N PHE D 132 -20.89 0.13 0.48
CA PHE D 132 -20.37 -1.22 0.32
C PHE D 132 -19.78 -1.77 1.59
N GLU D 133 -19.72 -3.11 1.68
CA GLU D 133 -19.07 -3.81 2.78
C GLU D 133 -17.57 -3.51 2.76
N ASP D 134 -16.98 -3.33 3.94
CA ASP D 134 -15.52 -3.09 4.09
C ASP D 134 -14.70 -4.30 3.67
N LYS D 135 -15.32 -5.46 3.77
CA LYS D 135 -14.71 -6.71 3.36
C LYS D 135 -14.27 -6.59 1.92
N TYR D 136 -15.06 -5.88 1.12
CA TYR D 136 -14.73 -5.71 -0.29
C TYR D 136 -14.13 -4.34 -0.57
N VAL D 137 -14.79 -3.28 -0.14
CA VAL D 137 -14.25 -1.95 -0.36
C VAL D 137 -13.53 -1.46 0.87
N LYS D 138 -12.22 -1.64 0.86
CA LYS D 138 -11.34 -1.21 1.94
C LYS D 138 -11.30 0.29 2.07
N SER D 139 -11.38 0.99 0.93
CA SER D 139 -11.52 2.45 0.95
C SER D 139 -11.98 3.05 -0.39
N CYS D 140 -12.33 4.32 -0.39
CA CYS D 140 -12.66 4.98 -1.64
C CYS D 140 -12.46 6.50 -1.63
N ARG D 141 -12.52 7.10 -2.80
CA ARG D 141 -12.35 8.53 -2.87
C ARG D 141 -12.77 9.12 -4.19
N ILE D 142 -12.98 10.42 -4.18
CA ILE D 142 -13.35 11.10 -5.39
C ILE D 142 -12.45 12.28 -5.47
N ARG D 143 -11.70 12.40 -6.56
CA ARG D 143 -10.96 13.62 -6.81
C ARG D 143 -11.36 14.25 -8.11
N CYS D 144 -11.25 15.57 -8.15
CA CYS D 144 -11.41 16.31 -9.39
C CYS D 144 -10.48 17.49 -9.42
N GLY D 145 -10.51 18.20 -10.54
CA GLY D 145 -9.72 19.38 -10.78
C GLY D 145 -10.62 20.46 -11.36
N ARG D 146 -10.34 21.70 -10.93
CA ARG D 146 -11.08 22.85 -11.38
C ARG D 146 -10.10 23.95 -11.57
N SER D 147 -10.53 24.98 -12.29
CA SER D 147 -9.74 26.15 -12.56
C SER D 147 -10.60 27.42 -12.48
N VAL D 148 -9.96 28.48 -12.03
CA VAL D 148 -10.59 29.77 -11.87
C VAL D 148 -10.74 30.47 -13.22
N LYS D 149 -11.98 30.79 -13.57
CA LYS D 149 -12.27 31.45 -14.85
C LYS D 149 -11.50 32.77 -14.91
N GLY D 150 -11.00 33.09 -16.11
CA GLY D 150 -10.32 34.36 -16.39
C GLY D 150 -8.89 34.46 -15.92
N VAL D 151 -8.31 33.36 -15.48
CA VAL D 151 -6.93 33.38 -15.01
C VAL D 151 -6.16 32.33 -15.80
N CYS D 152 -4.92 32.62 -16.15
CA CYS D 152 -4.14 31.63 -16.84
C CYS D 152 -3.90 30.40 -16.02
N LEU D 153 -3.66 29.31 -16.73
CA LEU D 153 -3.38 28.05 -16.12
C LEU D 153 -1.93 28.08 -15.65
N PRO D 154 -1.59 27.24 -14.67
CA PRO D 154 -0.27 27.10 -14.09
C PRO D 154 0.90 27.15 -15.05
N PRO D 155 0.81 26.47 -16.18
CA PRO D 155 1.95 26.59 -17.06
C PRO D 155 2.33 28.02 -17.39
N ALA D 156 1.37 28.94 -17.46
CA ALA D 156 1.72 30.30 -17.88
C ALA D 156 1.38 31.41 -16.95
N MET D 157 0.80 31.14 -15.80
CA MET D 157 0.31 32.23 -14.96
C MET D 157 1.43 33.01 -14.25
N SER D 158 1.17 34.26 -13.90
CA SER D 158 2.20 35.05 -13.24
C SER D 158 2.06 34.76 -11.77
N ARG D 159 3.03 35.21 -10.98
CA ARG D 159 2.91 35.19 -9.52
C ARG D 159 1.66 35.88 -9.09
N ALA D 160 1.39 37.05 -9.66
CA ALA D 160 0.21 37.85 -9.25
C ALA D 160 -1.09 37.07 -9.45
N GLU D 161 -1.22 36.45 -10.63
CA GLU D 161 -2.36 35.56 -10.90
C GLU D 161 -2.39 34.39 -9.93
N ARG D 162 -1.23 33.86 -9.59
CA ARG D 162 -1.18 32.74 -8.66
C ARG D 162 -1.61 33.23 -7.29
N ARG D 163 -0.99 34.27 -6.78
CA ARG D 163 -1.45 34.86 -5.50
C ARG D 163 -2.98 35.11 -5.46
N LEU D 164 -3.52 35.60 -6.57
CA LEU D 164 -4.93 35.97 -6.70
C LEU D 164 -5.83 34.74 -6.57
N VAL D 165 -5.50 33.69 -7.30
CA VAL D 165 -6.19 32.42 -7.21
C VAL D 165 -6.16 31.89 -5.78
N GLU D 166 -5.05 32.09 -5.10
CA GLU D 166 -4.95 31.62 -3.74
C GLU D 166 -5.91 32.35 -2.82
N LYS D 167 -5.98 33.68 -2.96
CA LYS D 167 -6.88 34.51 -2.14
C LYS D 167 -8.34 34.09 -2.36
N VAL D 168 -8.72 34.05 -3.63
CA VAL D 168 -10.08 33.72 -4.04
C VAL D 168 -10.55 32.38 -3.50
N VAL D 169 -9.75 31.33 -3.69
CA VAL D 169 -10.12 29.96 -3.28
C VAL D 169 -9.99 29.73 -1.76
N SER D 170 -8.93 30.27 -1.16
CA SER D 170 -8.78 30.16 0.31
C SER D 170 -9.94 30.86 1.06
N ASP D 171 -10.41 31.97 0.50
CA ASP D 171 -11.54 32.70 1.08
C ASP D 171 -12.82 31.89 0.91
N ALA D 172 -12.96 31.23 -0.24
CA ALA D 172 -14.15 30.40 -0.49
C ALA D 172 -14.21 29.22 0.45
N LEU D 173 -13.07 28.57 0.66
CA LEU D 173 -12.97 27.44 1.59
C LEU D 173 -13.24 27.89 3.01
N GLY D 174 -12.84 29.12 3.34
CA GLY D 174 -13.10 29.69 4.65
C GLY D 174 -14.54 30.03 4.93
N GLY D 175 -15.39 30.05 3.90
CA GLY D 175 -16.83 30.27 4.08
C GLY D 175 -17.61 28.98 4.27
N LEU D 176 -16.88 27.86 4.34
CA LEU D 176 -17.49 26.54 4.49
C LEU D 176 -17.80 26.23 5.91
N LYS D 177 -18.94 25.58 6.10
CA LYS D 177 -19.48 25.28 7.41
C LYS D 177 -20.01 23.87 7.47
N GLY D 178 -20.22 23.42 8.71
CA GLY D 178 -20.69 22.08 9.01
C GLY D 178 -19.52 21.13 9.02
N ASP D 179 -19.76 19.92 8.50
CA ASP D 179 -18.70 18.89 8.38
C ASP D 179 -17.61 19.30 7.44
N LEU D 180 -17.89 20.31 6.61
CA LEU D 180 -16.94 20.79 5.63
C LEU D 180 -16.13 21.98 6.13
N ALA D 181 -16.27 22.34 7.41
CA ALA D 181 -15.48 23.42 8.01
C ALA D 181 -14.03 22.97 8.26
N GLY D 182 -13.07 23.89 8.08
CA GLY D 182 -11.66 23.52 8.14
C GLY D 182 -10.75 24.72 8.04
N LYS D 183 -9.44 24.49 8.15
CA LYS D 183 -8.46 25.58 7.95
C LYS D 183 -7.45 25.40 6.79
N TYR D 184 -7.00 26.55 6.31
CA TYR D 184 -6.10 26.64 5.18
C TYR D 184 -4.68 26.81 5.69
N TYR D 185 -3.77 25.99 5.16
CA TYR D 185 -2.36 26.09 5.52
C TYR D 185 -1.55 26.57 4.34
N PRO D 186 -1.09 27.82 4.35
CA PRO D 186 -0.26 28.24 3.23
C PRO D 186 1.15 27.61 3.30
N LEU D 187 1.69 27.17 2.16
CA LEU D 187 3.01 26.55 2.16
C LEU D 187 4.14 27.53 2.50
N THR D 188 3.97 28.76 2.01
CA THR D 188 4.93 29.84 2.18
C THR D 188 5.25 30.16 3.65
N THR D 189 4.29 29.98 4.56
CA THR D 189 4.54 30.30 5.98
C THR D 189 4.26 29.12 6.86
N MET D 190 4.61 27.95 6.38
CA MET D 190 4.35 26.71 7.07
C MET D 190 5.36 26.50 8.16
N ASN D 191 4.89 26.20 9.35
CA ASN D 191 5.79 25.89 10.47
C ASN D 191 6.01 24.39 10.54
N GLU D 192 7.02 23.94 11.28
CA GLU D 192 7.38 22.49 11.24
C GLU D 192 6.30 21.70 11.96
N LYS D 193 5.63 22.39 12.88
CA LYS D 193 4.54 21.86 13.67
C LYS D 193 3.46 21.28 12.76
N ASP D 194 2.88 22.12 11.93
CA ASP D 194 1.82 21.67 11.04
C ASP D 194 2.33 20.85 9.84
N GLN D 195 3.59 21.03 9.47
CA GLN D 195 4.14 20.28 8.35
C GLN D 195 4.12 18.78 8.67
N GLU D 196 4.63 18.43 9.84
CA GLU D 196 4.65 17.04 10.27
C GLU D 196 3.22 16.50 10.36
N GLN D 197 2.33 17.32 10.92
CA GLN D 197 0.91 16.96 10.96
C GLN D 197 0.41 16.57 9.57
N LEU D 198 0.68 17.43 8.60
CA LEU D 198 0.14 17.21 7.28
C LEU D 198 0.83 16.03 6.64
N ILE D 199 2.07 15.77 7.04
CA ILE D 199 2.79 14.61 6.55
C ILE D 199 2.26 13.27 7.11
N GLU D 200 2.02 13.20 8.42
CA GLU D 200 1.43 11.99 8.99
C GLU D 200 0.02 11.72 8.42
N ASP D 201 -0.68 12.77 7.98
CA ASP D 201 -2.01 12.61 7.41
C ASP D 201 -2.00 12.26 5.90
N HIS D 202 -0.82 12.27 5.27
CA HIS D 202 -0.70 12.18 3.79
C HIS D 202 -1.34 13.36 3.05
N PHE D 203 -1.40 14.52 3.69
CA PHE D 203 -2.02 15.70 3.08
C PHE D 203 -1.02 16.63 2.34
N LEU D 204 0.26 16.50 2.59
CA LEU D 204 1.25 17.48 2.10
C LEU D 204 1.64 17.26 0.65
N PHE D 205 1.98 18.36 -0.04
CA PHE D 205 2.55 18.25 -1.37
C PHE D 205 3.73 19.16 -1.48
N GLU D 206 4.82 18.63 -2.02
CA GLU D 206 6.11 19.31 -2.06
C GLU D 206 6.38 19.80 -3.46
N LYS D 207 7.45 20.59 -3.61
CA LYS D 207 7.86 21.10 -4.93
C LYS D 207 7.92 19.96 -5.94
N PRO D 208 7.15 20.07 -7.04
CA PRO D 208 7.18 19.04 -8.07
C PRO D 208 8.56 18.84 -8.64
N THR D 209 8.91 17.56 -8.80
CA THR D 209 10.16 17.13 -9.46
C THR D 209 9.88 16.25 -10.71
N GLY D 210 8.64 15.83 -10.91
CA GLY D 210 8.30 15.00 -12.06
C GLY D 210 8.49 15.73 -13.37
N ALA D 211 8.71 14.97 -14.43
CA ALA D 211 8.97 15.53 -15.75
C ALA D 211 7.88 16.44 -16.33
N LEU D 212 6.60 16.05 -16.26
CA LEU D 212 5.51 16.88 -16.82
C LEU D 212 5.49 18.22 -16.15
N LEU D 213 5.33 18.22 -14.83
CA LEU D 213 5.14 19.46 -14.07
C LEU D 213 6.33 20.41 -14.17
N THR D 214 7.54 19.87 -14.25
CA THR D 214 8.73 20.74 -14.26
C THR D 214 8.84 21.43 -15.61
N THR D 215 8.69 20.68 -16.70
CA THR D 215 8.88 21.24 -18.03
C THR D 215 7.62 21.94 -18.52
N SER D 216 6.48 21.71 -17.86
CA SER D 216 5.23 22.40 -18.24
C SER D 216 5.26 23.81 -17.71
N GLY D 217 6.12 24.07 -16.74
CA GLY D 217 6.30 25.43 -16.23
C GLY D 217 5.46 25.63 -14.99
N CYS D 218 4.96 24.53 -14.46
CA CYS D 218 4.13 24.53 -13.27
C CYS D 218 4.89 24.43 -11.95
N ALA D 219 6.21 24.50 -11.93
CA ALA D 219 6.94 24.52 -10.66
C ALA D 219 7.48 25.94 -10.29
N ARG D 220 7.14 26.94 -11.11
CA ARG D 220 7.72 28.25 -10.99
C ARG D 220 7.29 28.96 -9.69
N ASP D 221 8.20 29.77 -9.16
CA ASP D 221 7.91 30.66 -8.06
C ASP D 221 7.48 29.89 -6.79
N TRP D 222 7.94 28.64 -6.65
CA TRP D 222 7.57 27.82 -5.50
C TRP D 222 8.18 28.40 -4.28
N PRO D 223 7.48 28.35 -3.15
CA PRO D 223 6.17 27.79 -2.85
C PRO D 223 5.03 28.82 -2.91
N ASP D 224 5.30 29.98 -3.51
CA ASP D 224 4.38 31.12 -3.54
C ASP D 224 3.04 30.79 -4.19
N GLY D 225 1.96 31.13 -3.49
CA GLY D 225 0.63 30.93 -3.98
C GLY D 225 0.05 29.54 -3.75
N ARG D 226 0.81 28.61 -3.14
CA ARG D 226 0.28 27.26 -2.87
C ARG D 226 -0.07 27.01 -1.43
N GLY D 227 -1.02 26.09 -1.24
CA GLY D 227 -1.48 25.70 0.07
C GLY D 227 -2.28 24.43 0.11
N ILE D 228 -2.42 23.93 1.32
CA ILE D 228 -3.27 22.82 1.62
C ILE D 228 -4.40 23.34 2.49
N TRP D 229 -5.59 22.82 2.21
CA TRP D 229 -6.75 23.04 3.02
C TRP D 229 -7.45 21.71 3.28
N HIS D 230 -7.91 21.50 4.50
CA HIS D 230 -8.72 20.32 4.79
C HIS D 230 -9.73 20.57 5.91
N ASN D 231 -10.73 19.70 6.00
CA ASN D 231 -11.76 19.81 7.02
C ASN D 231 -11.37 19.18 8.37
N ASN D 232 -12.06 19.63 9.41
CA ASN D 232 -11.70 19.22 10.76
C ASN D 232 -11.76 17.69 10.83
N GLU D 233 -12.76 17.12 10.15
CA GLU D 233 -12.92 15.66 10.04
C GLU D 233 -11.86 14.97 9.18
N LYS D 234 -11.11 15.75 8.42
CA LYS D 234 -10.02 15.26 7.59
C LYS D 234 -10.47 14.20 6.58
N ASN D 235 -11.62 14.42 5.96
CA ASN D 235 -12.07 13.56 4.87
C ASN D 235 -12.33 14.33 3.57
N PHE D 236 -11.98 15.61 3.55
CA PHE D 236 -12.20 16.48 2.40
C PHE D 236 -10.98 17.36 2.28
N LEU D 237 -10.29 17.31 1.14
CA LEU D 237 -8.94 17.86 1.02
C LEU D 237 -8.81 18.69 -0.24
N VAL D 238 -8.28 19.90 -0.09
CA VAL D 238 -7.97 20.72 -1.25
C VAL D 238 -6.51 21.14 -1.32
N TRP D 239 -5.91 20.98 -2.51
CA TRP D 239 -4.60 21.59 -2.81
C TRP D 239 -4.74 22.81 -3.72
N ILE D 240 -4.19 23.93 -3.29
CA ILE D 240 -4.22 25.13 -4.11
C ILE D 240 -2.94 25.33 -4.95
N ASN D 241 -3.09 25.41 -6.26
CA ASN D 241 -1.96 25.74 -7.14
C ASN D 241 -0.84 24.71 -7.16
N GLU D 242 -1.17 23.47 -6.85
CA GLU D 242 -0.27 22.37 -7.08
C GLU D 242 -0.19 22.12 -8.61
N GLU D 243 -0.88 21.15 -9.18
CA GLU D 243 -0.87 21.00 -10.63
C GLU D 243 -1.92 21.87 -11.33
N ASP D 244 -3.11 21.97 -10.74
CA ASP D 244 -4.19 22.83 -11.19
C ASP D 244 -4.47 23.90 -10.12
N HIS D 245 -5.33 24.87 -10.47
CA HIS D 245 -5.69 25.94 -9.55
C HIS D 245 -6.24 25.22 -8.36
N ILE D 246 -7.18 24.31 -8.62
CA ILE D 246 -7.88 23.60 -7.54
C ILE D 246 -7.90 22.09 -7.78
N ARG D 247 -7.47 21.36 -6.76
CA ARG D 247 -7.68 19.94 -6.69
C ARG D 247 -8.41 19.62 -5.38
N VAL D 248 -9.50 18.87 -5.45
CA VAL D 248 -10.25 18.51 -4.25
C VAL D 248 -10.44 17.00 -4.23
N ILE D 249 -10.39 16.40 -3.03
CA ILE D 249 -10.53 14.97 -2.83
C ILE D 249 -11.38 14.79 -1.59
N SER D 250 -12.28 13.83 -1.66
CA SER D 250 -13.13 13.42 -0.58
C SER D 250 -12.75 11.96 -0.41
N MET D 251 -12.18 11.59 0.73
CA MET D 251 -11.79 10.20 0.98
C MET D 251 -12.11 9.75 2.40
N GLN D 252 -12.11 8.43 2.58
CA GLN D 252 -12.31 7.78 3.87
C GLN D 252 -12.15 6.27 3.71
N LYS D 253 -11.81 5.54 4.79
CA LYS D 253 -11.68 4.09 4.59
C LYS D 253 -13.05 3.39 4.72
N GLY D 254 -13.15 2.18 4.17
CA GLY D 254 -14.42 1.45 4.10
C GLY D 254 -15.13 1.80 2.81
N GLY D 255 -16.31 1.21 2.58
CA GLY D 255 -17.00 1.29 1.27
C GLY D 255 -18.24 2.18 1.13
N ASP D 256 -18.30 3.24 1.92
CA ASP D 256 -19.41 4.20 1.88
C ASP D 256 -19.09 5.33 0.90
N LEU D 257 -19.05 4.98 -0.37
CA LEU D 257 -18.77 5.94 -1.43
C LEU D 257 -19.88 7.01 -1.50
N LYS D 258 -21.03 6.71 -0.91
CA LYS D 258 -22.19 7.57 -0.93
C LYS D 258 -21.92 8.84 -0.13
N ALA D 259 -21.52 8.70 1.12
CA ALA D 259 -21.09 9.85 1.94
C ALA D 259 -19.86 10.56 1.35
N VAL D 260 -18.94 9.80 0.76
CA VAL D 260 -17.84 10.43 0.02
C VAL D 260 -18.40 11.32 -1.11
N PHE D 261 -19.23 10.76 -1.97
CA PHE D 261 -19.81 11.58 -3.01
C PHE D 261 -20.57 12.76 -2.42
N SER D 262 -21.38 12.49 -1.41
CA SER D 262 -22.13 13.53 -0.71
C SER D 262 -21.24 14.69 -0.26
N ARG D 263 -20.14 14.37 0.39
CA ARG D 263 -19.28 15.39 0.98
C ARG D 263 -18.64 16.14 -0.13
N PHE D 264 -18.18 15.38 -1.14
CA PHE D 264 -17.53 15.92 -2.33
C PHE D 264 -18.43 16.89 -3.08
N ALA D 265 -19.66 16.47 -3.34
CA ALA D 265 -20.62 17.25 -4.11
C ALA D 265 -21.02 18.51 -3.39
N ARG D 266 -21.32 18.37 -2.11
CA ARG D 266 -21.74 19.54 -1.34
C ARG D 266 -20.64 20.57 -1.22
N GLY D 267 -19.38 20.15 -1.07
CA GLY D 267 -18.26 21.09 -0.89
C GLY D 267 -17.95 21.83 -2.16
N LEU D 268 -18.01 21.09 -3.24
CA LEU D 268 -17.72 21.64 -4.52
C LEU D 268 -18.77 22.67 -4.94
N LEU D 269 -20.06 22.34 -4.85
CA LEU D 269 -21.13 23.27 -5.21
C LEU D 269 -21.04 24.51 -4.38
N GLU D 270 -20.70 24.30 -3.11
CA GLU D 270 -20.67 25.38 -2.12
C GLU D 270 -19.51 26.36 -2.39
N VAL D 271 -18.33 25.82 -2.72
CA VAL D 271 -17.14 26.66 -3.05
C VAL D 271 -17.43 27.53 -4.25
N GLU D 272 -18.13 26.96 -5.21
CA GLU D 272 -18.49 27.71 -6.42
C GLU D 272 -19.46 28.84 -6.06
N ARG D 273 -20.34 28.56 -5.10
CA ARG D 273 -21.40 29.48 -4.67
C ARG D 273 -20.79 30.70 -4.02
N LEU D 274 -19.75 30.47 -3.22
CA LEU D 274 -19.09 31.55 -2.52
C LEU D 274 -18.17 32.34 -3.42
N MET D 275 -17.59 31.67 -4.42
CA MET D 275 -16.80 32.34 -5.43
C MET D 275 -17.62 33.30 -6.30
N LYS D 276 -18.85 32.89 -6.69
CA LYS D 276 -19.76 33.77 -7.47
C LYS D 276 -20.18 34.96 -6.65
N GLU D 277 -20.30 34.77 -5.35
CA GLU D 277 -20.59 35.86 -4.46
C GLU D 277 -19.48 36.95 -4.46
N CYS D 278 -18.31 36.68 -5.06
CA CYS D 278 -17.27 37.71 -5.29
C CYS D 278 -16.94 38.00 -6.73
N GLY D 279 -17.77 37.55 -7.66
CA GLY D 279 -17.55 37.76 -9.07
C GLY D 279 -16.47 36.86 -9.64
N HIS D 280 -16.41 35.62 -9.15
CA HIS D 280 -15.44 34.60 -9.63
C HIS D 280 -16.14 33.27 -9.98
N GLY D 281 -15.73 32.71 -11.12
CA GLY D 281 -16.40 31.55 -11.70
C GLY D 281 -15.37 30.47 -11.99
N LEU D 282 -15.85 29.28 -12.36
CA LEU D 282 -15.01 28.16 -12.78
C LEU D 282 -14.89 28.13 -14.27
N MET D 283 -13.66 27.84 -14.73
CA MET D 283 -13.33 27.69 -16.12
C MET D 283 -14.12 26.50 -16.60
N HIS D 284 -15.03 26.76 -17.54
CA HIS D 284 -15.91 25.74 -18.08
C HIS D 284 -16.21 25.99 -19.56
N ASN D 285 -15.79 25.07 -20.41
CA ASN D 285 -16.05 25.15 -21.81
C ASN D 285 -17.36 24.43 -22.07
N ASP D 286 -18.23 25.07 -22.85
CA ASP D 286 -19.56 24.52 -23.18
C ASP D 286 -19.60 23.09 -23.69
N ARG D 287 -18.65 22.72 -24.52
CA ARG D 287 -18.65 21.35 -25.04
C ARG D 287 -17.86 20.39 -24.15
N LEU D 288 -16.80 20.88 -23.49
CA LEU D 288 -15.75 20.01 -22.96
C LEU D 288 -15.73 19.96 -21.44
N GLY D 289 -16.72 20.56 -20.81
CA GLY D 289 -16.74 20.65 -19.36
C GLY D 289 -15.67 21.57 -18.79
N TYR D 290 -15.22 21.20 -17.60
CA TYR D 290 -14.28 21.97 -16.86
C TYR D 290 -12.90 21.81 -17.50
N ILE D 291 -12.06 22.81 -17.35
CA ILE D 291 -10.74 22.79 -17.98
C ILE D 291 -9.63 22.86 -16.95
N CYS D 292 -8.58 22.11 -17.25
CA CYS D 292 -7.41 22.04 -16.43
C CYS D 292 -6.24 21.89 -17.36
N THR D 293 -5.04 22.04 -16.80
CA THR D 293 -3.89 22.26 -17.63
C THR D 293 -3.65 21.02 -18.49
N CYS D 294 -3.98 19.84 -17.98
CA CYS D 294 -3.80 18.65 -18.82
C CYS D 294 -5.07 18.31 -19.63
N PRO D 295 -4.94 18.00 -20.93
CA PRO D 295 -6.05 17.50 -21.74
C PRO D 295 -6.78 16.25 -21.24
N THR D 296 -6.09 15.31 -20.57
CA THR D 296 -6.77 14.15 -19.94
C THR D 296 -7.72 14.57 -18.84
N ASN D 297 -7.53 15.78 -18.30
CA ASN D 297 -8.30 16.30 -17.16
C ASN D 297 -9.39 17.26 -17.60
N MET D 298 -10.43 16.69 -18.20
CA MET D 298 -11.55 17.44 -18.82
C MET D 298 -12.90 16.88 -18.45
N GLY D 299 -13.95 17.50 -19.01
CA GLY D 299 -15.31 17.09 -18.75
C GLY D 299 -15.70 17.30 -17.28
N THR D 300 -15.80 16.20 -16.56
CA THR D 300 -16.08 16.27 -15.15
C THR D 300 -14.80 16.60 -14.41
N VAL D 301 -13.72 16.08 -14.99
CA VAL D 301 -12.44 16.08 -14.36
C VAL D 301 -12.57 15.24 -13.09
N VAL D 302 -13.51 14.32 -13.08
CA VAL D 302 -13.83 13.55 -11.91
C VAL D 302 -13.17 12.18 -11.97
N ARG D 303 -12.57 11.77 -10.85
CA ARG D 303 -12.10 10.41 -10.75
C ARG D 303 -12.52 9.76 -9.44
N ALA D 304 -13.65 9.05 -9.53
CA ALA D 304 -14.15 8.28 -8.41
C ALA D 304 -13.34 7.03 -8.40
N SER D 305 -12.96 6.54 -7.23
CA SER D 305 -12.32 5.24 -7.19
C SER D 305 -12.47 4.56 -5.86
N VAL D 306 -12.27 3.23 -5.88
CA VAL D 306 -12.35 2.37 -4.70
C VAL D 306 -11.23 1.36 -4.72
N HIS D 307 -10.79 0.96 -3.53
CA HIS D 307 -9.79 -0.09 -3.39
C HIS D 307 -10.56 -1.39 -3.12
N LEU D 308 -10.57 -2.29 -4.10
CA LEU D 308 -11.54 -3.38 -4.11
C LEU D 308 -10.85 -4.74 -4.02
N ARG D 309 -11.16 -5.51 -2.98
CA ARG D 309 -10.67 -6.87 -2.85
C ARG D 309 -11.48 -7.87 -3.72
N LEU D 310 -10.86 -8.38 -4.78
CA LEU D 310 -11.49 -9.37 -5.66
C LEU D 310 -10.66 -10.64 -5.68
N ALA D 311 -10.79 -11.45 -4.63
CA ALA D 311 -9.94 -12.64 -4.43
C ALA D 311 -10.25 -13.76 -5.44
N PHE D 312 -11.46 -13.70 -5.99
CA PHE D 312 -11.97 -14.77 -6.82
C PHE D 312 -12.00 -14.32 -8.26
N LEU D 313 -12.70 -13.23 -8.50
CA LEU D 313 -12.85 -12.65 -9.82
C LEU D 313 -11.49 -12.38 -10.51
N GLU D 314 -10.50 -11.99 -9.73
CA GLU D 314 -9.18 -11.70 -10.29
C GLU D 314 -8.55 -12.87 -11.07
N LYS D 315 -8.92 -14.11 -10.75
CA LYS D 315 -8.37 -15.25 -11.48
C LYS D 315 -9.28 -15.77 -12.61
N HIS D 316 -10.19 -14.91 -13.05
CA HIS D 316 -11.11 -15.26 -14.12
C HIS D 316 -10.60 -14.61 -15.40
N PRO D 317 -10.70 -15.32 -16.54
CA PRO D 317 -10.26 -14.80 -17.84
C PRO D 317 -11.01 -13.56 -18.39
N ARG D 318 -12.33 -13.59 -18.30
CA ARG D 318 -13.13 -12.49 -18.75
C ARG D 318 -13.16 -11.30 -17.77
N PHE D 319 -12.26 -11.32 -16.79
CA PHE D 319 -12.19 -10.25 -15.80
C PHE D 319 -11.91 -8.90 -16.48
N ASP D 320 -10.76 -8.78 -17.08
CA ASP D 320 -10.39 -7.47 -17.63
C ASP D 320 -11.42 -7.09 -18.69
N GLU D 321 -11.90 -8.09 -19.44
CA GLU D 321 -12.98 -7.90 -20.41
C GLU D 321 -14.14 -7.21 -19.76
N MET D 322 -14.66 -7.83 -18.70
CA MET D 322 -15.83 -7.31 -18.00
C MET D 322 -15.68 -5.84 -17.64
N LEU D 323 -14.52 -5.51 -17.06
CA LEU D 323 -14.11 -4.13 -16.76
C LEU D 323 -14.13 -3.16 -17.95
N GLY D 324 -13.63 -3.59 -19.11
CA GLY D 324 -13.73 -2.79 -20.31
C GLY D 324 -15.19 -2.41 -20.59
N LYS D 325 -16.10 -3.37 -20.44
CA LYS D 325 -17.50 -3.18 -20.83
C LYS D 325 -18.28 -2.43 -19.78
N LEU D 326 -17.67 -2.26 -18.61
CA LEU D 326 -18.26 -1.48 -17.55
C LEU D 326 -17.71 -0.08 -17.56
N ARG D 327 -16.73 0.19 -18.43
CA ARG D 327 -16.09 1.51 -18.50
C ARG D 327 -15.41 1.86 -17.17
N LEU D 328 -14.72 0.88 -16.61
CA LEU D 328 -13.97 1.04 -15.38
C LEU D 328 -12.49 0.77 -15.61
N GLY D 329 -11.67 1.74 -15.23
CA GLY D 329 -10.22 1.55 -15.22
C GLY D 329 -9.79 0.75 -14.00
N LYS D 330 -8.77 -0.10 -14.17
CA LYS D 330 -8.21 -0.88 -13.07
C LYS D 330 -6.72 -0.59 -12.94
N ARG D 331 -6.15 -0.87 -11.78
CA ARG D 331 -4.72 -0.62 -11.55
C ARG D 331 -4.22 -1.46 -10.37
N THR D 341 -0.44 -8.34 -4.17
CA THR D 341 -1.45 -7.30 -3.92
C THR D 341 -2.49 -8.08 -3.18
N ASP D 342 -3.14 -7.52 -2.15
CA ASP D 342 -3.95 -8.41 -1.30
C ASP D 342 -4.73 -9.30 -2.26
N SER D 343 -5.77 -8.75 -2.88
CA SER D 343 -6.20 -9.17 -4.21
C SER D 343 -6.94 -7.92 -4.57
N THR D 344 -6.22 -6.81 -4.51
CA THR D 344 -6.86 -5.56 -4.25
C THR D 344 -6.44 -4.54 -5.28
N TYR D 345 -7.40 -4.17 -6.14
CA TYR D 345 -7.16 -3.29 -7.31
C TYR D 345 -7.69 -1.92 -6.99
N ASP D 346 -7.31 -0.93 -7.81
CA ASP D 346 -7.91 0.41 -7.72
C ASP D 346 -8.78 0.63 -8.97
N ILE D 347 -10.05 0.31 -8.77
CA ILE D 347 -11.09 0.46 -9.78
C ILE D 347 -11.64 1.88 -9.77
N SER D 348 -11.75 2.44 -10.97
CA SER D 348 -12.23 3.81 -11.16
C SER D 348 -13.06 3.93 -12.43
N ASN D 349 -13.78 5.04 -12.55
CA ASN D 349 -14.54 5.30 -13.75
C ASN D 349 -13.51 5.62 -14.80
N TRP D 350 -13.49 4.86 -15.86
CA TRP D 350 -12.53 5.10 -16.91
C TRP D 350 -12.75 6.46 -17.59
N ALA D 351 -14.01 6.87 -17.78
CA ALA D 351 -14.30 8.05 -18.57
C ALA D 351 -14.21 9.36 -17.75
N ARG D 352 -13.89 10.44 -18.45
CA ARG D 352 -13.88 11.77 -17.84
C ARG D 352 -14.92 12.69 -18.47
N LEU D 353 -15.19 12.46 -19.76
CA LEU D 353 -16.12 13.24 -20.56
C LEU D 353 -17.32 12.41 -21.05
N GLY D 354 -18.42 13.09 -21.35
CA GLY D 354 -19.61 12.46 -21.97
C GLY D 354 -20.75 12.15 -21.03
N LYS D 355 -20.43 12.04 -19.74
CA LYS D 355 -21.41 11.84 -18.68
C LYS D 355 -21.18 12.88 -17.56
N SER D 356 -22.23 13.22 -16.81
CA SER D 356 -22.09 14.16 -15.68
C SER D 356 -21.32 13.56 -14.50
N GLU D 357 -20.99 14.38 -13.49
CA GLU D 357 -20.17 13.92 -12.37
C GLU D 357 -20.83 12.74 -11.72
N ARG D 358 -22.06 12.91 -11.29
CA ARG D 358 -22.74 11.82 -10.62
C ARG D 358 -23.09 10.58 -11.49
N GLU D 359 -23.31 10.74 -12.80
CA GLU D 359 -23.55 9.57 -13.65
C GLU D 359 -22.29 8.73 -13.71
N LEU D 360 -21.13 9.38 -13.59
CA LEU D 360 -19.85 8.66 -13.53
C LEU D 360 -19.69 7.98 -12.19
N VAL D 361 -20.02 8.66 -11.12
CA VAL D 361 -19.96 8.06 -9.80
C VAL D 361 -20.91 6.87 -9.83
N GLN D 362 -22.07 7.08 -10.44
CA GLN D 362 -23.04 6.00 -10.60
C GLN D 362 -22.52 4.89 -11.51
N VAL D 363 -21.55 5.17 -12.39
CA VAL D 363 -20.88 4.09 -13.13
C VAL D 363 -20.06 3.22 -12.18
N LEU D 364 -19.33 3.84 -11.27
CA LEU D 364 -18.54 3.08 -10.29
C LEU D 364 -19.43 2.20 -9.40
N VAL D 365 -20.58 2.71 -9.00
CA VAL D 365 -21.47 1.97 -8.10
C VAL D 365 -22.16 0.87 -8.87
N ASP D 366 -22.65 1.16 -10.07
CA ASP D 366 -23.20 0.12 -10.94
C ASP D 366 -22.14 -0.98 -11.11
N GLY D 367 -20.93 -0.56 -11.46
CA GLY D 367 -19.82 -1.48 -11.75
C GLY D 367 -19.26 -2.24 -10.58
N VAL D 368 -19.17 -1.60 -9.42
CA VAL D 368 -18.65 -2.26 -8.21
C VAL D 368 -19.63 -3.32 -7.75
N ASN D 369 -20.93 -3.04 -7.83
CA ASN D 369 -21.97 -4.03 -7.48
C ASN D 369 -21.92 -5.30 -8.34
N LEU D 370 -21.68 -5.14 -9.63
CA LEU D 370 -21.63 -6.29 -10.54
C LEU D 370 -20.37 -7.05 -10.23
N LEU D 371 -19.33 -6.33 -9.85
CA LEU D 371 -18.04 -6.92 -9.69
C LEU D 371 -18.07 -7.77 -8.42
N ILE D 372 -18.62 -7.21 -7.35
CA ILE D 372 -18.69 -7.92 -6.10
C ILE D 372 -19.62 -9.11 -6.26
N ALA D 373 -20.65 -8.93 -7.09
CA ALA D 373 -21.67 -9.95 -7.33
C ALA D 373 -21.03 -11.16 -7.97
N CYS D 374 -20.22 -10.93 -8.99
CA CYS D 374 -19.45 -11.96 -9.64
C CYS D 374 -18.49 -12.68 -8.71
N ASP D 375 -17.85 -11.92 -7.82
CA ASP D 375 -16.87 -12.47 -6.92
C ASP D 375 -17.52 -13.48 -5.99
N LYS D 376 -18.67 -13.10 -5.43
CA LYS D 376 -19.40 -13.93 -4.46
C LYS D 376 -19.90 -15.18 -5.12
N LYS D 377 -20.41 -14.97 -6.33
CA LYS D 377 -20.91 -16.04 -7.19
C LYS D 377 -19.81 -17.06 -7.47
N LEU D 378 -18.61 -16.59 -7.83
CA LEU D 378 -17.47 -17.46 -8.13
C LEU D 378 -16.99 -18.16 -6.85
N GLU D 379 -16.88 -17.38 -5.77
CA GLU D 379 -16.58 -17.91 -4.44
C GLU D 379 -17.50 -19.06 -4.03
N ALA D 380 -18.75 -19.03 -4.49
CA ALA D 380 -19.69 -20.14 -4.24
C ALA D 380 -19.63 -21.22 -5.30
N GLY D 381 -18.55 -21.31 -6.05
CA GLY D 381 -18.45 -22.35 -7.07
C GLY D 381 -19.42 -22.22 -8.25
N GLN D 382 -20.11 -21.08 -8.36
CA GLN D 382 -21.06 -20.86 -9.45
C GLN D 382 -20.45 -20.07 -10.59
N SER D 383 -21.19 -20.00 -11.68
CA SER D 383 -20.73 -19.47 -12.97
C SER D 383 -21.22 -18.06 -13.18
N ILE D 384 -20.33 -17.13 -13.44
CA ILE D 384 -20.76 -15.77 -13.65
C ILE D 384 -20.84 -15.52 -15.13
N ASP D 385 -20.67 -16.58 -15.93
CA ASP D 385 -20.54 -16.34 -17.38
C ASP D 385 -21.82 -15.70 -17.93
N ASP D 386 -22.91 -15.78 -17.15
CA ASP D 386 -24.17 -15.12 -17.48
C ASP D 386 -24.25 -13.61 -17.16
N MET D 387 -23.56 -13.15 -16.11
CA MET D 387 -23.70 -11.77 -15.59
C MET D 387 -22.77 -10.74 -16.24
N ILE D 388 -21.77 -11.24 -16.94
CA ILE D 388 -20.88 -10.38 -17.70
C ILE D 388 -21.72 -9.65 -18.73
N PRO D 389 -21.53 -8.33 -18.86
CA PRO D 389 -22.35 -7.51 -19.78
C PRO D 389 -22.39 -7.98 -21.24
N LYS D 390 -23.59 -7.82 -21.83
CA LYS D 390 -23.99 -8.20 -23.20
C LYS D 390 -24.74 -9.55 -23.19
#